data_6WSS
# 
_entry.id   6WSS 
# 
_audit_conform.dict_name       mmcif_pdbx.dic 
_audit_conform.dict_version    5.380 
_audit_conform.dict_location   http://mmcif.pdb.org/dictionaries/ascii/mmcif_pdbx.dic 
# 
loop_
_database_2.database_id 
_database_2.database_code 
_database_2.pdbx_database_accession 
_database_2.pdbx_DOI 
PDB   6WSS         pdb_00006wss 10.2210/pdb6wss/pdb 
WWPDB D_1000248895 ?            ?                   
# 
_pdbx_database_status.status_code                     REL 
_pdbx_database_status.status_code_sf                  REL 
_pdbx_database_status.status_code_mr                  ? 
_pdbx_database_status.entry_id                        6WSS 
_pdbx_database_status.recvd_initial_deposition_date   2020-05-01 
_pdbx_database_status.SG_entry                        N 
_pdbx_database_status.deposit_site                    RCSB 
_pdbx_database_status.process_site                    RCSB 
_pdbx_database_status.status_code_cs                  ? 
_pdbx_database_status.status_code_nmr_data            ? 
_pdbx_database_status.methods_development_category    ? 
_pdbx_database_status.pdb_format_compatible           Y 
# 
loop_
_audit_author.name 
_audit_author.pdbx_ordinal 
_audit_author.identifier_ORCID 
'Simmons, C.R.'      1 0000-0002-2290-6132 
'MacCulloch, T.'     2 0000-0001-5875-3361 
'Stephanopoulos, N.' 3 0000-0001-7859-410X 
'Yan, H.'            4 0000-0001-7397-9852 
# 
_citation.abstract                  ? 
_citation.abstract_id_CAS           ? 
_citation.book_id_ISBN              ? 
_citation.book_publisher            ? 
_citation.book_publisher_city       ? 
_citation.book_title                ? 
_citation.coordinate_linkage        ? 
_citation.country                   UK 
_citation.database_id_Medline       ? 
_citation.details                   ? 
_citation.id                        primary 
_citation.journal_abbrev            'Nat Commun' 
_citation.journal_id_ASTM           ? 
_citation.journal_id_CSD            ? 
_citation.journal_id_ISSN           2041-1723 
_citation.journal_full              ? 
_citation.journal_issue             ? 
_citation.journal_volume            13 
_citation.language                  ? 
_citation.page_first                3112 
_citation.page_last                 3112 
_citation.title                     'The influence of Holliday junction sequence and dynamics on DNA crystal self-assembly.' 
_citation.year                      2022 
_citation.database_id_CSD           ? 
_citation.pdbx_database_id_DOI      10.1038/s41467-022-30779-6 
_citation.pdbx_database_id_PubMed   35662248 
_citation.unpublished_flag          ? 
# 
loop_
_citation_author.citation_id 
_citation_author.name 
_citation_author.ordinal 
_citation_author.identifier_ORCID 
primary 'Simmons, C.R.'      1  ?                   
primary 'MacCulloch, T.'     2  ?                   
primary 'Krepl, M.'          3  0000-0002-9833-4281 
primary 'Matthies, M.'       4  ?                   
primary 'Buchberger, A.'     5  ?                   
primary 'Crawford, I.'       6  ?                   
primary 'Sponer, J.'         7  0000-0001-6558-6186 
primary 'Sulc, P.'           8  0000-0003-1565-6769 
primary 'Stephanopoulos, N.' 9  0000-0001-7859-410X 
primary 'Yan, H.'            10 0000-0001-7397-9852 
# 
_cell.angle_alpha                  90.000 
_cell.angle_alpha_esd              ? 
_cell.angle_beta                   90.000 
_cell.angle_beta_esd               ? 
_cell.angle_gamma                  120.000 
_cell.angle_gamma_esd              ? 
_cell.entry_id                     6WSS 
_cell.details                      ? 
_cell.formula_units_Z              ? 
_cell.length_a                     68.758 
_cell.length_a_esd                 ? 
_cell.length_b                     68.758 
_cell.length_b_esd                 ? 
_cell.length_c                     60.915 
_cell.length_c_esd                 ? 
_cell.volume                       ? 
_cell.volume_esd                   ? 
_cell.Z_PDB                        3 
_cell.reciprocal_angle_alpha       ? 
_cell.reciprocal_angle_beta        ? 
_cell.reciprocal_angle_gamma       ? 
_cell.reciprocal_angle_alpha_esd   ? 
_cell.reciprocal_angle_beta_esd    ? 
_cell.reciprocal_angle_gamma_esd   ? 
_cell.reciprocal_length_a          ? 
_cell.reciprocal_length_b          ? 
_cell.reciprocal_length_c          ? 
_cell.reciprocal_length_a_esd      ? 
_cell.reciprocal_length_b_esd      ? 
_cell.reciprocal_length_c_esd      ? 
_cell.pdbx_unique_axis             ? 
# 
_symmetry.entry_id                         6WSS 
_symmetry.cell_setting                     ? 
_symmetry.Int_Tables_number                145 
_symmetry.space_group_name_Hall            ? 
_symmetry.space_group_name_H-M             'P 32' 
_symmetry.pdbx_full_space_group_name_H-M   ? 
# 
loop_
_entity.id 
_entity.type 
_entity.src_method 
_entity.pdbx_description 
_entity.formula_weight 
_entity.pdbx_number_of_molecules 
_entity.pdbx_ec 
_entity.pdbx_mutation 
_entity.pdbx_fragment 
_entity.details 
1 polymer     syn 
;DNA (5'-D(*GP*AP*GP*CP*AP*GP*AP*CP*GP*TP*GP*AP*CP*CP*GP*CP*AP*CP*TP*CP*A)-3')
;
6442.175 1 ? ? ? ? 
2 polymer     syn 
;DNA (5'-D(P*GP*GP*TP*CP*A)-3')
;
1520.036 1 ? ? ? ? 
3 polymer     syn 
;DNA (5'-D(*TP*CP*TP*GP*AP*GP*TP*GP*C)-3')
;
2746.809 1 ? ? ? ? 
4 polymer     syn 
;DNA (5'-D(P*CP*GP*TP*CP*TP*GP*C)-3')
;
2089.385 1 ? ? ? ? 
5 non-polymer syn 'CACODYLATE ION'                                                                136.989  2 ? ? ? ? 
# 
loop_
_entity_poly.entity_id 
_entity_poly.type 
_entity_poly.nstd_linkage 
_entity_poly.nstd_monomer 
_entity_poly.pdbx_seq_one_letter_code 
_entity_poly.pdbx_seq_one_letter_code_can 
_entity_poly.pdbx_strand_id 
_entity_poly.pdbx_target_identifier 
1 polydeoxyribonucleotide no no 
;(DG)(DA)(DG)(DC)(DA)(DG)(DA)(DC)(DG)(DT)(DG)(DA)(DC)(DC)(DG)(DC)(DA)(DC)(DT)(DC)
(DA)
;
GAGCAGACGTGACCGCACTCA A ? 
2 polydeoxyribonucleotide no no '(DG)(DG)(DT)(DC)(DA)'                                                                  GGTCA B ? 
3 polydeoxyribonucleotide no no '(DT)(DC)(DT)(DG)(DA)(DG)(DT)(DG)(DC)'                                                  TCTGAGTGC 
C ? 
4 polydeoxyribonucleotide no no '(DC)(DG)(DT)(DC)(DT)(DG)(DC)'                                                          CGTCTGC D 
? 
# 
loop_
_entity_poly_seq.entity_id 
_entity_poly_seq.num 
_entity_poly_seq.mon_id 
_entity_poly_seq.hetero 
1 1  DG n 
1 2  DA n 
1 3  DG n 
1 4  DC n 
1 5  DA n 
1 6  DG n 
1 7  DA n 
1 8  DC n 
1 9  DG n 
1 10 DT n 
1 11 DG n 
1 12 DA n 
1 13 DC n 
1 14 DC n 
1 15 DG n 
1 16 DC n 
1 17 DA n 
1 18 DC n 
1 19 DT n 
1 20 DC n 
1 21 DA n 
2 1  DG n 
2 2  DG n 
2 3  DT n 
2 4  DC n 
2 5  DA n 
3 1  DT n 
3 2  DC n 
3 3  DT n 
3 4  DG n 
3 5  DA n 
3 6  DG n 
3 7  DT n 
3 8  DG n 
3 9  DC n 
4 1  DC n 
4 2  DG n 
4 3  DT n 
4 4  DC n 
4 5  DT n 
4 6  DG n 
4 7  DC n 
# 
loop_
_pdbx_entity_src_syn.entity_id 
_pdbx_entity_src_syn.pdbx_src_id 
_pdbx_entity_src_syn.pdbx_alt_source_flag 
_pdbx_entity_src_syn.pdbx_beg_seq_num 
_pdbx_entity_src_syn.pdbx_end_seq_num 
_pdbx_entity_src_syn.organism_scientific 
_pdbx_entity_src_syn.organism_common_name 
_pdbx_entity_src_syn.ncbi_taxonomy_id 
_pdbx_entity_src_syn.details 
1 1 sample 1 21 'synthetic construct' ? 32630 ? 
2 1 sample 1 5  'synthetic construct' ? 32630 ? 
3 1 sample 1 9  'synthetic construct' ? 32630 ? 
4 1 sample 1 7  'synthetic construct' ? 32630 ? 
# 
loop_
_struct_ref.id 
_struct_ref.db_name 
_struct_ref.db_code 
_struct_ref.pdbx_db_accession 
_struct_ref.pdbx_db_isoform 
_struct_ref.entity_id 
_struct_ref.pdbx_seq_one_letter_code 
_struct_ref.pdbx_align_begin 
1 PDB 6WSS 6WSS ? 1 ? 1 
2 PDB 6WSS 6WSS ? 2 ? 1 
3 PDB 6WSS 6WSS ? 3 ? 1 
4 PDB 6WSS 6WSS ? 4 ? 1 
# 
loop_
_struct_ref_seq.align_id 
_struct_ref_seq.ref_id 
_struct_ref_seq.pdbx_PDB_id_code 
_struct_ref_seq.pdbx_strand_id 
_struct_ref_seq.seq_align_beg 
_struct_ref_seq.pdbx_seq_align_beg_ins_code 
_struct_ref_seq.seq_align_end 
_struct_ref_seq.pdbx_seq_align_end_ins_code 
_struct_ref_seq.pdbx_db_accession 
_struct_ref_seq.db_align_beg 
_struct_ref_seq.pdbx_db_align_beg_ins_code 
_struct_ref_seq.db_align_end 
_struct_ref_seq.pdbx_db_align_end_ins_code 
_struct_ref_seq.pdbx_auth_seq_align_beg 
_struct_ref_seq.pdbx_auth_seq_align_end 
1 1 6WSS A 1 ? 21 ? 6WSS 1  ? 21 ? 1  21 
2 2 6WSS B 1 ? 5  ? 6WSS 1  ? 5  ? 1  5  
3 3 6WSS C 1 ? 9  ? 6WSS 1  ? 9  ? 1  9  
4 4 6WSS D 1 ? 7  ? 6WSS 10 ? 16 ? 10 16 
# 
loop_
_chem_comp.id 
_chem_comp.type 
_chem_comp.mon_nstd_flag 
_chem_comp.name 
_chem_comp.pdbx_synonyms 
_chem_comp.formula 
_chem_comp.formula_weight 
CAC non-polymer   . 'CACODYLATE ION'                     dimethylarsinate 'C2 H6 As O2 -1'  136.989 
DA  'DNA linking' y "2'-DEOXYADENOSINE-5'-MONOPHOSPHATE" ?                'C10 H14 N5 O6 P' 331.222 
DC  'DNA linking' y "2'-DEOXYCYTIDINE-5'-MONOPHOSPHATE"  ?                'C9 H14 N3 O7 P'  307.197 
DG  'DNA linking' y "2'-DEOXYGUANOSINE-5'-MONOPHOSPHATE" ?                'C10 H14 N5 O7 P' 347.221 
DT  'DNA linking' y "THYMIDINE-5'-MONOPHOSPHATE"         ?                'C10 H15 N2 O8 P' 322.208 
# 
_exptl.absorpt_coefficient_mu     ? 
_exptl.absorpt_correction_T_max   ? 
_exptl.absorpt_correction_T_min   ? 
_exptl.absorpt_correction_type    ? 
_exptl.absorpt_process_details    ? 
_exptl.entry_id                   6WSS 
_exptl.crystals_number            1 
_exptl.details                    ? 
_exptl.method                     'X-RAY DIFFRACTION' 
_exptl.method_details             ? 
# 
_exptl_crystal.colour                      ? 
_exptl_crystal.density_diffrn              ? 
_exptl_crystal.density_Matthews            6.50 
_exptl_crystal.density_method              ? 
_exptl_crystal.density_percent_sol         81.06 
_exptl_crystal.description                 ? 
_exptl_crystal.F_000                       ? 
_exptl_crystal.id                          1 
_exptl_crystal.preparation                 ? 
_exptl_crystal.size_max                    ? 
_exptl_crystal.size_mid                    ? 
_exptl_crystal.size_min                    ? 
_exptl_crystal.size_rad                    ? 
_exptl_crystal.colour_lustre               ? 
_exptl_crystal.colour_modifier             ? 
_exptl_crystal.colour_primary              ? 
_exptl_crystal.density_meas                ? 
_exptl_crystal.density_meas_esd            ? 
_exptl_crystal.density_meas_gt             ? 
_exptl_crystal.density_meas_lt             ? 
_exptl_crystal.density_meas_temp           ? 
_exptl_crystal.density_meas_temp_esd       ? 
_exptl_crystal.density_meas_temp_gt        ? 
_exptl_crystal.density_meas_temp_lt        ? 
_exptl_crystal.pdbx_crystal_image_url      ? 
_exptl_crystal.pdbx_crystal_image_format   ? 
_exptl_crystal.pdbx_mosaicity              ? 
_exptl_crystal.pdbx_mosaicity_esd          ? 
# 
_exptl_crystal_grow.apparatus       ? 
_exptl_crystal_grow.atmosphere      ? 
_exptl_crystal_grow.crystal_id      1 
_exptl_crystal_grow.details         ? 
_exptl_crystal_grow.method          'VAPOR DIFFUSION, SITTING DROP' 
_exptl_crystal_grow.method_ref      ? 
_exptl_crystal_grow.pH              ? 
_exptl_crystal_grow.pressure        ? 
_exptl_crystal_grow.pressure_esd    ? 
_exptl_crystal_grow.seeding         ? 
_exptl_crystal_grow.seeding_ref     ? 
_exptl_crystal_grow.temp            298 
_exptl_crystal_grow.temp_details    'temperature gradient generated from 60 to 25 C at 0.3 degrees per hour' 
_exptl_crystal_grow.temp_esd        ? 
_exptl_crystal_grow.time            ? 
_exptl_crystal_grow.pdbx_details    
;0.5 mL of 0.05 M Cacodylate pH 7.0 with 18 mM MgCl2, 2.25 mM spermine, 0.9 mM CoH18N6, and 4.5% MPD was added to the reservoir with 2 uL added to the drop containing 4 uL of DNA stock
;
_exptl_crystal_grow.pdbx_pH_range   ? 
# 
_diffrn.ambient_environment              ? 
_diffrn.ambient_temp                     100 
_diffrn.ambient_temp_details             ? 
_diffrn.ambient_temp_esd                 ? 
_diffrn.crystal_id                       1 
_diffrn.crystal_support                  ? 
_diffrn.crystal_treatment                ? 
_diffrn.details                          ? 
_diffrn.id                               1 
_diffrn.ambient_pressure                 ? 
_diffrn.ambient_pressure_esd             ? 
_diffrn.ambient_pressure_gt              ? 
_diffrn.ambient_pressure_lt              ? 
_diffrn.ambient_temp_gt                  ? 
_diffrn.ambient_temp_lt                  ? 
_diffrn.pdbx_serial_crystal_experiment   N 
# 
_diffrn_detector.details                      ? 
_diffrn_detector.detector                     PIXEL 
_diffrn_detector.diffrn_id                    1 
_diffrn_detector.type                         'DECTRIS PILATUS3 6M' 
_diffrn_detector.area_resol_mean              ? 
_diffrn_detector.dtime                        ? 
_diffrn_detector.pdbx_frames_total            ? 
_diffrn_detector.pdbx_collection_time_total   ? 
_diffrn_detector.pdbx_collection_date         2018-03-15 
_diffrn_detector.pdbx_frequency               ? 
# 
_diffrn_radiation.collimation                      ? 
_diffrn_radiation.diffrn_id                        1 
_diffrn_radiation.filter_edge                      ? 
_diffrn_radiation.inhomogeneity                    ? 
_diffrn_radiation.monochromator                    ? 
_diffrn_radiation.polarisn_norm                    ? 
_diffrn_radiation.polarisn_ratio                   ? 
_diffrn_radiation.probe                            ? 
_diffrn_radiation.type                             ? 
_diffrn_radiation.xray_symbol                      ? 
_diffrn_radiation.wavelength_id                    1 
_diffrn_radiation.pdbx_monochromatic_or_laue_m_l   M 
_diffrn_radiation.pdbx_wavelength_list             ? 
_diffrn_radiation.pdbx_wavelength                  ? 
_diffrn_radiation.pdbx_diffrn_protocol             'SINGLE WAVELENGTH' 
_diffrn_radiation.pdbx_analyzer                    ? 
_diffrn_radiation.pdbx_scattering_type             x-ray 
# 
_diffrn_radiation_wavelength.id           1 
_diffrn_radiation_wavelength.wavelength   0.92 
_diffrn_radiation_wavelength.wt           1.0 
# 
_diffrn_source.current                     ? 
_diffrn_source.details                     ? 
_diffrn_source.diffrn_id                   1 
_diffrn_source.power                       ? 
_diffrn_source.size                        ? 
_diffrn_source.source                      SYNCHROTRON 
_diffrn_source.target                      ? 
_diffrn_source.type                        'APS BEAMLINE 19-ID' 
_diffrn_source.voltage                     ? 
_diffrn_source.take-off_angle              ? 
_diffrn_source.pdbx_wavelength_list        0.92 
_diffrn_source.pdbx_wavelength             ? 
_diffrn_source.pdbx_synchrotron_beamline   19-ID 
_diffrn_source.pdbx_synchrotron_site       APS 
# 
_reflns.B_iso_Wilson_estimate            110.000 
_reflns.entry_id                         6WSS 
_reflns.data_reduction_details           ? 
_reflns.data_reduction_method            ? 
_reflns.d_resolution_high                3.000 
_reflns.d_resolution_low                 50.000 
_reflns.details                          ? 
_reflns.limit_h_max                      ? 
_reflns.limit_h_min                      ? 
_reflns.limit_k_max                      ? 
_reflns.limit_k_min                      ? 
_reflns.limit_l_max                      ? 
_reflns.limit_l_min                      ? 
_reflns.number_all                       ? 
_reflns.number_obs                       6272 
_reflns.observed_criterion               ? 
_reflns.observed_criterion_F_max         ? 
_reflns.observed_criterion_F_min         ? 
_reflns.observed_criterion_I_max         ? 
_reflns.observed_criterion_I_min         ? 
_reflns.observed_criterion_sigma_F       ? 
_reflns.observed_criterion_sigma_I       ? 
_reflns.percent_possible_obs             97.300 
_reflns.R_free_details                   ? 
_reflns.Rmerge_F_all                     ? 
_reflns.Rmerge_F_obs                     ? 
_reflns.Friedel_coverage                 ? 
_reflns.number_gt                        ? 
_reflns.threshold_expression             ? 
_reflns.pdbx_redundancy                  9.900 
_reflns.pdbx_Rmerge_I_obs                0.084 
_reflns.pdbx_Rmerge_I_all                ? 
_reflns.pdbx_Rsym_value                  ? 
_reflns.pdbx_netI_over_av_sigmaI         ? 
_reflns.pdbx_netI_over_sigmaI            6.500 
_reflns.pdbx_res_netI_over_av_sigmaI_2   ? 
_reflns.pdbx_res_netI_over_sigmaI_2      ? 
_reflns.pdbx_chi_squared                 3.317 
_reflns.pdbx_scaling_rejects             ? 
_reflns.pdbx_d_res_high_opt              ? 
_reflns.pdbx_d_res_low_opt               ? 
_reflns.pdbx_d_res_opt_method            ? 
_reflns.phase_calculation_details        ? 
_reflns.pdbx_Rrim_I_all                  0.089 
_reflns.pdbx_Rpim_I_all                  0.029 
_reflns.pdbx_d_opt                       ? 
_reflns.pdbx_number_measured_all         ? 
_reflns.pdbx_diffrn_id                   1 
_reflns.pdbx_ordinal                     1 
_reflns.pdbx_CC_half                     0.896 
_reflns.pdbx_CC_star                     ? 
_reflns.pdbx_R_split                     ? 
# 
loop_
_reflns_shell.d_res_high 
_reflns_shell.d_res_low 
_reflns_shell.meanI_over_sigI_all 
_reflns_shell.meanI_over_sigI_obs 
_reflns_shell.number_measured_all 
_reflns_shell.number_measured_obs 
_reflns_shell.number_possible 
_reflns_shell.number_unique_all 
_reflns_shell.number_unique_obs 
_reflns_shell.percent_possible_all 
_reflns_shell.percent_possible_obs 
_reflns_shell.Rmerge_F_all 
_reflns_shell.Rmerge_F_obs 
_reflns_shell.Rmerge_I_all 
_reflns_shell.Rmerge_I_obs 
_reflns_shell.meanI_over_sigI_gt 
_reflns_shell.meanI_over_uI_all 
_reflns_shell.meanI_over_uI_gt 
_reflns_shell.number_measured_gt 
_reflns_shell.number_unique_gt 
_reflns_shell.percent_possible_gt 
_reflns_shell.Rmerge_F_gt 
_reflns_shell.Rmerge_I_gt 
_reflns_shell.pdbx_redundancy 
_reflns_shell.pdbx_Rsym_value 
_reflns_shell.pdbx_chi_squared 
_reflns_shell.pdbx_netI_over_sigmaI_all 
_reflns_shell.pdbx_netI_over_sigmaI_obs 
_reflns_shell.pdbx_Rrim_I_all 
_reflns_shell.pdbx_Rpim_I_all 
_reflns_shell.pdbx_rejects 
_reflns_shell.pdbx_ordinal 
_reflns_shell.pdbx_diffrn_id 
_reflns_shell.pdbx_CC_half 
_reflns_shell.pdbx_CC_star 
_reflns_shell.pdbx_R_split 
3.000 3.050  ? ? ? ? ? ? 235 73.700  ? ? ? ? 0.610 ? ? ? ? ? ? ? ? 8.400  ? 0.421  ? ? 0.645 0.205 ? 1  1 0.925 ? ? 
3.050 3.110  ? ? ? ? ? ? 274 86.200  ? ? ? ? 0.330 ? ? ? ? ? ? ? ? 8.400  ? 0.475  ? ? 0.348 0.110 ? 2  1 0.982 ? ? 
3.110 3.170  ? ? ? ? ? ? 294 90.700  ? ? ? ? 0.215 ? ? ? ? ? ? ? ? 8.100  ? 0.488  ? ? 0.227 0.072 ? 3  1 0.995 ? ? 
3.170 3.230  ? ? ? ? ? ? 299 97.400  ? ? ? ? 0.098 ? ? ? ? ? ? ? ? 8.000  ? 0.554  ? ? 0.105 0.036 ? 4  1 0.997 ? ? 
3.230 3.300  ? ? ? ? ? ? 324 98.200  ? ? ? ? 0.079 ? ? ? ? ? ? ? ? 7.900  ? 0.565  ? ? 0.084 0.029 ? 5  1 0.998 ? ? 
3.300 3.380  ? ? ? ? ? ? 324 99.700  ? ? ? ? 0.109 ? ? ? ? ? ? ? ? 10.100 ? 0.533  ? ? 0.115 0.035 ? 6  1 0.998 ? ? 
3.380 3.460  ? ? ? ? ? ? 310 100.000 ? ? ? ? 0.100 ? ? ? ? ? ? ? ? 10.300 ? 0.567  ? ? 0.105 0.031 ? 7  1 0.998 ? ? 
3.460 3.560  ? ? ? ? ? ? 333 100.000 ? ? ? ? 0.118 ? ? ? ? ? ? ? ? 10.600 ? 0.552  ? ? 0.124 0.037 ? 8  1 0.998 ? ? 
3.560 3.660  ? ? ? ? ? ? 325 100.000 ? ? ? ? 0.121 ? ? ? ? ? ? ? ? 10.500 ? 0.528  ? ? 0.127 0.038 ? 9  1 0.997 ? ? 
3.660 3.780  ? ? ? ? ? ? 325 100.000 ? ? ? ? 0.124 ? ? ? ? ? ? ? ? 10.500 ? 0.606  ? ? 0.130 0.040 ? 10 1 0.996 ? ? 
3.780 3.910  ? ? ? ? ? ? 316 100.000 ? ? ? ? 0.103 ? ? ? ? ? ? ? ? 10.300 ? 0.635  ? ? 0.108 0.033 ? 11 1 0.997 ? ? 
3.910 4.070  ? ? ? ? ? ? 330 99.400  ? ? ? ? 0.095 ? ? ? ? ? ? ? ? 9.400  ? 0.741  ? ? 0.101 0.034 ? 12 1 0.995 ? ? 
4.070 4.260  ? ? ? ? ? ? 319 100.000 ? ? ? ? 0.079 ? ? ? ? ? ? ? ? 11.000 ? 0.794  ? ? 0.083 0.025 ? 13 1 0.998 ? ? 
4.260 4.480  ? ? ? ? ? ? 320 100.000 ? ? ? ? 0.079 ? ? ? ? ? ? ? ? 10.700 ? 0.806  ? ? 0.083 0.025 ? 14 1 0.998 ? ? 
4.480 4.760  ? ? ? ? ? ? 334 100.000 ? ? ? ? 0.069 ? ? ? ? ? ? ? ? 10.800 ? 1.127  ? ? 0.073 0.022 ? 15 1 0.998 ? ? 
4.760 5.130  ? ? ? ? ? ? 311 100.000 ? ? ? ? 0.062 ? ? ? ? ? ? ? ? 10.500 ? 1.845  ? ? 0.065 0.020 ? 16 1 0.998 ? ? 
5.130 5.640  ? ? ? ? ? ? 330 100.000 ? ? ? ? 0.056 ? ? ? ? ? ? ? ? 10.000 ? 3.987  ? ? 0.059 0.019 ? 17 1 0.998 ? ? 
5.640 6.460  ? ? ? ? ? ? 308 99.700  ? ? ? ? 0.064 ? ? ? ? ? ? ? ? 11.100 ? 6.671  ? ? 0.067 0.020 ? 18 1 0.990 ? ? 
6.460 8.130  ? ? ? ? ? ? 329 100.000 ? ? ? ? 0.049 ? ? ? ? ? ? ? ? 10.300 ? 8.169  ? ? 0.051 0.016 ? 19 1 0.999 ? ? 
8.130 50.000 ? ? ? ? ? ? 332 100.000 ? ? ? ? 0.092 ? ? ? ? ? ? ? ? 10.600 ? 30.319 ? ? 0.099 0.034 ? 20 1 0.884 ? ? 
# 
_refine.aniso_B[1][1]                            ? 
_refine.aniso_B[1][2]                            ? 
_refine.aniso_B[1][3]                            ? 
_refine.aniso_B[2][2]                            ? 
_refine.aniso_B[2][3]                            ? 
_refine.aniso_B[3][3]                            ? 
_refine.B_iso_max                                160.080 
_refine.B_iso_mean                               104.6889 
_refine.B_iso_min                                59.450 
_refine.correlation_coeff_Fo_to_Fc               ? 
_refine.correlation_coeff_Fo_to_Fc_free          ? 
_refine.details                                  ? 
_refine.diff_density_max                         ? 
_refine.diff_density_max_esd                     ? 
_refine.diff_density_min                         ? 
_refine.diff_density_min_esd                     ? 
_refine.diff_density_rms                         ? 
_refine.diff_density_rms_esd                     ? 
_refine.entry_id                                 6WSS 
_refine.pdbx_refine_id                           'X-RAY DIFFRACTION' 
_refine.ls_abs_structure_details                 ? 
_refine.ls_abs_structure_Flack                   ? 
_refine.ls_abs_structure_Flack_esd               ? 
_refine.ls_abs_structure_Rogers                  ? 
_refine.ls_abs_structure_Rogers_esd              ? 
_refine.ls_d_res_high                            3.0010 
_refine.ls_d_res_low                             34.3790 
_refine.ls_extinction_coef                       ? 
_refine.ls_extinction_coef_esd                   ? 
_refine.ls_extinction_expression                 ? 
_refine.ls_extinction_method                     ? 
_refine.ls_goodness_of_fit_all                   ? 
_refine.ls_goodness_of_fit_all_esd               ? 
_refine.ls_goodness_of_fit_obs                   ? 
_refine.ls_goodness_of_fit_obs_esd               ? 
_refine.ls_hydrogen_treatment                    ? 
_refine.ls_matrix_type                           ? 
_refine.ls_number_constraints                    ? 
_refine.ls_number_parameters                     ? 
_refine.ls_number_reflns_all                     ? 
_refine.ls_number_reflns_obs                     6103 
_refine.ls_number_reflns_R_free                  301 
_refine.ls_number_reflns_R_work                  ? 
_refine.ls_number_restraints                     ? 
_refine.ls_percent_reflns_obs                    94.8700 
_refine.ls_percent_reflns_R_free                 4.9300 
_refine.ls_R_factor_all                          ? 
_refine.ls_R_factor_obs                          0.2494 
_refine.ls_R_factor_R_free                       0.2721 
_refine.ls_R_factor_R_free_error                 ? 
_refine.ls_R_factor_R_free_error_details         ? 
_refine.ls_R_factor_R_work                       0.2483 
_refine.ls_R_Fsqd_factor_obs                     ? 
_refine.ls_R_I_factor_obs                        ? 
_refine.ls_redundancy_reflns_all                 ? 
_refine.ls_redundancy_reflns_obs                 ? 
_refine.ls_restrained_S_all                      ? 
_refine.ls_restrained_S_obs                      ? 
_refine.ls_shift_over_esd_max                    ? 
_refine.ls_shift_over_esd_mean                   ? 
_refine.ls_structure_factor_coef                 ? 
_refine.ls_weighting_details                     ? 
_refine.ls_weighting_scheme                      ? 
_refine.ls_wR_factor_all                         ? 
_refine.ls_wR_factor_obs                         ? 
_refine.ls_wR_factor_R_free                      ? 
_refine.ls_wR_factor_R_work                      ? 
_refine.occupancy_max                            ? 
_refine.occupancy_min                            ? 
_refine.solvent_model_details                    ? 
_refine.solvent_model_param_bsol                 ? 
_refine.solvent_model_param_ksol                 ? 
_refine.pdbx_R_complete                          ? 
_refine.ls_R_factor_gt                           ? 
_refine.ls_goodness_of_fit_gt                    ? 
_refine.ls_goodness_of_fit_ref                   ? 
_refine.ls_shift_over_su_max                     ? 
_refine.ls_shift_over_su_max_lt                  ? 
_refine.ls_shift_over_su_mean                    ? 
_refine.ls_shift_over_su_mean_lt                 ? 
_refine.pdbx_ls_sigma_I                          ? 
_refine.pdbx_ls_sigma_F                          2.010 
_refine.pdbx_ls_sigma_Fsqd                       ? 
_refine.pdbx_data_cutoff_high_absF               ? 
_refine.pdbx_data_cutoff_high_rms_absF           ? 
_refine.pdbx_data_cutoff_low_absF                ? 
_refine.pdbx_isotropic_thermal_model             ? 
_refine.pdbx_ls_cross_valid_method               THROUGHOUT 
_refine.pdbx_method_to_determine_struct          'MOLECULAR REPLACEMENT' 
_refine.pdbx_starting_model                      5KEK 
_refine.pdbx_stereochemistry_target_values       ? 
_refine.pdbx_R_Free_selection_details            ? 
_refine.pdbx_stereochem_target_val_spec_case     ? 
_refine.pdbx_overall_ESU_R                       ? 
_refine.pdbx_overall_ESU_R_Free                  ? 
_refine.pdbx_solvent_vdw_probe_radii             1.1100 
_refine.pdbx_solvent_ion_probe_radii             ? 
_refine.pdbx_solvent_shrinkage_radii             0.9000 
_refine.pdbx_real_space_R                        ? 
_refine.pdbx_density_correlation                 ? 
_refine.pdbx_pd_number_of_powder_patterns        ? 
_refine.pdbx_pd_number_of_points                 ? 
_refine.pdbx_pd_meas_number_of_points            ? 
_refine.pdbx_pd_proc_ls_prof_R_factor            ? 
_refine.pdbx_pd_proc_ls_prof_wR_factor           ? 
_refine.pdbx_pd_Marquardt_correlation_coeff      ? 
_refine.pdbx_pd_Fsqrd_R_factor                   ? 
_refine.pdbx_pd_ls_matrix_band_width             ? 
_refine.pdbx_overall_phase_error                 36.9000 
_refine.pdbx_overall_SU_R_free_Cruickshank_DPI   ? 
_refine.pdbx_overall_SU_R_free_Blow_DPI          ? 
_refine.pdbx_overall_SU_R_Blow_DPI               ? 
_refine.pdbx_TLS_residual_ADP_flag               ? 
_refine.pdbx_diffrn_id                           1 
_refine.overall_SU_B                             ? 
_refine.overall_SU_ML                            0.3900 
_refine.overall_SU_R_Cruickshank_DPI             ? 
_refine.overall_SU_R_free                        ? 
_refine.overall_FOM_free_R_set                   ? 
_refine.overall_FOM_work_R_set                   ? 
_refine.pdbx_average_fsc_overall                 ? 
_refine.pdbx_average_fsc_work                    ? 
_refine.pdbx_average_fsc_free                    ? 
# 
_refine_hist.pdbx_refine_id                   'X-RAY DIFFRACTION' 
_refine_hist.cycle_id                         final 
_refine_hist.details                          ? 
_refine_hist.d_res_high                       3.0010 
_refine_hist.d_res_low                        34.3790 
_refine_hist.number_atoms_solvent             0 
_refine_hist.number_atoms_total               857 
_refine_hist.number_reflns_all                ? 
_refine_hist.number_reflns_obs                ? 
_refine_hist.number_reflns_R_free             ? 
_refine_hist.number_reflns_R_work             ? 
_refine_hist.R_factor_all                     ? 
_refine_hist.R_factor_obs                     ? 
_refine_hist.R_factor_R_free                  ? 
_refine_hist.R_factor_R_work                  ? 
_refine_hist.pdbx_number_residues_total       42 
_refine_hist.pdbx_B_iso_mean_ligand           107.63 
_refine_hist.pdbx_B_iso_mean_solvent          ? 
_refine_hist.pdbx_number_atoms_protein        0 
_refine_hist.pdbx_number_atoms_nucleic_acid   855 
_refine_hist.pdbx_number_atoms_ligand         2 
_refine_hist.pdbx_number_atoms_lipid          ? 
_refine_hist.pdbx_number_atoms_carb           ? 
_refine_hist.pdbx_pseudo_atom_details         ? 
# 
loop_
_refine_ls_restr.pdbx_refine_id 
_refine_ls_restr.criterion 
_refine_ls_restr.dev_ideal 
_refine_ls_restr.dev_ideal_target 
_refine_ls_restr.number 
_refine_ls_restr.rejects 
_refine_ls_restr.type 
_refine_ls_restr.weight 
_refine_ls_restr.pdbx_restraint_function 
'X-RAY DIFFRACTION' ? 0.005  ? 956  ? f_bond_d           ? ? 
'X-RAY DIFFRACTION' ? 0.633  ? 1467 ? f_angle_d          ? ? 
'X-RAY DIFFRACTION' ? 0.036  ? 166  ? f_chiral_restr     ? ? 
'X-RAY DIFFRACTION' ? 0.003  ? 42   ? f_plane_restr      ? ? 
'X-RAY DIFFRACTION' ? 34.186 ? 406  ? f_dihedral_angle_d ? ? 
# 
loop_
_refine_ls_shell.pdbx_refine_id 
_refine_ls_shell.d_res_high 
_refine_ls_shell.d_res_low 
_refine_ls_shell.number_reflns_all 
_refine_ls_shell.number_reflns_obs 
_refine_ls_shell.number_reflns_R_free 
_refine_ls_shell.number_reflns_R_work 
_refine_ls_shell.percent_reflns_obs 
_refine_ls_shell.percent_reflns_R_free 
_refine_ls_shell.R_factor_all 
_refine_ls_shell.R_factor_obs 
_refine_ls_shell.R_factor_R_free 
_refine_ls_shell.R_factor_R_free_error 
_refine_ls_shell.R_factor_R_work 
_refine_ls_shell.redundancy_reflns_all 
_refine_ls_shell.redundancy_reflns_obs 
_refine_ls_shell.wR_factor_all 
_refine_ls_shell.wR_factor_obs 
_refine_ls_shell.wR_factor_R_free 
_refine_ls_shell.wR_factor_R_work 
_refine_ls_shell.pdbx_R_complete 
_refine_ls_shell.pdbx_total_number_of_bins_used 
_refine_ls_shell.pdbx_phase_error 
_refine_ls_shell.pdbx_fsc_work 
_refine_ls_shell.pdbx_fsc_free 
'X-RAY DIFFRACTION' 3.0014 3.7807  . . 148 2757 90.0000 . . . 0.3506 0.0000 0.3247 . . . . . . . . . . . 
'X-RAY DIFFRACTION' 3.7807 34.3790 . . 153 3045 99.0000 . . . 0.2518 0.0000 0.2311 . . . . . . . . . . . 
# 
_struct.entry_id                     6WSS 
_struct.title                        
'Self-assembly of a 3D DNA crystal lattice (4x5 duplex version) containing the J15 immobile Holliday junction' 
_struct.pdbx_model_details           ? 
_struct.pdbx_formula_weight          ? 
_struct.pdbx_formula_weight_method   ? 
_struct.pdbx_model_type_details      ? 
_struct.pdbx_CASP_flag               N 
# 
_struct_keywords.entry_id        6WSS 
_struct_keywords.text            
'Structural DNA nanotechnology, immobile Holliday junctions, 3D DNA self-assembly, designer DNA crystals, DNA' 
_struct_keywords.pdbx_keywords   DNA 
# 
loop_
_struct_asym.id 
_struct_asym.pdbx_blank_PDB_chainid_flag 
_struct_asym.pdbx_modified 
_struct_asym.entity_id 
_struct_asym.details 
A N N 1 ? 
B N N 2 ? 
C N N 3 ? 
D N N 4 ? 
E N N 5 ? 
F N N 5 ? 
# 
loop_
_struct_conn.id 
_struct_conn.conn_type_id 
_struct_conn.pdbx_leaving_atom_flag 
_struct_conn.pdbx_PDB_id 
_struct_conn.ptnr1_label_asym_id 
_struct_conn.ptnr1_label_comp_id 
_struct_conn.ptnr1_label_seq_id 
_struct_conn.ptnr1_label_atom_id 
_struct_conn.pdbx_ptnr1_label_alt_id 
_struct_conn.pdbx_ptnr1_PDB_ins_code 
_struct_conn.pdbx_ptnr1_standard_comp_id 
_struct_conn.ptnr1_symmetry 
_struct_conn.ptnr2_label_asym_id 
_struct_conn.ptnr2_label_comp_id 
_struct_conn.ptnr2_label_seq_id 
_struct_conn.ptnr2_label_atom_id 
_struct_conn.pdbx_ptnr2_label_alt_id 
_struct_conn.pdbx_ptnr2_PDB_ins_code 
_struct_conn.ptnr1_auth_asym_id 
_struct_conn.ptnr1_auth_comp_id 
_struct_conn.ptnr1_auth_seq_id 
_struct_conn.ptnr2_auth_asym_id 
_struct_conn.ptnr2_auth_comp_id 
_struct_conn.ptnr2_auth_seq_id 
_struct_conn.ptnr2_symmetry 
_struct_conn.pdbx_ptnr3_label_atom_id 
_struct_conn.pdbx_ptnr3_label_seq_id 
_struct_conn.pdbx_ptnr3_label_comp_id 
_struct_conn.pdbx_ptnr3_label_asym_id 
_struct_conn.pdbx_ptnr3_label_alt_id 
_struct_conn.pdbx_ptnr3_PDB_ins_code 
_struct_conn.details 
_struct_conn.pdbx_dist_value 
_struct_conn.pdbx_value_order 
_struct_conn.pdbx_role 
hydrog1  hydrog ? ? A DG 3  N1 ? ? ? 1_555 D DC 7 N3 ? ? A DG 3  D DC 16 1_555 ? ? ? ? ? ? WATSON-CRICK ? ? ? 
hydrog2  hydrog ? ? A DG 3  N2 ? ? ? 1_555 D DC 7 O2 ? ? A DG 3  D DC 16 1_555 ? ? ? ? ? ? WATSON-CRICK ? ? ? 
hydrog3  hydrog ? ? A DG 3  O6 ? ? ? 1_555 D DC 7 N4 ? ? A DG 3  D DC 16 1_555 ? ? ? ? ? ? WATSON-CRICK ? ? ? 
hydrog4  hydrog ? ? A DC 4  N3 ? ? ? 1_555 D DG 6 N2 ? ? A DC 4  D DG 15 1_555 ? ? ? ? ? ? 'DC-DG PAIR' ? ? ? 
hydrog5  hydrog ? ? A DA 5  N1 ? ? ? 1_555 D DT 5 N3 ? ? A DA 5  D DT 14 1_555 ? ? ? ? ? ? 'DA-DT PAIR' ? ? ? 
hydrog6  hydrog ? ? A DG 6  N1 ? ? ? 1_555 D DC 4 N3 ? ? A DG 6  D DC 13 1_555 ? ? ? ? ? ? WATSON-CRICK ? ? ? 
hydrog7  hydrog ? ? A DG 6  N2 ? ? ? 1_555 D DC 4 O2 ? ? A DG 6  D DC 13 1_555 ? ? ? ? ? ? WATSON-CRICK ? ? ? 
hydrog8  hydrog ? ? A DG 6  O6 ? ? ? 1_555 D DC 4 N4 ? ? A DG 6  D DC 13 1_555 ? ? ? ? ? ? WATSON-CRICK ? ? ? 
hydrog9  hydrog ? ? A DA 7  N1 ? ? ? 1_555 D DT 3 N3 ? ? A DA 7  D DT 12 1_555 ? ? ? ? ? ? WATSON-CRICK ? ? ? 
hydrog10 hydrog ? ? A DA 7  N6 ? ? ? 1_555 D DT 3 O4 ? ? A DA 7  D DT 12 1_555 ? ? ? ? ? ? WATSON-CRICK ? ? ? 
hydrog11 hydrog ? ? A DC 8  N3 ? ? ? 1_555 D DG 2 N1 ? ? A DC 8  D DG 11 1_555 ? ? ? ? ? ? WATSON-CRICK ? ? ? 
hydrog12 hydrog ? ? A DC 8  N4 ? ? ? 1_555 D DG 2 O6 ? ? A DC 8  D DG 11 1_555 ? ? ? ? ? ? WATSON-CRICK ? ? ? 
hydrog13 hydrog ? ? A DC 8  O2 ? ? ? 1_555 D DG 2 N2 ? ? A DC 8  D DG 11 1_555 ? ? ? ? ? ? WATSON-CRICK ? ? ? 
hydrog14 hydrog ? ? A DG 9  N1 ? ? ? 1_555 D DC 1 N3 ? ? A DG 9  D DC 10 1_555 ? ? ? ? ? ? WATSON-CRICK ? ? ? 
hydrog15 hydrog ? ? A DG 9  N2 ? ? ? 1_555 D DC 1 O2 ? ? A DG 9  D DC 10 1_555 ? ? ? ? ? ? WATSON-CRICK ? ? ? 
hydrog16 hydrog ? ? A DG 9  O6 ? ? ? 1_555 D DC 1 N4 ? ? A DG 9  D DC 10 1_555 ? ? ? ? ? ? WATSON-CRICK ? ? ? 
hydrog17 hydrog ? ? A DT 10 N3 ? ? ? 1_555 B DA 5 N1 ? ? A DT 10 B DA 5  1_555 ? ? ? ? ? ? WATSON-CRICK ? ? ? 
hydrog18 hydrog ? ? A DT 10 O4 ? ? ? 1_555 B DA 5 N6 ? ? A DT 10 B DA 5  1_555 ? ? ? ? ? ? WATSON-CRICK ? ? ? 
hydrog19 hydrog ? ? A DG 11 N1 ? ? ? 1_555 B DC 4 N3 ? ? A DG 11 B DC 4  1_555 ? ? ? ? ? ? WATSON-CRICK ? ? ? 
hydrog20 hydrog ? ? A DG 11 N2 ? ? ? 1_555 B DC 4 O2 ? ? A DG 11 B DC 4  1_555 ? ? ? ? ? ? WATSON-CRICK ? ? ? 
hydrog21 hydrog ? ? A DG 11 O6 ? ? ? 1_555 B DC 4 N4 ? ? A DG 11 B DC 4  1_555 ? ? ? ? ? ? WATSON-CRICK ? ? ? 
hydrog22 hydrog ? ? A DA 12 N1 ? ? ? 1_555 B DT 3 N3 ? ? A DA 12 B DT 3  1_555 ? ? ? ? ? ? WATSON-CRICK ? ? ? 
hydrog23 hydrog ? ? A DA 12 N6 ? ? ? 1_555 B DT 3 O4 ? ? A DA 12 B DT 3  1_555 ? ? ? ? ? ? WATSON-CRICK ? ? ? 
hydrog24 hydrog ? ? A DC 13 N3 ? ? ? 1_555 B DG 2 N1 ? ? A DC 13 B DG 2  1_555 ? ? ? ? ? ? WATSON-CRICK ? ? ? 
hydrog25 hydrog ? ? A DC 13 N4 ? ? ? 1_555 B DG 2 O6 ? ? A DC 13 B DG 2  1_555 ? ? ? ? ? ? WATSON-CRICK ? ? ? 
hydrog26 hydrog ? ? A DC 13 O2 ? ? ? 1_555 B DG 2 N2 ? ? A DC 13 B DG 2  1_555 ? ? ? ? ? ? WATSON-CRICK ? ? ? 
hydrog27 hydrog ? ? A DC 14 N3 ? ? ? 1_555 B DG 1 N1 ? ? A DC 14 B DG 1  1_555 ? ? ? ? ? ? WATSON-CRICK ? ? ? 
hydrog28 hydrog ? ? A DC 14 N4 ? ? ? 1_555 B DG 1 O6 ? ? A DC 14 B DG 1  1_555 ? ? ? ? ? ? WATSON-CRICK ? ? ? 
hydrog29 hydrog ? ? A DC 14 O2 ? ? ? 1_555 B DG 1 N2 ? ? A DC 14 B DG 1  1_555 ? ? ? ? ? ? WATSON-CRICK ? ? ? 
hydrog30 hydrog ? ? A DG 15 N1 ? ? ? 1_555 C DC 9 N3 ? ? A DG 15 C DC 9  1_555 ? ? ? ? ? ? WATSON-CRICK ? ? ? 
hydrog31 hydrog ? ? A DG 15 N2 ? ? ? 1_555 C DC 9 O2 ? ? A DG 15 C DC 9  1_555 ? ? ? ? ? ? WATSON-CRICK ? ? ? 
hydrog32 hydrog ? ? A DG 15 O6 ? ? ? 1_555 C DC 9 N4 ? ? A DG 15 C DC 9  1_555 ? ? ? ? ? ? WATSON-CRICK ? ? ? 
hydrog33 hydrog ? ? A DC 16 N3 ? ? ? 1_555 C DG 8 N1 ? ? A DC 16 C DG 8  1_555 ? ? ? ? ? ? WATSON-CRICK ? ? ? 
hydrog34 hydrog ? ? A DC 16 N4 ? ? ? 1_555 C DG 8 O6 ? ? A DC 16 C DG 8  1_555 ? ? ? ? ? ? WATSON-CRICK ? ? ? 
hydrog35 hydrog ? ? A DC 16 O2 ? ? ? 1_555 C DG 8 N2 ? ? A DC 16 C DG 8  1_555 ? ? ? ? ? ? WATSON-CRICK ? ? ? 
hydrog36 hydrog ? ? A DA 17 N1 ? ? ? 1_555 C DT 7 N3 ? ? A DA 17 C DT 7  1_555 ? ? ? ? ? ? WATSON-CRICK ? ? ? 
hydrog37 hydrog ? ? A DA 17 N6 ? ? ? 1_555 C DT 7 O4 ? ? A DA 17 C DT 7  1_555 ? ? ? ? ? ? WATSON-CRICK ? ? ? 
hydrog38 hydrog ? ? A DC 18 N3 ? ? ? 1_555 C DG 6 N1 ? ? A DC 18 C DG 6  1_555 ? ? ? ? ? ? WATSON-CRICK ? ? ? 
hydrog39 hydrog ? ? A DC 18 N4 ? ? ? 1_555 C DG 6 O6 ? ? A DC 18 C DG 6  1_555 ? ? ? ? ? ? WATSON-CRICK ? ? ? 
hydrog40 hydrog ? ? A DC 18 O2 ? ? ? 1_555 C DG 6 N2 ? ? A DC 18 C DG 6  1_555 ? ? ? ? ? ? WATSON-CRICK ? ? ? 
hydrog41 hydrog ? ? A DT 19 N3 ? ? ? 1_555 C DA 5 N1 ? ? A DT 19 C DA 5  1_555 ? ? ? ? ? ? WATSON-CRICK ? ? ? 
hydrog42 hydrog ? ? A DT 19 O4 ? ? ? 1_555 C DA 5 N6 ? ? A DT 19 C DA 5  1_555 ? ? ? ? ? ? WATSON-CRICK ? ? ? 
hydrog43 hydrog ? ? A DC 20 N3 ? ? ? 1_555 C DG 4 N1 ? ? A DC 20 C DG 4  1_555 ? ? ? ? ? ? WATSON-CRICK ? ? ? 
hydrog44 hydrog ? ? A DC 20 N4 ? ? ? 1_555 C DG 4 O6 ? ? A DC 20 C DG 4  1_555 ? ? ? ? ? ? WATSON-CRICK ? ? ? 
hydrog45 hydrog ? ? A DC 20 O2 ? ? ? 1_555 C DG 4 N2 ? ? A DC 20 C DG 4  1_555 ? ? ? ? ? ? WATSON-CRICK ? ? ? 
hydrog46 hydrog ? ? A DA 21 N1 ? ? ? 1_555 C DT 3 N3 ? ? A DA 21 C DT 3  1_555 ? ? ? ? ? ? WATSON-CRICK ? ? ? 
hydrog47 hydrog ? ? A DA 21 N6 ? ? ? 1_555 C DT 3 O4 ? ? A DA 21 C DT 3  1_555 ? ? ? ? ? ? WATSON-CRICK ? ? ? 
# 
_struct_conn_type.id          hydrog 
_struct_conn_type.criteria    ? 
_struct_conn_type.reference   ? 
# 
loop_
_struct_site.id 
_struct_site.pdbx_evidence_code 
_struct_site.pdbx_auth_asym_id 
_struct_site.pdbx_auth_comp_id 
_struct_site.pdbx_auth_seq_id 
_struct_site.pdbx_auth_ins_code 
_struct_site.pdbx_num_residues 
_struct_site.details 
AC1 Software B CAC 101 ? 3 'binding site for residue CAC B 101' 
AC2 Software B CAC 102 ? 1 'binding site for residue CAC B 102' 
# 
loop_
_struct_site_gen.id 
_struct_site_gen.site_id 
_struct_site_gen.pdbx_num_res 
_struct_site_gen.label_comp_id 
_struct_site_gen.label_asym_id 
_struct_site_gen.label_seq_id 
_struct_site_gen.pdbx_auth_ins_code 
_struct_site_gen.auth_comp_id 
_struct_site_gen.auth_asym_id 
_struct_site_gen.auth_seq_id 
_struct_site_gen.label_atom_id 
_struct_site_gen.label_alt_id 
_struct_site_gen.symmetry 
_struct_site_gen.details 
1 AC1 3 DG  B 1 ? DG  B 1   . ? 3_555 ? 
2 AC1 3 DG  B 2 ? DG  B 2   . ? 3_555 ? 
3 AC1 3 CAC F . ? CAC B 102 . ? 3_555 ? 
4 AC2 1 CAC E . ? CAC B 101 . ? 2_554 ? 
# 
_atom_sites.entry_id                    6WSS 
_atom_sites.Cartn_transf_matrix[1][1]   ? 
_atom_sites.Cartn_transf_matrix[1][2]   ? 
_atom_sites.Cartn_transf_matrix[1][3]   ? 
_atom_sites.Cartn_transf_matrix[2][1]   ? 
_atom_sites.Cartn_transf_matrix[2][2]   ? 
_atom_sites.Cartn_transf_matrix[2][3]   ? 
_atom_sites.Cartn_transf_matrix[3][1]   ? 
_atom_sites.Cartn_transf_matrix[3][2]   ? 
_atom_sites.Cartn_transf_matrix[3][3]   ? 
_atom_sites.Cartn_transf_vector[1]      ? 
_atom_sites.Cartn_transf_vector[2]      ? 
_atom_sites.Cartn_transf_vector[3]      ? 
_atom_sites.fract_transf_matrix[1][1]   -0.00351521 
_atom_sites.fract_transf_matrix[1][2]   -0.00831664 
_atom_sites.fract_transf_matrix[1][3]   0.01416031 
_atom_sites.fract_transf_matrix[2][1]   -0.01540852 
_atom_sites.fract_transf_matrix[2][2]   0.00083923 
_atom_sites.fract_transf_matrix[2][3]   0.00662659 
_atom_sites.fract_transf_matrix[3][1]   -0.00450267 
_atom_sites.fract_transf_matrix[3][2]   -0.01309879 
_atom_sites.fract_transf_matrix[3][3]   -0.00881095 
_atom_sites.fract_transf_vector[1]      0.025223 
_atom_sites.fract_transf_vector[2]      -0.047460 
_atom_sites.fract_transf_vector[3]      -0.089261 
_atom_sites.solution_primary            ? 
_atom_sites.solution_secondary          ? 
_atom_sites.solution_hydrogens          ? 
_atom_sites.special_details             ? 
# 
loop_
_atom_type.symbol 
AS 
C  
N  
O  
P  
# 
loop_
_atom_site.group_PDB 
_atom_site.id 
_atom_site.type_symbol 
_atom_site.label_atom_id 
_atom_site.label_alt_id 
_atom_site.label_comp_id 
_atom_site.label_asym_id 
_atom_site.label_entity_id 
_atom_site.label_seq_id 
_atom_site.pdbx_PDB_ins_code 
_atom_site.Cartn_x 
_atom_site.Cartn_y 
_atom_site.Cartn_z 
_atom_site.occupancy 
_atom_site.B_iso_or_equiv 
_atom_site.pdbx_formal_charge 
_atom_site.auth_seq_id 
_atom_site.auth_comp_id 
_atom_site.auth_asym_id 
_atom_site.auth_atom_id 
_atom_site.pdbx_PDB_model_num 
ATOM   1   O  "O5'" . DG  A 1 1  ? 19.523  16.230  -25.450 1.00 130.11 ? 1   DG  A "O5'" 1 
ATOM   2   C  "C5'" . DG  A 1 1  ? 19.066  16.604  -26.748 1.00 133.36 ? 1   DG  A "C5'" 1 
ATOM   3   C  "C4'" . DG  A 1 1  ? 18.870  15.378  -27.626 1.00 137.05 ? 1   DG  A "C4'" 1 
ATOM   4   O  "O4'" . DG  A 1 1  ? 20.099  14.603  -27.651 1.00 132.27 ? 1   DG  A "O4'" 1 
ATOM   5   C  "C3'" . DG  A 1 1  ? 17.775  14.422  -27.155 1.00 137.67 ? 1   DG  A "C3'" 1 
ATOM   6   O  "O3'" . DG  A 1 1  ? 17.083  13.861  -28.265 1.00 146.75 ? 1   DG  A "O3'" 1 
ATOM   7   C  "C2'" . DG  A 1 1  ? 18.551  13.361  -26.391 1.00 132.51 ? 1   DG  A "C2'" 1 
ATOM   8   C  "C1'" . DG  A 1 1  ? 19.858  13.299  -27.167 1.00 126.92 ? 1   DG  A "C1'" 1 
ATOM   9   N  N9    . DG  A 1 1  ? 20.985  12.896  -26.334 1.00 122.94 ? 1   DG  A N9    1 
ATOM   10  C  C8    . DG  A 1 1  ? 21.582  13.630  -25.336 1.00 119.88 ? 1   DG  A C8    1 
ATOM   11  N  N7    . DG  A 1 1  ? 22.563  13.003  -24.746 1.00 116.89 ? 1   DG  A N7    1 
ATOM   12  C  C5    . DG  A 1 1  ? 22.614  11.772  -25.390 1.00 119.46 ? 1   DG  A C5    1 
ATOM   13  C  C6    . DG  A 1 1  ? 23.475  10.670  -25.182 1.00 121.38 ? 1   DG  A C6    1 
ATOM   14  O  O6    . DG  A 1 1  ? 24.395  10.559  -24.361 1.00 119.76 ? 1   DG  A O6    1 
ATOM   15  N  N1    . DG  A 1 1  ? 23.186  9.620   -26.053 1.00 121.20 ? 1   DG  A N1    1 
ATOM   16  C  C2    . DG  A 1 1  ? 22.189  9.635   -27.000 1.00 123.21 ? 1   DG  A C2    1 
ATOM   17  N  N2    . DG  A 1 1  ? 22.063  8.529   -27.747 1.00 123.72 ? 1   DG  A N2    1 
ATOM   18  N  N3    . DG  A 1 1  ? 21.376  10.661  -27.206 1.00 121.42 ? 1   DG  A N3    1 
ATOM   19  C  C4    . DG  A 1 1  ? 21.645  11.691  -26.367 1.00 122.01 ? 1   DG  A C4    1 
ATOM   20  P  P     . DA  A 1 2  ? 15.783  12.943  -28.018 1.00 160.08 ? 2   DA  A P     1 
ATOM   21  O  OP1   . DA  A 1 2  ? 14.873  13.092  -29.176 1.00 147.73 ? 2   DA  A OP1   1 
ATOM   22  O  OP2   . DA  A 1 2  ? 15.287  13.226  -26.652 1.00 150.94 ? 2   DA  A OP2   1 
ATOM   23  O  "O5'" . DA  A 1 2  ? 16.360  11.454  -28.024 1.00 139.01 ? 2   DA  A "O5'" 1 
ATOM   24  C  "C5'" . DA  A 1 2  ? 15.470  10.353  -27.993 1.00 128.09 ? 2   DA  A "C5'" 1 
ATOM   25  C  "C4'" . DA  A 1 2  ? 16.214  9.066   -28.270 1.00 126.37 ? 2   DA  A "C4'" 1 
ATOM   26  O  "O4'" . DA  A 1 2  ? 17.573  9.187   -27.780 1.00 122.78 ? 2   DA  A "O4'" 1 
ATOM   27  C  "C3'" . DA  A 1 2  ? 15.638  7.843   -27.578 1.00 130.25 ? 2   DA  A "C3'" 1 
ATOM   28  O  "O3'" . DA  A 1 2  ? 15.911  6.681   -28.331 1.00 133.61 ? 2   DA  A "O3'" 1 
ATOM   29  C  "C2'" . DA  A 1 2  ? 16.390  7.834   -26.257 1.00 131.41 ? 2   DA  A "C2'" 1 
ATOM   30  C  "C1'" . DA  A 1 2  ? 17.770  8.317   -26.686 1.00 124.56 ? 2   DA  A "C1'" 1 
ATOM   31  N  N9    . DA  A 1 2  ? 18.458  9.048   -25.633 1.00 121.89 ? 2   DA  A N9    1 
ATOM   32  C  C8    . DA  A 1 2  ? 18.197  10.318  -25.212 1.00 123.16 ? 2   DA  A C8    1 
ATOM   33  N  N7    . DA  A 1 2  ? 18.969  10.719  -24.230 1.00 123.40 ? 2   DA  A N7    1 
ATOM   34  C  C5    . DA  A 1 2  ? 19.788  9.630   -23.987 1.00 121.73 ? 2   DA  A C5    1 
ATOM   35  C  C6    . DA  A 1 2  ? 20.829  9.409   -23.062 1.00 125.94 ? 2   DA  A C6    1 
ATOM   36  N  N6    . DA  A 1 2  ? 21.231  10.326  -22.175 1.00 127.85 ? 2   DA  A N6    1 
ATOM   37  N  N1    . DA  A 1 2  ? 21.441  8.207   -23.085 1.00 124.59 ? 2   DA  A N1    1 
ATOM   38  C  C2    . DA  A 1 2  ? 21.034  7.294   -23.974 1.00 126.38 ? 2   DA  A C2    1 
ATOM   39  N  N3    . DA  A 1 2  ? 20.070  7.386   -24.889 1.00 123.66 ? 2   DA  A N3    1 
ATOM   40  C  C4    . DA  A 1 2  ? 19.482  8.589   -24.843 1.00 120.01 ? 2   DA  A C4    1 
ATOM   41  P  P     . DG  A 1 3  ? 15.172  5.305   -27.958 1.00 147.06 ? 3   DG  A P     1 
ATOM   42  O  OP1   . DG  A 1 3  ? 15.305  4.384   -29.109 1.00 146.31 ? 3   DG  A OP1   1 
ATOM   43  O  OP2   . DG  A 1 3  ? 13.827  5.651   -27.444 1.00 144.39 ? 3   DG  A OP2   1 
ATOM   44  O  "O5'" . DG  A 1 3  ? 16.028  4.731   -26.738 1.00 125.09 ? 3   DG  A "O5'" 1 
ATOM   45  C  "C5'" . DG  A 1 3  ? 17.401  4.436   -26.922 1.00 123.56 ? 3   DG  A "C5'" 1 
ATOM   46  C  "C4'" . DG  A 1 3  ? 17.941  3.657   -25.741 1.00 129.40 ? 3   DG  A "C4'" 1 
ATOM   47  O  "O4'" . DG  A 1 3  ? 18.596  4.558   -24.820 1.00 127.14 ? 3   DG  A "O4'" 1 
ATOM   48  C  "C3'" . DG  A 1 3  ? 16.886  2.897   -24.940 1.00 131.68 ? 3   DG  A "C3'" 1 
ATOM   49  O  "O3'" . DG  A 1 3  ? 17.252  1.527   -24.862 1.00 138.15 ? 3   DG  A "O3'" 1 
ATOM   50  C  "C2'" . DG  A 1 3  ? 16.887  3.580   -23.561 1.00 127.96 ? 3   DG  A "C2'" 1 
ATOM   51  C  "C1'" . DG  A 1 3  ? 18.271  4.210   -23.497 1.00 125.97 ? 3   DG  A "C1'" 1 
ATOM   52  N  N9    . DG  A 1 3  ? 18.326  5.436   -22.706 1.00 121.50 ? 3   DG  A N9    1 
ATOM   53  C  C8    . DG  A 1 3  ? 17.596  6.580   -22.918 1.00 119.95 ? 3   DG  A C8    1 
ATOM   54  N  N7    . DG  A 1 3  ? 17.863  7.534   -22.074 1.00 121.22 ? 3   DG  A N7    1 
ATOM   55  C  C5    . DG  A 1 3  ? 18.845  6.998   -21.251 1.00 122.19 ? 3   DG  A C5    1 
ATOM   56  C  C6    . DG  A 1 3  ? 19.521  7.576   -20.152 1.00 124.88 ? 3   DG  A C6    1 
ATOM   57  O  O6    . DG  A 1 3  ? 19.378  8.709   -19.676 1.00 124.05 ? 3   DG  A O6    1 
ATOM   58  N  N1    . DG  A 1 3  ? 20.444  6.696   -19.591 1.00 122.98 ? 3   DG  A N1    1 
ATOM   59  C  C2    . DG  A 1 3  ? 20.684  5.417   -20.036 1.00 123.33 ? 3   DG  A C2    1 
ATOM   60  N  N2    . DG  A 1 3  ? 21.615  4.718   -19.363 1.00 118.18 ? 3   DG  A N2    1 
ATOM   61  N  N3    . DG  A 1 3  ? 20.054  4.859   -21.070 1.00 120.75 ? 3   DG  A N3    1 
ATOM   62  C  C4    . DG  A 1 3  ? 19.150  5.707   -21.628 1.00 119.88 ? 3   DG  A C4    1 
ATOM   63  P  P     . DC  A 1 4  ? 16.233  0.439   -24.266 1.00 149.14 ? 4   DC  A P     1 
ATOM   64  O  OP1   . DC  A 1 4  ? 16.385  -0.800  -25.064 1.00 142.55 ? 4   DC  A OP1   1 
ATOM   65  O  OP2   . DC  A 1 4  ? 14.902  1.076   -24.153 1.00 142.02 ? 4   DC  A OP2   1 
ATOM   66  O  "O5'" . DC  A 1 4  ? 16.804  0.170   -22.795 1.00 142.50 ? 4   DC  A "O5'" 1 
ATOM   67  C  "C5'" . DC  A 1 4  ? 18.208  0.011   -22.608 1.00 134.27 ? 4   DC  A "C5'" 1 
ATOM   68  C  "C4'" . DC  A 1 4  ? 18.580  0.075   -21.137 1.00 137.81 ? 4   DC  A "C4'" 1 
ATOM   69  O  "O4'" . DC  A 1 4  ? 18.664  1.459   -20.701 1.00 132.07 ? 4   DC  A "O4'" 1 
ATOM   70  C  "C3'" . DC  A 1 4  ? 17.600  -0.614  -20.179 1.00 137.05 ? 4   DC  A "C3'" 1 
ATOM   71  O  "O3'" . DC  A 1 4  ? 18.322  -1.442  -19.276 1.00 140.77 ? 4   DC  A "O3'" 1 
ATOM   72  C  "C2'" . DC  A 1 4  ? 16.937  0.559   -19.456 1.00 126.38 ? 4   DC  A "C2'" 1 
ATOM   73  C  "C1'" . DC  A 1 4  ? 18.074  1.560   -19.431 1.00 125.67 ? 4   DC  A "C1'" 1 
ATOM   74  N  N1    . DC  A 1 4  ? 17.633  2.962   -19.213 1.00 123.32 ? 4   DC  A N1    1 
ATOM   75  C  C2    . DC  A 1 4  ? 18.230  3.724   -18.204 1.00 122.10 ? 4   DC  A C2    1 
ATOM   76  O  O2    . DC  A 1 4  ? 19.123  3.217   -17.513 1.00 123.08 ? 4   DC  A O2    1 
ATOM   77  N  N3    . DC  A 1 4  ? 17.817  5.002   -18.014 1.00 121.08 ? 4   DC  A N3    1 
ATOM   78  C  C4    . DC  A 1 4  ? 16.851  5.510   -18.782 1.00 124.53 ? 4   DC  A C4    1 
ATOM   79  N  N4    . DC  A 1 4  ? 16.474  6.773   -18.559 1.00 124.51 ? 4   DC  A N4    1 
ATOM   80  C  C5    . DC  A 1 4  ? 16.229  4.745   -19.813 1.00 122.60 ? 4   DC  A C5    1 
ATOM   81  C  C6    . DC  A 1 4  ? 16.647  3.488   -19.991 1.00 123.97 ? 4   DC  A C6    1 
ATOM   82  P  P     . DA  A 1 5  ? 17.551  -2.444  -18.282 1.00 149.95 ? 5   DA  A P     1 
ATOM   83  O  OP1   . DA  A 1 5  ? 18.099  -3.800  -18.512 1.00 147.28 ? 5   DA  A OP1   1 
ATOM   84  O  OP2   . DA  A 1 5  ? 16.095  -2.213  -18.416 1.00 139.05 ? 5   DA  A OP2   1 
ATOM   85  O  "O5'" . DA  A 1 5  ? 18.005  -1.956  -16.827 1.00 132.38 ? 5   DA  A "O5'" 1 
ATOM   86  C  "C5'" . DA  A 1 5  ? 19.386  -1.945  -16.479 1.00 129.19 ? 5   DA  A "C5'" 1 
ATOM   87  C  "C4'" . DA  A 1 5  ? 19.621  -1.188  -15.181 1.00 128.93 ? 5   DA  A "C4'" 1 
ATOM   88  O  "O4'" . DA  A 1 5  ? 19.155  0.179   -15.315 1.00 126.33 ? 5   DA  A "O4'" 1 
ATOM   89  C  "C3'" . DA  A 1 5  ? 18.908  -1.753  -13.962 1.00 124.71 ? 5   DA  A "C3'" 1 
ATOM   90  O  "O3'" . DA  A 1 5  ? 19.701  -1.547  -12.812 1.00 127.50 ? 5   DA  A "O3'" 1 
ATOM   91  C  "C2'" . DA  A 1 5  ? 17.622  -0.935  -13.907 1.00 122.11 ? 5   DA  A "C2'" 1 
ATOM   92  C  "C1'" . DA  A 1 5  ? 18.085  0.423   -14.421 1.00 118.38 ? 5   DA  A "C1'" 1 
ATOM   93  N  N9    . DA  A 1 5  ? 17.055  1.149   -15.155 1.00 114.35 ? 5   DA  A N9    1 
ATOM   94  C  C8    . DA  A 1 5  ? 16.297  0.676   -16.187 1.00 119.16 ? 5   DA  A C8    1 
ATOM   95  N  N7    . DA  A 1 5  ? 15.453  1.555   -16.671 1.00 119.92 ? 5   DA  A N7    1 
ATOM   96  C  C5    . DA  A 1 5  ? 15.677  2.686   -15.906 1.00 114.99 ? 5   DA  A C5    1 
ATOM   97  C  C6    . DA  A 1 5  ? 15.101  3.972   -15.919 1.00 117.27 ? 5   DA  A C6    1 
ATOM   98  N  N6    . DA  A 1 5  ? 14.137  4.336   -16.770 1.00 113.99 ? 5   DA  A N6    1 
ATOM   99  N  N1    . DA  A 1 5  ? 15.554  4.870   -15.020 1.00 116.25 ? 5   DA  A N1    1 
ATOM   100 C  C2    . DA  A 1 5  ? 16.521  4.500   -14.170 1.00 116.91 ? 5   DA  A C2    1 
ATOM   101 N  N3    . DA  A 1 5  ? 17.137  3.324   -14.063 1.00 112.49 ? 5   DA  A N3    1 
ATOM   102 C  C4    . DA  A 1 5  ? 16.666  2.454   -14.968 1.00 112.24 ? 5   DA  A C4    1 
ATOM   103 P  P     . DG  A 1 6  ? 19.491  -2.471  -11.516 1.00 141.46 ? 6   DG  A P     1 
ATOM   104 O  OP1   . DG  A 1 6  ? 20.762  -2.496  -10.759 1.00 124.30 ? 6   DG  A OP1   1 
ATOM   105 O  OP2   . DG  A 1 6  ? 18.890  -3.748  -11.969 1.00 131.92 ? 6   DG  A OP2   1 
ATOM   106 O  "O5'" . DG  A 1 6  ? 18.409  -1.667  -10.659 1.00 123.96 ? 6   DG  A "O5'" 1 
ATOM   107 C  "C5'" . DG  A 1 6  ? 18.684  -1.333  -9.307  1.00 116.51 ? 6   DG  A "C5'" 1 
ATOM   108 C  "C4'" . DG  A 1 6  ? 18.365  0.123   -9.042  1.00 112.59 ? 6   DG  A "C4'" 1 
ATOM   109 O  "O4'" . DG  A 1 6  ? 17.786  0.714   -10.224 1.00 112.27 ? 6   DG  A "O4'" 1 
ATOM   110 C  "C3'" . DG  A 1 6  ? 17.363  0.355   -7.915  1.00 113.81 ? 6   DG  A "C3'" 1 
ATOM   111 O  "O3'" . DG  A 1 6  ? 17.983  1.050   -6.851  1.00 121.17 ? 6   DG  A "O3'" 1 
ATOM   112 C  "C2'" . DG  A 1 6  ? 16.238  1.183   -8.556  1.00 114.99 ? 6   DG  A "C2'" 1 
ATOM   113 C  "C1'" . DG  A 1 6  ? 16.879  1.707   -9.831  1.00 110.33 ? 6   DG  A "C1'" 1 
ATOM   114 N  N9    . DG  A 1 6  ? 15.920  1.901   -10.912 1.00 105.99 ? 6   DG  A N9    1 
ATOM   115 C  C8    . DG  A 1 6  ? 15.524  0.966   -11.835 1.00 106.46 ? 6   DG  A C8    1 
ATOM   116 N  N7    . DG  A 1 6  ? 14.647  1.414   -12.686 1.00 107.40 ? 6   DG  A N7    1 
ATOM   117 C  C5    . DG  A 1 6  ? 14.443  2.732   -12.304 1.00 109.15 ? 6   DG  A C5    1 
ATOM   118 C  C6    . DG  A 1 6  ? 13.595  3.718   -12.863 1.00 110.00 ? 6   DG  A C6    1 
ATOM   119 O  O6    . DG  A 1 6  ? 12.836  3.614   -13.837 1.00 111.34 ? 6   DG  A O6    1 
ATOM   120 N  N1    . DG  A 1 6  ? 13.685  4.928   -12.180 1.00 107.53 ? 6   DG  A N1    1 
ATOM   121 C  C2    . DG  A 1 6  ? 14.495  5.159   -11.091 1.00 111.11 ? 6   DG  A C2    1 
ATOM   122 N  N2    . DG  A 1 6  ? 14.443  6.394   -10.562 1.00 110.12 ? 6   DG  A N2    1 
ATOM   123 N  N3    . DG  A 1 6  ? 15.296  4.237   -10.551 1.00 107.36 ? 6   DG  A N3    1 
ATOM   124 C  C4    . DG  A 1 6  ? 15.219  3.052   -11.211 1.00 107.13 ? 6   DG  A C4    1 
ATOM   125 P  P     . DA  A 1 7  ? 17.194  1.255   -5.468  1.00 137.20 ? 7   DA  A P     1 
ATOM   126 O  OP1   . DA  A 1 7  ? 18.187  1.505   -4.400  1.00 126.29 ? 7   DA  A OP1   1 
ATOM   127 O  OP2   . DA  A 1 7  ? 16.237  0.136   -5.336  1.00 130.51 ? 7   DA  A OP2   1 
ATOM   128 O  "O5'" . DA  A 1 7  ? 16.345  2.583   -5.716  1.00 111.39 ? 7   DA  A "O5'" 1 
ATOM   129 C  "C5'" . DA  A 1 7  ? 17.000  3.769   -6.132  1.00 109.86 ? 7   DA  A "C5'" 1 
ATOM   130 C  "C4'" . DA  A 1 7  ? 16.145  4.979   -5.833  1.00 113.99 ? 7   DA  A "C4'" 1 
ATOM   131 O  "O4'" . DA  A 1 7  ? 15.320  5.290   -6.984  1.00 117.83 ? 7   DA  A "O4'" 1 
ATOM   132 C  "C3'" . DA  A 1 7  ? 15.195  4.812   -4.659  1.00 113.68 ? 7   DA  A "C3'" 1 
ATOM   133 O  "O3'" . DA  A 1 7  ? 15.099  6.030   -3.945  1.00 116.36 ? 7   DA  A "O3'" 1 
ATOM   134 C  "C2'" . DA  A 1 7  ? 13.872  4.430   -5.327  1.00 113.66 ? 7   DA  A "C2'" 1 
ATOM   135 C  "C1'" . DA  A 1 7  ? 13.949  5.160   -6.664  1.00 110.90 ? 7   DA  A "C1'" 1 
ATOM   136 N  N9    . DA  A 1 7  ? 13.303  4.435   -7.758  1.00 107.33 ? 7   DA  A N9    1 
ATOM   137 C  C8    . DA  A 1 7  ? 13.530  3.138   -8.122  1.00 102.89 ? 7   DA  A C8    1 
ATOM   138 N  N7    . DA  A 1 7  ? 12.817  2.743   -9.150  1.00 99.52  ? 7   DA  A N7    1 
ATOM   139 C  C5    . DA  A 1 7  ? 12.071  3.859   -9.488  1.00 99.37  ? 7   DA  A C5    1 
ATOM   140 C  C6    . DA  A 1 7  ? 11.117  4.090   -10.501 1.00 103.92 ? 7   DA  A C6    1 
ATOM   141 N  N6    . DA  A 1 7  ? 10.746  3.158   -11.383 1.00 104.95 ? 7   DA  A N6    1 
ATOM   142 N  N1    . DA  A 1 7  ? 10.556  5.314   -10.569 1.00 100.87 ? 7   DA  A N1    1 
ATOM   143 C  C2    . DA  A 1 7  ? 10.933  6.245   -9.680  1.00 103.82 ? 7   DA  A C2    1 
ATOM   144 N  N3    . DA  A 1 7  ? 11.820  6.146   -8.684  1.00 105.69 ? 7   DA  A N3    1 
ATOM   145 C  C4    . DA  A 1 7  ? 12.360  4.915   -8.644  1.00 101.88 ? 7   DA  A C4    1 
ATOM   146 P  P     . DC  A 1 8  ? 14.111  6.159   -2.687  1.00 131.63 ? 8   DC  A P     1 
ATOM   147 O  OP1   . DC  A 1 8  ? 14.658  7.210   -1.799  1.00 133.33 ? 8   DC  A OP1   1 
ATOM   148 O  OP2   . DC  A 1 8  ? 13.869  4.801   -2.147  1.00 123.34 ? 8   DC  A OP2   1 
ATOM   149 O  "O5'" . DC  A 1 8  ? 12.757  6.701   -3.338  1.00 115.38 ? 8   DC  A "O5'" 1 
ATOM   150 C  "C5'" . DC  A 1 8  ? 12.817  7.760   -4.280  1.00 112.04 ? 8   DC  A "C5'" 1 
ATOM   151 C  "C4'" . DC  A 1 8  ? 11.436  8.105   -4.793  1.00 112.64 ? 8   DC  A "C4'" 1 
ATOM   152 O  "O4'" . DC  A 1 8  ? 11.080  7.222   -5.886  1.00 112.95 ? 8   DC  A "O4'" 1 
ATOM   153 C  "C3'" . DC  A 1 8  ? 10.318  7.980   -3.759  1.00 107.29 ? 8   DC  A "C3'" 1 
ATOM   154 O  "O3'" . DC  A 1 8  ? 9.518   9.149   -3.793  1.00 106.49 ? 8   DC  A "O3'" 1 
ATOM   155 C  "C2'" . DC  A 1 8  ? 9.544   6.740   -4.217  1.00 102.32 ? 8   DC  A "C2'" 1 
ATOM   156 C  "C1'" . DC  A 1 8  ? 9.751   6.798   -5.716  1.00 104.00 ? 8   DC  A "C1'" 1 
ATOM   157 N  N1    . DC  A 1 8  ? 9.590   5.488   -6.394  1.00 96.91  ? 8   DC  A N1    1 
ATOM   158 C  C2    . DC  A 1 8  ? 8.636   5.345   -7.409  1.00 98.32  ? 8   DC  A C2    1 
ATOM   159 O  O2    . DC  A 1 8  ? 7.931   6.313   -7.714  1.00 102.31 ? 8   DC  A O2    1 
ATOM   160 N  N3    . DC  A 1 8  ? 8.509   4.142   -8.023  1.00 94.90  ? 8   DC  A N3    1 
ATOM   161 C  C4    . DC  A 1 8  ? 9.292   3.123   -7.662  1.00 101.44 ? 8   DC  A C4    1 
ATOM   162 N  N4    . DC  A 1 8  ? 9.136   1.956   -8.296  1.00 104.87 ? 8   DC  A N4    1 
ATOM   163 C  C5    . DC  A 1 8  ? 10.271  3.254   -6.634  1.00 98.93  ? 8   DC  A C5    1 
ATOM   164 C  C6    . DC  A 1 8  ? 10.385  4.443   -6.034  1.00 96.05  ? 8   DC  A C6    1 
ATOM   165 P  P     . DG  A 1 9  ? 8.144   9.223   -2.967  1.00 115.06 ? 9   DG  A P     1 
ATOM   166 O  OP1   . DG  A 1 9  ? 7.888   10.648  -2.650  1.00 105.67 ? 9   DG  A OP1   1 
ATOM   167 O  OP2   . DG  A 1 9  ? 8.213   8.229   -1.873  1.00 105.75 ? 9   DG  A OP2   1 
ATOM   168 O  "O5'" . DG  A 1 9  ? 7.050   8.737   -4.024  1.00 107.67 ? 9   DG  A "O5'" 1 
ATOM   169 C  "C5'" . DG  A 1 9  ? 7.104   9.222   -5.360  1.00 103.11 ? 9   DG  A "C5'" 1 
ATOM   170 C  "C4'" . DG  A 1 9  ? 5.714   9.498   -5.907  1.00 102.93 ? 9   DG  A "C4'" 1 
ATOM   171 O  "O4'" . DG  A 1 9  ? 5.343   8.455   -6.838  1.00 106.97 ? 9   DG  A "O4'" 1 
ATOM   172 C  "C3'" . DG  A 1 9  ? 4.600   9.527   -4.878  1.00 96.62  ? 9   DG  A "C3'" 1 
ATOM   173 O  "O3'" . DG  A 1 9  ? 3.546   10.347  -5.351  1.00 99.65  ? 9   DG  A "O3'" 1 
ATOM   174 C  "C2'" . DG  A 1 9  ? 4.180   8.060   -4.810  1.00 102.12 ? 9   DG  A "C2'" 1 
ATOM   175 C  "C1'" . DG  A 1 9  ? 4.373   7.601   -6.254  1.00 102.27 ? 9   DG  A "C1'" 1 
ATOM   176 N  N9    . DG  A 1 9  ? 4.860   6.230   -6.369  1.00 96.44  ? 9   DG  A N9    1 
ATOM   177 C  C8    . DG  A 1 9  ? 5.896   5.662   -5.669  1.00 97.76  ? 9   DG  A C8    1 
ATOM   178 N  N7    . DG  A 1 9  ? 6.118   4.418   -5.988  1.00 98.02  ? 9   DG  A N7    1 
ATOM   179 C  C5    . DG  A 1 9  ? 5.176   4.146   -6.970  1.00 96.56  ? 9   DG  A C5    1 
ATOM   180 C  C6    . DG  A 1 9  ? 4.935   2.955   -7.695  1.00 90.87  ? 9   DG  A C6    1 
ATOM   181 O  O6    . DG  A 1 9  ? 5.529   1.873   -7.607  1.00 90.03  ? 9   DG  A O6    1 
ATOM   182 N  N1    . DG  A 1 9  ? 3.884   3.104   -8.595  1.00 90.03  ? 9   DG  A N1    1 
ATOM   183 C  C2    . DG  A 1 9  ? 3.153   4.256   -8.772  1.00 91.51  ? 9   DG  A C2    1 
ATOM   184 N  N2    . DG  A 1 9  ? 2.174   4.212   -9.688  1.00 90.03  ? 9   DG  A N2    1 
ATOM   185 N  N3    . DG  A 1 9  ? 3.370   5.379   -8.099  1.00 98.95  ? 9   DG  A N3    1 
ATOM   186 C  C4    . DG  A 1 9  ? 4.393   5.251   -7.218  1.00 95.58  ? 9   DG  A C4    1 
ATOM   187 P  P     . DT  A 1 10 ? 2.157   10.433  -4.551  1.00 122.70 ? 10  DT  A P     1 
ATOM   188 O  OP1   . DT  A 1 10 ? 1.543   11.743  -4.864  1.00 124.17 ? 10  DT  A OP1   1 
ATOM   189 O  OP2   . DT  A 1 10 ? 2.420   10.077  -3.140  1.00 116.58 ? 10  DT  A OP2   1 
ATOM   190 O  "O5'" . DT  A 1 10 ? 1.271   9.277   -5.212  1.00 107.53 ? 10  DT  A "O5'" 1 
ATOM   191 C  "C5'" . DT  A 1 10 ? 1.113   9.228   -6.625  1.00 102.49 ? 10  DT  A "C5'" 1 
ATOM   192 C  "C4'" . DT  A 1 10 ? -0.071  8.361   -7.001  1.00 103.05 ? 10  DT  A "C4'" 1 
ATOM   193 O  "O4'" . DT  A 1 10 ? 0.380   7.009   -7.282  1.00 104.27 ? 10  DT  A "O4'" 1 
ATOM   194 C  "C3'" . DT  A 1 10 ? -1.140  8.233   -5.920  1.00 98.05  ? 10  DT  A "C3'" 1 
ATOM   195 O  "O3'" . DT  A 1 10 ? -2.416  8.241   -6.516  1.00 96.26  ? 10  DT  A "O3'" 1 
ATOM   196 C  "C2'" . DT  A 1 10 ? -0.829  6.879   -5.288  1.00 95.26  ? 10  DT  A "C2'" 1 
ATOM   197 C  "C1'" . DT  A 1 10 ? -0.347  6.092   -6.494  1.00 95.62  ? 10  DT  A "C1'" 1 
ATOM   198 N  N1    . DT  A 1 10 ? 0.558   4.959   -6.146  1.00 89.26  ? 10  DT  A N1    1 
ATOM   199 C  C2    . DT  A 1 10 ? 0.415   3.758   -6.799  1.00 93.48  ? 10  DT  A C2    1 
ATOM   200 O  O2    . DT  A 1 10 ? -0.425  3.561   -7.658  1.00 95.76  ? 10  DT  A O2    1 
ATOM   201 N  N3    . DT  A 1 10 ? 1.298   2.786   -6.407  1.00 86.73  ? 10  DT  A N3    1 
ATOM   202 C  C4    . DT  A 1 10 ? 2.287   2.894   -5.451  1.00 86.73  ? 10  DT  A C4    1 
ATOM   203 O  O4    . DT  A 1 10 ? 3.032   1.962   -5.171  1.00 87.59  ? 10  DT  A O4    1 
ATOM   204 C  C5    . DT  A 1 10 ? 2.383   4.179   -4.804  1.00 91.36  ? 10  DT  A C5    1 
ATOM   205 C  C7    . DT  A 1 10 ? 3.419   4.416   -3.746  1.00 94.21  ? 10  DT  A C7    1 
ATOM   206 C  C6    . DT  A 1 10 ? 1.523   5.138   -5.178  1.00 87.17  ? 10  DT  A C6    1 
ATOM   207 P  P     . DG  A 1 11 ? -3.705  8.643   -5.653  1.00 112.71 ? 11  DG  A P     1 
ATOM   208 O  OP1   . DG  A 1 11 ? -4.180  9.948   -6.165  1.00 98.26  ? 11  DG  A OP1   1 
ATOM   209 O  OP2   . DG  A 1 11 ? -3.369  8.467   -4.222  1.00 109.25 ? 11  DG  A OP2   1 
ATOM   210 O  "O5'" . DG  A 1 11 ? -4.778  7.528   -6.042  1.00 99.81  ? 11  DG  A "O5'" 1 
ATOM   211 C  "C5'" . DG  A 1 11 ? -5.152  7.358   -7.400  1.00 96.51  ? 11  DG  A "C5'" 1 
ATOM   212 C  "C4'" . DG  A 1 11 ? -5.737  5.979   -7.628  1.00 95.21  ? 11  DG  A "C4'" 1 
ATOM   213 O  "O4'" . DG  A 1 11 ? -4.699  4.982   -7.465  1.00 99.93  ? 11  DG  A "O4'" 1 
ATOM   214 C  "C3'" . DG  A 1 11 ? -6.862  5.595   -6.673  1.00 89.65  ? 11  DG  A "C3'" 1 
ATOM   215 O  "O3'" . DG  A 1 11 ? -7.900  4.967   -7.392  1.00 89.00  ? 11  DG  A "O3'" 1 
ATOM   216 C  "C2'" . DG  A 1 11 ? -6.191  4.638   -5.686  1.00 85.36  ? 11  DG  A "C2'" 1 
ATOM   217 C  "C1'" . DG  A 1 11 ? -5.104  4.001   -6.538  1.00 85.06  ? 11  DG  A "C1'" 1 
ATOM   218 N  N9    . DG  A 1 11 ? -3.928  3.594   -5.773  1.00 84.24  ? 11  DG  A N9    1 
ATOM   219 C  C8    . DG  A 1 11 ? -3.206  4.366   -4.895  1.00 89.40  ? 11  DG  A C8    1 
ATOM   220 N  N7    . DG  A 1 11 ? -2.197  3.736   -4.361  1.00 85.46  ? 11  DG  A N7    1 
ATOM   221 C  C5    . DG  A 1 11 ? -2.251  2.467   -4.924  1.00 81.57  ? 11  DG  A C5    1 
ATOM   222 C  C6    . DG  A 1 11 ? -1.411  1.348   -4.726  1.00 84.19  ? 11  DG  A C6    1 
ATOM   223 O  O6    . DG  A 1 11 ? -0.425  1.253   -3.987  1.00 89.79  ? 11  DG  A O6    1 
ATOM   224 N  N1    . DG  A 1 11 ? -1.816  0.256   -5.494  1.00 83.43  ? 11  DG  A N1    1 
ATOM   225 C  C2    . DG  A 1 11 ? -2.896  0.253   -6.343  1.00 85.12  ? 11  DG  A C2    1 
ATOM   226 N  N2    . DG  A 1 11 ? -3.141  -0.890  -7.004  1.00 82.70  ? 11  DG  A N2    1 
ATOM   227 N  N3    . DG  A 1 11 ? -3.689  1.299   -6.535  1.00 85.49  ? 11  DG  A N3    1 
ATOM   228 C  C4    . DG  A 1 11 ? -3.308  2.366   -5.796  1.00 81.57  ? 11  DG  A C4    1 
ATOM   229 P  P     . DA  A 1 12 ? -9.272  4.578   -6.655  1.00 108.35 ? 12  DA  A P     1 
ATOM   230 O  OP1   . DA  A 1 12 ? -10.374 4.809   -7.616  1.00 94.71  ? 12  DA  A OP1   1 
ATOM   231 O  OP2   . DA  A 1 12 ? -9.298  5.239   -5.332  1.00 96.98  ? 12  DA  A OP2   1 
ATOM   232 O  "O5'" . DA  A 1 12 ? -9.123  3.010   -6.414  1.00 97.14  ? 12  DA  A "O5'" 1 
ATOM   233 C  "C5'" . DA  A 1 12 ? -8.711  2.175   -7.485  1.00 86.98  ? 12  DA  A "C5'" 1 
ATOM   234 C  "C4'" . DA  A 1 12 ? -8.341  0.803   -6.972  1.00 78.32  ? 12  DA  A "C4'" 1 
ATOM   235 O  "O4'" . DA  A 1 12 ? -7.048  0.868   -6.338  1.00 88.34  ? 12  DA  A "O4'" 1 
ATOM   236 C  "C3'" . DA  A 1 12 ? -9.305  0.240   -5.929  1.00 78.32  ? 12  DA  A "C3'" 1 
ATOM   237 O  "O3'" . DA  A 1 12 ? -9.887  -0.959  -6.402  1.00 83.42  ? 12  DA  A "O3'" 1 
ATOM   238 C  "C2'" . DA  A 1 12 ? -8.438  0.001   -4.685  1.00 83.70  ? 12  DA  A "C2'" 1 
ATOM   239 C  "C1'" . DA  A 1 12 ? -7.029  -0.020  -5.254  1.00 82.77  ? 12  DA  A "C1'" 1 
ATOM   240 N  N9    . DA  A 1 12 ? -6.010  0.436   -4.311  1.00 78.32  ? 12  DA  A N9    1 
ATOM   241 C  C8    . DA  A 1 12 ? -5.873  1.692   -3.792  1.00 80.26  ? 12  DA  A C8    1 
ATOM   242 N  N7    . DA  A 1 12 ? -4.857  1.817   -2.972  1.00 80.71  ? 12  DA  A N7    1 
ATOM   243 C  C5    . DA  A 1 12 ? -4.285  0.558   -2.955  1.00 78.32  ? 12  DA  A C5    1 
ATOM   244 C  C6    . DA  A 1 12 ? -3.168  0.033   -2.274  1.00 78.32  ? 12  DA  A C6    1 
ATOM   245 N  N6    . DA  A 1 12 ? -2.406  0.755   -1.449  1.00 78.32  ? 12  DA  A N6    1 
ATOM   246 N  N1    . DA  A 1 12 ? -2.866  -1.268  -2.477  1.00 78.32  ? 12  DA  A N1    1 
ATOM   247 C  C2    . DA  A 1 12 ? -3.636  -1.985  -3.306  1.00 80.79  ? 12  DA  A C2    1 
ATOM   248 N  N3    . DA  A 1 12 ? -4.710  -1.600  -3.998  1.00 80.28  ? 12  DA  A N3    1 
ATOM   249 C  C4    . DA  A 1 12 ? -4.982  -0.306  -3.776  1.00 78.32  ? 12  DA  A C4    1 
ATOM   250 P  P     . DC  A 1 13 ? -11.130 -1.609  -5.619  1.00 103.50 ? 13  DC  A P     1 
ATOM   251 O  OP1   . DC  A 1 13 ? -11.909 -2.408  -6.590  1.00 91.90  ? 13  DC  A OP1   1 
ATOM   252 O  OP2   . DC  A 1 13 ? -11.790 -0.530  -4.849  1.00 90.37  ? 13  DC  A OP2   1 
ATOM   253 O  "O5'" . DC  A 1 13 ? -10.434 -2.612  -4.593  1.00 77.28  ? 13  DC  A "O5'" 1 
ATOM   254 C  "C5'" . DC  A 1 13 ? -9.601  -3.629  -5.093  1.00 78.84  ? 13  DC  A "C5'" 1 
ATOM   255 C  "C4'" . DC  A 1 13 ? -8.654  -4.120  -4.024  1.00 85.54  ? 13  DC  A "C4'" 1 
ATOM   256 O  "O4'" . DC  A 1 13 ? -7.859  -3.034  -3.523  1.00 84.55  ? 13  DC  A "O4'" 1 
ATOM   257 C  "C3'" . DC  A 1 13 ? -9.320  -4.709  -2.784  1.00 83.26  ? 13  DC  A "C3'" 1 
ATOM   258 O  "O3'" . DC  A 1 13 ? -9.340  -6.120  -2.876  1.00 88.07  ? 13  DC  A "O3'" 1 
ATOM   259 C  "C2'" . DC  A 1 13 ? -8.430  -4.231  -1.619  1.00 83.29  ? 13  DC  A "C2'" 1 
ATOM   260 C  "C1'" . DC  A 1 13 ? -7.300  -3.494  -2.329  1.00 76.01  ? 13  DC  A "C1'" 1 
ATOM   261 N  N1    . DC  A 1 13 ? -6.753  -2.359  -1.555  1.00 75.50  ? 13  DC  A N1    1 
ATOM   262 C  C2    . DC  A 1 13 ? -5.651  -2.579  -0.731  1.00 77.53  ? 13  DC  A C2    1 
ATOM   263 O  O2    . DC  A 1 13 ? -5.170  -3.718  -0.680  1.00 79.34  ? 13  DC  A O2    1 
ATOM   264 N  N3    . DC  A 1 13 ? -5.153  -1.549  -0.009  1.00 76.73  ? 13  DC  A N3    1 
ATOM   265 C  C4    . DC  A 1 13 ? -5.716  -0.343  -0.099  1.00 75.72  ? 13  DC  A C4    1 
ATOM   266 N  N4    . DC  A 1 13 ? -5.187  0.647   0.627   1.00 82.12  ? 13  DC  A N4    1 
ATOM   267 C  C5    . DC  A 1 13 ? -6.843  -0.099  -0.938  1.00 78.41  ? 13  DC  A C5    1 
ATOM   268 C  C6    . DC  A 1 13 ? -7.326  -1.130  -1.639  1.00 75.50  ? 13  DC  A C6    1 
ATOM   269 P  P     . DC  A 1 14 ? -9.906  -7.000  -1.658  1.00 102.16 ? 14  DC  A P     1 
ATOM   270 O  OP1   . DC  A 1 14 ? -10.383 -8.280  -2.226  1.00 102.85 ? 14  DC  A OP1   1 
ATOM   271 O  OP2   . DC  A 1 14 ? -10.832 -6.147  -0.877  1.00 82.51  ? 14  DC  A OP2   1 
ATOM   272 O  "O5'" . DC  A 1 14 ? -8.611  -7.288  -0.768  1.00 84.38  ? 14  DC  A "O5'" 1 
ATOM   273 C  "C5'" . DC  A 1 14 ? -7.410  -7.720  -1.394  1.00 86.55  ? 14  DC  A "C5'" 1 
ATOM   274 C  "C4'" . DC  A 1 14 ? -6.400  -8.197  -0.364  1.00 91.72  ? 14  DC  A "C4'" 1 
ATOM   275 O  "O4'" . DC  A 1 14 ? -5.687  -7.061  0.193   1.00 88.84  ? 14  DC  A "O4'" 1 
ATOM   276 C  "C3'" . DC  A 1 14 ? -6.993  -8.958  0.816   1.00 94.57  ? 14  DC  A "C3'" 1 
ATOM   277 O  "O3'" . DC  A 1 14 ? -6.178  -10.075 1.131   1.00 100.76 ? 14  DC  A "O3'" 1 
ATOM   278 C  "C2'" . DC  A 1 14 ? -7.002  -7.925  1.943   1.00 94.13  ? 14  DC  A "C2'" 1 
ATOM   279 C  "C1'" . DC  A 1 14 ? -5.806  -7.046  1.599   1.00 83.24  ? 14  DC  A "C1'" 1 
ATOM   280 N  N1    . DC  A 1 14 ? -5.986  -5.633  2.015   1.00 76.51  ? 14  DC  A N1    1 
ATOM   281 C  C2    . DC  A 1 14 ? -5.121  -5.064  2.956   1.00 79.48  ? 14  DC  A C2    1 
ATOM   282 O  O2    . DC  A 1 14 ? -4.210  -5.750  3.439   1.00 79.15  ? 14  DC  A O2    1 
ATOM   283 N  N3    . DC  A 1 14 ? -5.313  -3.768  3.314   1.00 76.51  ? 14  DC  A N3    1 
ATOM   284 C  C4    . DC  A 1 14 ? -6.307  -3.062  2.768   1.00 76.87  ? 14  DC  A C4    1 
ATOM   285 N  N4    . DC  A 1 14 ? -6.456  -1.790  3.150   1.00 76.93  ? 14  DC  A N4    1 
ATOM   286 C  C5    . DC  A 1 14 ? -7.195  -3.630  1.813   1.00 77.09  ? 14  DC  A C5    1 
ATOM   287 C  C6    . DC  A 1 14 ? -6.996  -4.903  1.467   1.00 76.51  ? 14  DC  A C6    1 
ATOM   288 P  P     . DG  A 1 15 ? -6.663  -11.142 2.229   1.00 112.16 ? 15  DG  A P     1 
ATOM   289 O  OP1   . DG  A 1 15 ? -6.011  -12.436 1.927   1.00 114.30 ? 15  DG  A OP1   1 
ATOM   290 O  OP2   . DG  A 1 15 ? -8.138  -11.067 2.322   1.00 93.35  ? 15  DG  A OP2   1 
ATOM   291 O  "O5'" . DG  A 1 15 ? -6.055  -10.577 3.593   1.00 99.31  ? 15  DG  A "O5'" 1 
ATOM   292 C  "C5'" . DG  A 1 15 ? -4.671  -10.262 3.673   1.00 95.23  ? 15  DG  A "C5'" 1 
ATOM   293 C  "C4'" . DG  A 1 15 ? -4.285  -9.927  5.099   1.00 102.03 ? 15  DG  A "C4'" 1 
ATOM   294 O  "O4'" . DG  A 1 15 ? -4.329  -8.486  5.292   1.00 106.92 ? 15  DG  A "O4'" 1 
ATOM   295 C  "C3'" . DG  A 1 15 ? -5.201  -10.525 6.169   1.00 98.63  ? 15  DG  A "C3'" 1 
ATOM   296 O  "O3'" . DG  A 1 15 ? -4.423  -10.974 7.262   1.00 102.71 ? 15  DG  A "O3'" 1 
ATOM   297 C  "C2'" . DG  A 1 15 ? -6.077  -9.339  6.562   1.00 94.40  ? 15  DG  A "C2'" 1 
ATOM   298 C  "C1'" . DG  A 1 15 ? -5.078  -8.202  6.450   1.00 92.06  ? 15  DG  A "C1'" 1 
ATOM   299 N  N9    . DG  A 1 15 ? -5.691  -6.882  6.312   1.00 82.00  ? 15  DG  A N9    1 
ATOM   300 C  C8    . DG  A 1 15 ? -6.728  -6.529  5.482   1.00 83.40  ? 15  DG  A C8    1 
ATOM   301 N  N7    . DG  A 1 15 ? -7.067  -5.271  5.580   1.00 79.94  ? 15  DG  A N7    1 
ATOM   302 C  C5    . DG  A 1 15 ? -6.196  -4.759  6.535   1.00 79.94  ? 15  DG  A C5    1 
ATOM   303 C  C6    . DG  A 1 15 ? -6.082  -3.447  7.061   1.00 82.60  ? 15  DG  A C6    1 
ATOM   304 O  O6    . DG  A 1 15 ? -6.750  -2.442  6.777   1.00 86.33  ? 15  DG  A O6    1 
ATOM   305 N  N1    . DG  A 1 15 ? -5.066  -3.361  8.011   1.00 79.94  ? 15  DG  A N1    1 
ATOM   306 C  C2    . DG  A 1 15 ? -4.265  -4.408  8.404   1.00 82.21  ? 15  DG  A C2    1 
ATOM   307 N  N2    . DG  A 1 15 ? -3.340  -4.140  9.334   1.00 79.94  ? 15  DG  A N2    1 
ATOM   308 N  N3    . DG  A 1 15 ? -4.365  -5.637  7.920   1.00 83.20  ? 15  DG  A N3    1 
ATOM   309 C  C4    . DG  A 1 15 ? -5.346  -5.739  6.995   1.00 79.94  ? 15  DG  A C4    1 
ATOM   310 P  P     . DC  A 1 16 ? -5.032  -12.012 8.324   1.00 116.04 ? 16  DC  A P     1 
ATOM   311 O  OP1   . DC  A 1 16 ? -5.177  -13.313 7.634   1.00 121.87 ? 16  DC  A OP1   1 
ATOM   312 O  OP2   . DC  A 1 16 ? -6.209  -11.386 8.964   1.00 100.34 ? 16  DC  A OP2   1 
ATOM   313 O  "O5'" . DC  A 1 16 ? -3.876  -12.150 9.418   1.00 99.80  ? 16  DC  A "O5'" 1 
ATOM   314 C  "C5'" . DC  A 1 16 ? -2.920  -11.113 9.571   1.00 97.56  ? 16  DC  A "C5'" 1 
ATOM   315 C  "C4'" . DC  A 1 16 ? -3.173  -10.335 10.846  1.00 101.26 ? 16  DC  A "C4'" 1 
ATOM   316 O  "O4'" . DC  A 1 16 ? -3.804  -9.063  10.536  1.00 101.74 ? 16  DC  A "O4'" 1 
ATOM   317 C  "C3'" . DC  A 1 16 ? -4.102  -11.023 11.851  1.00 102.30 ? 16  DC  A "C3'" 1 
ATOM   318 O  "O3'" . DC  A 1 16 ? -3.591  -10.854 13.148  1.00 102.28 ? 16  DC  A "O3'" 1 
ATOM   319 C  "C2'" . DC  A 1 16 ? -5.409  -10.258 11.680  1.00 96.76  ? 16  DC  A "C2'" 1 
ATOM   320 C  "C1'" . DC  A 1 16 ? -4.866  -8.871  11.435  1.00 92.63  ? 16  DC  A "C1'" 1 
ATOM   321 N  N1    . DC  A 1 16 ? -5.844  -7.934  10.846  1.00 85.18  ? 16  DC  A N1    1 
ATOM   322 C  C2    . DC  A 1 16 ? -5.871  -6.612  11.292  1.00 89.03  ? 16  DC  A C2    1 
ATOM   323 O  O2    . DC  A 1 16 ? -5.068  -6.259  12.166  1.00 89.46  ? 16  DC  A O2    1 
ATOM   324 N  N3    . DC  A 1 16 ? -6.770  -5.754  10.755  1.00 83.82  ? 16  DC  A N3    1 
ATOM   325 C  C4    . DC  A 1 16 ? -7.620  -6.181  9.816   1.00 86.07  ? 16  DC  A C4    1 
ATOM   326 N  N4    . DC  A 1 16 ? -8.491  -5.299  9.313   1.00 89.36  ? 16  DC  A N4    1 
ATOM   327 C  C5    . DC  A 1 16 ? -7.609  -7.532  9.351   1.00 88.23  ? 16  DC  A C5    1 
ATOM   328 C  C6    . DC  A 1 16 ? -6.714  -8.367  9.892   1.00 86.62  ? 16  DC  A C6    1 
ATOM   329 P  P     . DA  A 1 17 ? -4.087  -11.798 14.344  1.00 116.19 ? 17  DA  A P     1 
ATOM   330 O  OP1   . DA  A 1 17 ? -3.141  -12.933 14.402  1.00 108.16 ? 17  DA  A OP1   1 
ATOM   331 O  OP2   . DA  A 1 17 ? -5.542  -12.044 14.202  1.00 106.50 ? 17  DA  A OP2   1 
ATOM   332 O  "O5'" . DA  A 1 17 ? -3.869  -10.895 15.636  1.00 102.73 ? 17  DA  A "O5'" 1 
ATOM   333 C  "C5'" . DA  A 1 17 ? -2.607  -10.307 15.866  1.00 96.64  ? 17  DA  A "C5'" 1 
ATOM   334 C  "C4'" . DA  A 1 17 ? -2.761  -8.940  16.498  1.00 96.98  ? 17  DA  A "C4'" 1 
ATOM   335 O  "O4'" . DA  A 1 17 ? -3.561  -8.084  15.642  1.00 103.31 ? 17  DA  A "O4'" 1 
ATOM   336 C  "C3'" . DA  A 1 17 ? -3.445  -8.927  17.852  1.00 95.72  ? 17  DA  A "C3'" 1 
ATOM   337 O  "O3'" . DA  A 1 17 ? -2.842  -7.933  18.652  1.00 94.36  ? 17  DA  A "O3'" 1 
ATOM   338 C  "C2'" . DA  A 1 17 ? -4.898  -8.585  17.501  1.00 92.73  ? 17  DA  A "C2'" 1 
ATOM   339 C  "C1'" . DA  A 1 17 ? -4.705  -7.627  16.335  1.00 95.12  ? 17  DA  A "C1'" 1 
ATOM   340 N  N9    . DA  A 1 17 ? -5.809  -7.604  15.381  1.00 98.04  ? 17  DA  A N9    1 
ATOM   341 C  C8    . DA  A 1 17 ? -6.254  -8.646  14.618  1.00 97.43  ? 17  DA  A C8    1 
ATOM   342 N  N7    . DA  A 1 17 ? -7.245  -8.333  13.817  1.00 95.02  ? 17  DA  A N7    1 
ATOM   343 C  C5    . DA  A 1 17 ? -7.458  -6.986  14.061  1.00 90.46  ? 17  DA  A C5    1 
ATOM   344 C  C6    . DA  A 1 17 ? -8.372  -6.056  13.523  1.00 95.24  ? 17  DA  A C6    1 
ATOM   345 N  N6    . DA  A 1 17 ? -9.282  -6.375  12.597  1.00 94.99  ? 17  DA  A N6    1 
ATOM   346 N  N1    . DA  A 1 17 ? -8.320  -4.785  13.980  1.00 96.24  ? 17  DA  A N1    1 
ATOM   347 C  C2    . DA  A 1 17 ? -7.406  -4.475  14.909  1.00 93.24  ? 17  DA  A C2    1 
ATOM   348 N  N3    . DA  A 1 17 ? -6.496  -5.263  15.489  1.00 92.17  ? 17  DA  A N3    1 
ATOM   349 C  C4    . DA  A 1 17 ? -6.574  -6.516  15.014  1.00 92.56  ? 17  DA  A C4    1 
ATOM   350 P  P     . DC  A 1 18 ? -3.410  -7.617  20.116  1.00 110.60 ? 18  DC  A P     1 
ATOM   351 O  OP1   . DC  A 1 18 ? -2.358  -6.911  20.880  1.00 103.30 ? 18  DC  A OP1   1 
ATOM   352 O  OP2   . DC  A 1 18 ? -4.003  -8.863  20.649  1.00 112.04 ? 18  DC  A OP2   1 
ATOM   353 O  "O5'" . DC  A 1 18 ? -4.597  -6.599  19.837  1.00 87.11  ? 18  DC  A "O5'" 1 
ATOM   354 C  "C5'" . DC  A 1 18 ? -5.260  -6.010  20.909  1.00 94.36  ? 18  DC  A "C5'" 1 
ATOM   355 C  "C4'" . DC  A 1 18 ? -5.951  -4.749  20.463  1.00 95.92  ? 18  DC  A "C4'" 1 
ATOM   356 O  "O4'" . DC  A 1 18 ? -6.506  -4.944  19.138  1.00 89.75  ? 18  DC  A "O4'" 1 
ATOM   357 C  "C3'" . DC  A 1 18 ? -7.100  -4.322  21.361  1.00 101.86 ? 18  DC  A "C3'" 1 
ATOM   358 O  "O3'" . DC  A 1 18 ? -6.983  -2.957  21.663  1.00 99.75  ? 18  DC  A "O3'" 1 
ATOM   359 C  "C2'" . DC  A 1 18 ? -8.350  -4.624  20.530  1.00 104.21 ? 18  DC  A "C2'" 1 
ATOM   360 C  "C1'" . DC  A 1 18 ? -7.835  -4.483  19.110  1.00 92.72  ? 18  DC  A "C1'" 1 
ATOM   361 N  N1    . DC  A 1 18 ? -8.587  -5.300  18.102  1.00 94.24  ? 18  DC  A N1    1 
ATOM   362 C  C2    . DC  A 1 18 ? -9.560  -4.694  17.288  1.00 97.33  ? 18  DC  A C2    1 
ATOM   363 O  O2    . DC  A 1 18 ? -9.790  -3.487  17.418  1.00 101.23 ? 18  DC  A O2    1 
ATOM   364 N  N3    . DC  A 1 18 ? -10.215 -5.457  16.375  1.00 92.64  ? 18  DC  A N3    1 
ATOM   365 C  C4    . DC  A 1 18 ? -9.932  -6.757  16.262  1.00 98.83  ? 18  DC  A C4    1 
ATOM   366 N  N4    . DC  A 1 18 ? -10.601 -7.472  15.349  1.00 105.25 ? 18  DC  A N4    1 
ATOM   367 C  C5    . DC  A 1 18 ? -8.948  -7.383  17.080  1.00 99.27  ? 18  DC  A C5    1 
ATOM   368 C  C6    . DC  A 1 18 ? -8.305  -6.626  17.973  1.00 96.71  ? 18  DC  A C6    1 
ATOM   369 P  P     . DT  A 1 19 ? -7.644  -2.389  23.007  1.00 121.52 ? 19  DT  A P     1 
ATOM   370 O  OP1   . DT  A 1 19 ? -6.813  -1.269  23.503  1.00 118.07 ? 19  DT  A OP1   1 
ATOM   371 O  OP2   . DT  A 1 19 ? -7.914  -3.555  23.879  1.00 112.75 ? 19  DT  A OP2   1 
ATOM   372 O  "O5'" . DT  A 1 19 ? -9.040  -1.812  22.501  1.00 108.85 ? 19  DT  A "O5'" 1 
ATOM   373 C  "C5'" . DT  A 1 19 ? -9.094  -1.082  21.289  1.00 100.51 ? 19  DT  A "C5'" 1 
ATOM   374 C  "C4'" . DT  A 1 19 ? -10.516 -0.678  20.977  1.00 108.72 ? 19  DT  A "C4'" 1 
ATOM   375 O  "O4'" . DT  A 1 19 ? -11.069 -1.563  19.961  1.00 107.84 ? 19  DT  A "O4'" 1 
ATOM   376 C  "C3'" . DT  A 1 19 ? -11.474 -0.770  22.157  1.00 110.60 ? 19  DT  A "C3'" 1 
ATOM   377 O  "O3'" . DT  A 1 19 ? -12.473 0.219   22.019  1.00 110.62 ? 19  DT  A "O3'" 1 
ATOM   378 C  "C2'" . DT  A 1 19 ? -12.056 -2.167  21.971  1.00 115.36 ? 19  DT  A "C2'" 1 
ATOM   379 C  "C1'" . DT  A 1 19 ? -12.243 -2.161  20.467  1.00 108.52 ? 19  DT  A "C1'" 1 
ATOM   380 N  N1    . DT  A 1 19 ? -12.406 -3.511  19.840  1.00 100.44 ? 19  DT  A N1    1 
ATOM   381 C  C2    . DT  A 1 19 ? -13.281 -3.648  18.789  1.00 104.95 ? 19  DT  A C2    1 
ATOM   382 O  O2    . DT  A 1 19 ? -13.942 -2.726  18.347  1.00 107.29 ? 19  DT  A O2    1 
ATOM   383 N  N3    . DT  A 1 19 ? -13.360 -4.913  18.268  1.00 104.99 ? 19  DT  A N3    1 
ATOM   384 C  C4    . DT  A 1 19 ? -12.665 -6.032  18.679  1.00 105.01 ? 19  DT  A C4    1 
ATOM   385 O  O4    . DT  A 1 19 ? -12.808 -7.126  18.141  1.00 106.53 ? 19  DT  A O4    1 
ATOM   386 C  C5    . DT  A 1 19 ? -11.762 -5.823  19.784  1.00 101.42 ? 19  DT  A C5    1 
ATOM   387 C  C7    . DT  A 1 19 ? -10.956 -6.969  20.318  1.00 97.37  ? 19  DT  A C7    1 
ATOM   388 C  C6    . DT  A 1 19 ? -11.677 -4.584  20.309  1.00 97.94  ? 19  DT  A C6    1 
ATOM   389 P  P     . DC  A 1 20 ? -12.691 1.332   23.155  1.00 125.22 ? 20  DC  A P     1 
ATOM   390 O  OP1   . DC  A 1 20 ? -11.627 2.352   23.013  1.00 119.56 ? 20  DC  A OP1   1 
ATOM   391 O  OP2   . DC  A 1 20 ? -12.859 0.625   24.445  1.00 128.19 ? 20  DC  A OP2   1 
ATOM   392 O  "O5'" . DC  A 1 20 ? -14.100 1.976   22.761  1.00 125.72 ? 20  DC  A "O5'" 1 
ATOM   393 C  "C5'" . DC  A 1 20 ? -14.593 1.832   21.427  1.00 121.75 ? 20  DC  A "C5'" 1 
ATOM   394 C  "C4'" . DC  A 1 20 ? -15.978 1.204   21.420  1.00 127.16 ? 20  DC  A "C4'" 1 
ATOM   395 O  "O4'" . DC  A 1 20 ? -15.909 -0.165  20.917  1.00 125.37 ? 20  DC  A "O4'" 1 
ATOM   396 C  "C3'" . DC  A 1 20 ? -16.659 1.100   22.793  1.00 124.15 ? 20  DC  A "C3'" 1 
ATOM   397 O  "O3'" . DC  A 1 20 ? -18.047 1.322   22.644  1.00 124.87 ? 20  DC  A "O3'" 1 
ATOM   398 C  "C2'" . DC  A 1 20 ? -16.398 -0.352  23.165  1.00 119.57 ? 20  DC  A "C2'" 1 
ATOM   399 C  "C1'" . DC  A 1 20 ? -16.626 -0.988  21.808  1.00 119.69 ? 20  DC  A "C1'" 1 
ATOM   400 N  N1    . DC  A 1 20 ? -16.156 -2.400  21.694  1.00 113.92 ? 20  DC  A N1    1 
ATOM   401 C  C2    . DC  A 1 20 ? -16.684 -3.226  20.693  1.00 113.61 ? 20  DC  A C2    1 
ATOM   402 O  O2    . DC  A 1 20 ? -17.519 -2.760  19.908  1.00 113.58 ? 20  DC  A O2    1 
ATOM   403 N  N3    . DC  A 1 20 ? -16.259 -4.511  20.606  1.00 110.28 ? 20  DC  A N3    1 
ATOM   404 C  C4    . DC  A 1 20 ? -15.358 -4.975  21.474  1.00 110.89 ? 20  DC  A C4    1 
ATOM   405 N  N4    . DC  A 1 20 ? -14.966 -6.248  21.351  1.00 109.76 ? 20  DC  A N4    1 
ATOM   406 C  C5    . DC  A 1 20 ? -14.818 -4.152  22.506  1.00 109.50 ? 20  DC  A C5    1 
ATOM   407 C  C6    . DC  A 1 20 ? -15.247 -2.887  22.583  1.00 110.93 ? 20  DC  A C6    1 
ATOM   408 P  P     . DA  A 1 21 ? -18.683 2.773   22.899  1.00 140.83 ? 21  DA  A P     1 
ATOM   409 O  OP1   . DA  A 1 21 ? -17.821 3.777   22.236  1.00 140.48 ? 21  DA  A OP1   1 
ATOM   410 O  OP2   . DA  A 1 21 ? -18.953 2.886   24.352  1.00 140.01 ? 21  DA  A OP2   1 
ATOM   411 O  "O5'" . DA  A 1 21 ? -20.087 2.694   22.130  1.00 132.07 ? 21  DA  A "O5'" 1 
ATOM   412 C  "C5'" . DA  A 1 21 ? -20.125 2.300   20.756  1.00 126.41 ? 21  DA  A "C5'" 1 
ATOM   413 C  "C4'" . DA  A 1 21 ? -21.252 1.310   20.496  1.00 125.72 ? 21  DA  A "C4'" 1 
ATOM   414 O  "O4'" . DA  A 1 21 ? -20.746 -0.048  20.588  1.00 127.33 ? 21  DA  A "O4'" 1 
ATOM   415 C  "C3'" . DA  A 1 21 ? -22.429 1.389   21.461  1.00 126.94 ? 21  DA  A "C3'" 1 
ATOM   416 O  "O3'" . DA  A 1 21 ? -23.641 1.165   20.755  1.00 133.42 ? 21  DA  A "O3'" 1 
ATOM   417 C  "C2'" . DA  A 1 21 ? -22.139 0.262   22.451  1.00 123.29 ? 21  DA  A "C2'" 1 
ATOM   418 C  "C1'" . DA  A 1 21 ? -21.480 -0.776  21.554  1.00 119.33 ? 21  DA  A "C1'" 1 
ATOM   419 N  N9    . DA  A 1 21 ? -20.548 -1.649  22.260  1.00 117.59 ? 21  DA  A N9    1 
ATOM   420 C  C8    . DA  A 1 21 ? -19.744 -1.313  23.312  1.00 118.98 ? 21  DA  A C8    1 
ATOM   421 N  N7    . DA  A 1 21 ? -18.994 -2.299  23.743  1.00 112.98 ? 21  DA  A N7    1 
ATOM   422 C  C5    . DA  A 1 21 ? -19.324 -3.355  22.910  1.00 113.86 ? 21  DA  A C5    1 
ATOM   423 C  C6    . DA  A 1 21 ? -18.875 -4.689  22.846  1.00 119.06 ? 21  DA  A C6    1 
ATOM   424 N  N6    . DA  A 1 21 ? -17.955 -5.196  23.672  1.00 116.96 ? 21  DA  A N6    1 
ATOM   425 N  N1    . DA  A 1 21 ? -19.409 -5.485  21.895  1.00 121.25 ? 21  DA  A N1    1 
ATOM   426 C  C2    . DA  A 1 21 ? -20.329 -4.974  21.068  1.00 121.15 ? 21  DA  A C2    1 
ATOM   427 N  N3    . DA  A 1 21 ? -20.829 -3.738  21.032  1.00 117.98 ? 21  DA  A N3    1 
ATOM   428 C  C4    . DA  A 1 21 ? -20.280 -2.972  21.988  1.00 116.70 ? 21  DA  A C4    1 
ATOM   429 P  P     . DG  B 2 1  ? 2.273   2.983   7.293   1.00 91.17  ? 1   DG  B P     1 
ATOM   430 O  OP1   . DG  B 2 1  ? 3.619   3.330   7.805   1.00 72.57  ? 1   DG  B OP1   1 
ATOM   431 O  OP2   . DG  B 2 1  ? 1.389   4.060   6.806   1.00 73.92  ? 1   DG  B OP2   1 
ATOM   432 O  "O5'" . DG  B 2 1  ? 1.474   2.215   8.447   1.00 66.13  ? 1   DG  B "O5'" 1 
ATOM   433 C  "C5'" . DG  B 2 1  ? 2.185   1.453   9.416   1.00 66.01  ? 1   DG  B "C5'" 1 
ATOM   434 C  "C4'" . DG  B 2 1  ? 1.920   -0.031  9.240   1.00 65.69  ? 1   DG  B "C4'" 1 
ATOM   435 O  "O4'" . DG  B 2 1  ? 0.502   -0.271  9.344   1.00 68.75  ? 1   DG  B "O4'" 1 
ATOM   436 C  "C3'" . DG  B 2 1  ? 2.309   -0.594  7.888   1.00 67.21  ? 1   DG  B "C3'" 1 
ATOM   437 O  "O3'" . DG  B 2 1  ? 3.666   -0.991  7.892   1.00 70.69  ? 1   DG  B "O3'" 1 
ATOM   438 C  "C2'" . DG  B 2 1  ? 1.389   -1.796  7.760   1.00 66.37  ? 1   DG  B "C2'" 1 
ATOM   439 C  "C1'" . DG  B 2 1  ? 0.129   -1.317  8.471   1.00 62.82  ? 1   DG  B "C1'" 1 
ATOM   440 N  N9    . DG  B 2 1  ? -0.908  -0.828  7.574   1.00 59.45  ? 1   DG  B N9    1 
ATOM   441 C  C8    . DG  B 2 1  ? -1.371  0.460   7.465   1.00 66.03  ? 1   DG  B C8    1 
ATOM   442 N  N7    . DG  B 2 1  ? -2.320  0.595   6.583   1.00 62.64  ? 1   DG  B N7    1 
ATOM   443 C  C5    . DG  B 2 1  ? -2.496  -0.685  6.076   1.00 67.41  ? 1   DG  B C5    1 
ATOM   444 C  C6    . DG  B 2 1  ? -3.387  -1.157  5.087   1.00 71.04  ? 1   DG  B C6    1 
ATOM   445 O  O6    . DG  B 2 1  ? -4.227  -0.517  4.442   1.00 72.45  ? 1   DG  B O6    1 
ATOM   446 N  N1    . DG  B 2 1  ? -3.243  -2.524  4.871   1.00 69.38  ? 1   DG  B N1    1 
ATOM   447 C  C2    . DG  B 2 1  ? -2.349  -3.334  5.531   1.00 73.53  ? 1   DG  B C2    1 
ATOM   448 N  N2    . DG  B 2 1  ? -2.352  -4.633  5.188   1.00 78.05  ? 1   DG  B N2    1 
ATOM   449 N  N3    . DG  B 2 1  ? -1.504  -2.902  6.459   1.00 70.23  ? 1   DG  B N3    1 
ATOM   450 C  C4    . DG  B 2 1  ? -1.636  -1.570  6.680   1.00 68.10  ? 1   DG  B C4    1 
ATOM   451 P  P     . DG  B 2 2  ? 4.514   -0.916  6.532   1.00 74.34  ? 2   DG  B P     1 
ATOM   452 O  OP1   . DG  B 2 2  ? 5.911   -1.307  6.824   1.00 69.51  ? 2   DG  B OP1   1 
ATOM   453 O  OP2   . DG  B 2 2  ? 4.242   0.408   5.932   1.00 76.89  ? 2   DG  B OP2   1 
ATOM   454 O  "O5'" . DG  B 2 2  ? 3.834   -2.017  5.588   1.00 67.55  ? 2   DG  B "O5'" 1 
ATOM   455 C  "C5'" . DG  B 2 2  ? 4.164   -3.392  5.743   1.00 72.33  ? 2   DG  B "C5'" 1 
ATOM   456 C  "C4'" . DG  B 2 2  ? 3.184   -4.262  4.984   1.00 75.71  ? 2   DG  B "C4'" 1 
ATOM   457 O  "O4'" . DG  B 2 2  ? 1.862   -3.731  5.167   1.00 69.37  ? 2   DG  B "O4'" 1 
ATOM   458 C  "C3'" . DG  B 2 2  ? 3.381   -4.283  3.479   1.00 77.32  ? 2   DG  B "C3'" 1 
ATOM   459 O  "O3'" . DG  B 2 2  ? 4.282   -5.319  3.113   1.00 81.63  ? 2   DG  B "O3'" 1 
ATOM   460 C  "C2'" . DG  B 2 2  ? 1.977   -4.573  2.949   1.00 69.10  ? 2   DG  B "C2'" 1 
ATOM   461 C  "C1'" . DG  B 2 2  ? 1.066   -4.030  4.044   1.00 59.73  ? 2   DG  B "C1'" 1 
ATOM   462 N  N9    . DG  B 2 2  ? 0.349   -2.830  3.670   1.00 60.66  ? 2   DG  B N9    1 
ATOM   463 C  C8    . DG  B 2 2  ? 0.548   -1.567  4.159   1.00 71.68  ? 2   DG  B C8    1 
ATOM   464 N  N7    . DG  B 2 2  ? -0.261  -0.683  3.654   1.00 72.81  ? 2   DG  B N7    1 
ATOM   465 C  C5    . DG  B 2 2  ? -1.046  -1.409  2.774   1.00 60.99  ? 2   DG  B C5    1 
ATOM   466 C  C6    . DG  B 2 2  ? -2.098  -0.985  1.936   1.00 72.89  ? 2   DG  B C6    1 
ATOM   467 O  O6    . DG  B 2 2  ? -2.557  0.155   1.800   1.00 81.53  ? 2   DG  B O6    1 
ATOM   468 N  N1    . DG  B 2 2  ? -2.629  -2.041  1.203   1.00 71.13  ? 2   DG  B N1    1 
ATOM   469 C  C2    . DG  B 2 2  ? -2.197  -3.342  1.274   1.00 69.79  ? 2   DG  B C2    1 
ATOM   470 N  N2    . DG  B 2 2  ? -2.829  -4.227  0.494   1.00 72.70  ? 2   DG  B N2    1 
ATOM   471 N  N3    . DG  B 2 2  ? -1.208  -3.751  2.057   1.00 67.20  ? 2   DG  B N3    1 
ATOM   472 C  C4    . DG  B 2 2  ? -0.685  -2.731  2.774   1.00 64.18  ? 2   DG  B C4    1 
ATOM   473 P  P     . DT  B 2 3  ? 4.906   -5.341  1.632   1.00 101.09 ? 3   DT  B P     1 
ATOM   474 O  OP1   . DT  B 2 3  ? 5.984   -6.356  1.600   1.00 95.06  ? 3   DT  B OP1   1 
ATOM   475 O  OP2   . DT  B 2 3  ? 5.182   -3.935  1.258   1.00 87.29  ? 3   DT  B OP2   1 
ATOM   476 O  "O5'" . DT  B 2 3  ? 3.704   -5.839  0.698   1.00 73.58  ? 3   DT  B "O5'" 1 
ATOM   477 C  "C5'" . DT  B 2 3  ? 3.198   -7.154  0.835   1.00 71.03  ? 3   DT  B "C5'" 1 
ATOM   478 C  "C4'" . DT  B 2 3  ? 2.219   -7.476  -0.280  1.00 72.58  ? 3   DT  B "C4'" 1 
ATOM   479 O  "O4'" . DT  B 2 3  ? 1.147   -6.494  -0.298  1.00 74.80  ? 3   DT  B "O4'" 1 
ATOM   480 C  "C3'" . DT  B 2 3  ? 2.814   -7.478  -1.681  1.00 74.36  ? 3   DT  B "C3'" 1 
ATOM   481 O  "O3'" . DT  B 2 3  ? 2.217   -8.508  -2.447  1.00 76.68  ? 3   DT  B "O3'" 1 
ATOM   482 C  "C2'" . DT  B 2 3  ? 2.449   -6.093  -2.210  1.00 75.62  ? 3   DT  B "C2'" 1 
ATOM   483 C  "C1'" . DT  B 2 3  ? 1.098   -5.849  -1.552  1.00 69.70  ? 3   DT  B "C1'" 1 
ATOM   484 N  N1    . DT  B 2 3  ? 0.811   -4.410  -1.313  1.00 64.92  ? 3   DT  B N1    1 
ATOM   485 C  C2    . DT  B 2 3  ? -0.274  -3.828  -1.919  1.00 73.89  ? 3   DT  B C2    1 
ATOM   486 O  O2    . DT  B 2 3  ? -1.026  -4.430  -2.662  1.00 78.10  ? 3   DT  B O2    1 
ATOM   487 N  N3    . DT  B 2 3  ? -0.442  -2.497  -1.627  1.00 79.21  ? 3   DT  B N3    1 
ATOM   488 C  C4    . DT  B 2 3  ? 0.347   -1.715  -0.805  1.00 73.59  ? 3   DT  B C4    1 
ATOM   489 O  O4    . DT  B 2 3  ? 0.116   -0.528  -0.607  1.00 78.82  ? 3   DT  B O4    1 
ATOM   490 C  C5    . DT  B 2 3  ? 1.465   -2.392  -0.198  1.00 60.85  ? 3   DT  B C5    1 
ATOM   491 C  C7    . DT  B 2 3  ? 2.394   -1.647  0.715   1.00 67.70  ? 3   DT  B C7    1 
ATOM   492 C  C6    . DT  B 2 3  ? 1.639   -3.691  -0.477  1.00 66.10  ? 3   DT  B C6    1 
ATOM   493 P  P     . DC  B 2 4  ? 2.851   -8.958  -3.854  1.00 93.76  ? 4   DC  B P     1 
ATOM   494 O  OP1   . DC  B 2 4  ? 3.253   -10.377 -3.730  1.00 91.28  ? 4   DC  B OP1   1 
ATOM   495 O  OP2   . DC  B 2 4  ? 3.854   -7.954  -4.283  1.00 85.79  ? 4   DC  B OP2   1 
ATOM   496 O  "O5'" . DC  B 2 4  ? 1.604   -8.862  -4.843  1.00 73.38  ? 4   DC  B "O5'" 1 
ATOM   497 C  "C5'" . DC  B 2 4  ? 0.657   -7.837  -4.653  1.00 67.18  ? 4   DC  B "C5'" 1 
ATOM   498 C  "C4'" . DC  B 2 4  ? -0.280  -7.745  -5.831  1.00 77.06  ? 4   DC  B "C4'" 1 
ATOM   499 O  "O4'" . DC  B 2 4  ? -0.931  -6.454  -5.820  1.00 84.64  ? 4   DC  B "O4'" 1 
ATOM   500 C  "C3'" . DC  B 2 4  ? 0.387   -7.812  -7.185  1.00 73.77  ? 4   DC  B "C3'" 1 
ATOM   501 O  "O3'" . DC  B 2 4  ? -0.590  -8.145  -8.157  1.00 75.97  ? 4   DC  B "O3'" 1 
ATOM   502 C  "C2'" . DC  B 2 4  ? 0.878   -6.378  -7.350  1.00 72.53  ? 4   DC  B "C2'" 1 
ATOM   503 C  "C1'" . DC  B 2 4  ? -0.276  -5.583  -6.731  1.00 79.41  ? 4   DC  B "C1'" 1 
ATOM   504 N  N1    . DC  B 2 4  ? 0.159   -4.384  -5.975  1.00 72.61  ? 4   DC  B N1    1 
ATOM   505 C  C2    . DC  B 2 4  ? -0.570  -3.193  -6.086  1.00 78.49  ? 4   DC  B C2    1 
ATOM   506 O  O2    . DC  B 2 4  ? -1.557  -3.160  -6.831  1.00 83.49  ? 4   DC  B O2    1 
ATOM   507 N  N3    . DC  B 2 4  ? -0.166  -2.109  -5.373  1.00 76.29  ? 4   DC  B N3    1 
ATOM   508 C  C4    . DC  B 2 4  ? 0.905   -2.195  -4.583  1.00 78.38  ? 4   DC  B C4    1 
ATOM   509 N  N4    . DC  B 2 4  ? 1.272   -1.107  -3.898  1.00 79.07  ? 4   DC  B N4    1 
ATOM   510 C  C5    . DC  B 2 4  ? 1.652   -3.402  -4.460  1.00 76.84  ? 4   DC  B C5    1 
ATOM   511 C  C6    . DC  B 2 4  ? 1.246   -4.459  -5.163  1.00 73.15  ? 4   DC  B C6    1 
ATOM   512 P  P     . DA  B 2 5  ? -0.167  -8.466  -9.667  1.00 72.39  ? 5   DA  B P     1 
ATOM   513 O  OP1   . DA  B 2 5  ? -1.126  -9.460  -10.195 1.00 72.87  ? 5   DA  B OP1   1 
ATOM   514 O  OP2   . DA  B 2 5  ? 1.279   -8.769  -9.665  1.00 72.99  ? 5   DA  B OP2   1 
ATOM   515 O  "O5'" . DA  B 2 5  ? -0.414  -7.080  -10.429 1.00 71.26  ? 5   DA  B "O5'" 1 
ATOM   516 C  "C5'" . DA  B 2 5  ? -1.747  -6.649  -10.686 1.00 73.56  ? 5   DA  B "C5'" 1 
ATOM   517 C  "C4'" . DA  B 2 5  ? -1.773  -5.228  -11.233 1.00 77.92  ? 5   DA  B "C4'" 1 
ATOM   518 O  "O4'" . DA  B 2 5  ? -1.247  -4.305  -10.242 1.00 83.25  ? 5   DA  B "O4'" 1 
ATOM   519 C  "C3'" . DA  B 2 5  ? -0.941  -4.995  -12.498 1.00 67.93  ? 5   DA  B "C3'" 1 
ATOM   520 O  "O3'" . DA  B 2 5  ? -1.623  -4.103  -13.355 1.00 64.26  ? 5   DA  B "O3'" 1 
ATOM   521 C  "C2'" . DA  B 2 5  ? 0.314   -4.341  -11.948 1.00 68.83  ? 5   DA  B "C2'" 1 
ATOM   522 C  "C1'" . DA  B 2 5  ? -0.296  -3.477  -10.865 1.00 71.66  ? 5   DA  B "C1'" 1 
ATOM   523 N  N9    . DA  B 2 5  ? 0.665   -3.024  -9.873  1.00 74.06  ? 5   DA  B N9    1 
ATOM   524 C  C8    . DA  B 2 5  ? 1.715   -3.729  -9.359  1.00 77.91  ? 5   DA  B C8    1 
ATOM   525 N  N7    . DA  B 2 5  ? 2.425   -3.057  -8.483  1.00 75.44  ? 5   DA  B N7    1 
ATOM   526 C  C5    . DA  B 2 5  ? 1.799   -1.823  -8.430  1.00 75.38  ? 5   DA  B C5    1 
ATOM   527 C  C6    . DA  B 2 5  ? 2.065   -0.656  -7.690  1.00 77.36  ? 5   DA  B C6    1 
ATOM   528 N  N6    . DA  B 2 5  ? 3.079   -0.547  -6.828  1.00 88.62  ? 5   DA  B N6    1 
ATOM   529 N  N1    . DA  B 2 5  ? 1.242   0.400   -7.870  1.00 81.76  ? 5   DA  B N1    1 
ATOM   530 C  C2    . DA  B 2 5  ? 0.228   0.286   -8.733  1.00 84.00  ? 5   DA  B C2    1 
ATOM   531 N  N3    . DA  B 2 5  ? -0.119  -0.755  -9.486  1.00 78.86  ? 5   DA  B N3    1 
ATOM   532 C  C4    . DA  B 2 5  ? 0.715   -1.786  -9.283  1.00 75.59  ? 5   DA  B C4    1 
ATOM   533 O  "O5'" . DT  C 3 1  ? -17.168 -12.004 31.778  1.00 128.12 ? 1   DT  C "O5'" 1 
ATOM   534 C  "C5'" . DT  C 3 1  ? -17.242 -13.390 32.094  1.00 126.54 ? 1   DT  C "C5'" 1 
ATOM   535 C  "C4'" . DT  C 3 1  ? -17.921 -14.167 30.980  1.00 122.43 ? 1   DT  C "C4'" 1 
ATOM   536 O  "O4'" . DT  C 3 1  ? -19.126 -13.475 30.562  1.00 128.19 ? 1   DT  C "O4'" 1 
ATOM   537 C  "C3'" . DT  C 3 1  ? -17.093 -14.346 29.714  1.00 117.22 ? 1   DT  C "C3'" 1 
ATOM   538 O  "O3'" . DT  C 3 1  ? -17.397 -15.592 29.124  1.00 124.25 ? 1   DT  C "O3'" 1 
ATOM   539 C  "C2'" . DT  C 3 1  ? -17.569 -13.193 28.839  1.00 123.30 ? 1   DT  C "C2'" 1 
ATOM   540 C  "C1'" . DT  C 3 1  ? -19.047 -13.169 29.182  1.00 123.12 ? 1   DT  C "C1'" 1 
ATOM   541 N  N1    . DT  C 3 1  ? -19.693 -11.852 28.963  1.00 124.23 ? 1   DT  C N1    1 
ATOM   542 C  C2    . DT  C 3 1  ? -20.686 -11.740 28.018  1.00 127.44 ? 1   DT  C C2    1 
ATOM   543 O  O2    . DT  C 3 1  ? -21.061 -12.675 27.330  1.00 125.07 ? 1   DT  C O2    1 
ATOM   544 N  N3    . DT  C 3 1  ? -21.225 -10.487 27.900  1.00 126.98 ? 1   DT  C N3    1 
ATOM   545 C  C4    . DT  C 3 1  ? -20.879 -9.358  28.622  1.00 125.54 ? 1   DT  C C4    1 
ATOM   546 O  O4    . DT  C 3 1  ? -21.423 -8.273  28.444  1.00 120.75 ? 1   DT  C O4    1 
ATOM   547 C  C5    . DT  C 3 1  ? -19.831 -9.548  29.600  1.00 123.49 ? 1   DT  C C5    1 
ATOM   548 C  C7    . DT  C 3 1  ? -19.369 -8.397  30.442  1.00 121.15 ? 1   DT  C C7    1 
ATOM   549 C  C6    . DT  C 3 1  ? -19.297 -10.771 29.723  1.00 121.28 ? 1   DT  C C6    1 
ATOM   550 P  P     . DC  C 3 2  ? -16.613 -16.072 27.809  1.00 136.64 ? 2   DC  C P     1 
ATOM   551 O  OP1   . DC  C 3 2  ? -16.547 -17.549 27.832  1.00 127.86 ? 2   DC  C OP1   1 
ATOM   552 O  OP2   . DC  C 3 2  ? -15.364 -15.284 27.717  1.00 134.90 ? 2   DC  C OP2   1 
ATOM   553 O  "O5'" . DC  C 3 2  ? -17.565 -15.623 26.607  1.00 123.50 ? 2   DC  C "O5'" 1 
ATOM   554 C  "C5'" . DC  C 3 2  ? -17.211 -15.955 25.273  1.00 120.15 ? 2   DC  C "C5'" 1 
ATOM   555 C  "C4'" . DC  C 3 2  ? -18.430 -15.947 24.376  1.00 120.78 ? 2   DC  C "C4'" 1 
ATOM   556 O  "O4'" . DC  C 3 2  ? -19.298 -14.853 24.766  1.00 119.41 ? 2   DC  C "O4'" 1 
ATOM   557 C  "C3'" . DC  C 3 2  ? -18.132 -15.714 22.903  1.00 122.29 ? 2   DC  C "C3'" 1 
ATOM   558 O  "O3'" . DC  C 3 2  ? -19.166 -16.279 22.110  1.00 126.32 ? 2   DC  C "O3'" 1 
ATOM   559 C  "C2'" . DC  C 3 2  ? -18.142 -14.197 22.826  1.00 125.99 ? 2   DC  C "C2'" 1 
ATOM   560 C  "C1'" . DC  C 3 2  ? -19.314 -13.874 23.744  1.00 122.10 ? 2   DC  C "C1'" 1 
ATOM   561 N  N1    . DC  C 3 2  ? -19.224 -12.536 24.375  1.00 124.98 ? 2   DC  C N1    1 
ATOM   562 C  C2    . DC  C 3 2  ? -20.107 -11.528 23.978  1.00 127.42 ? 2   DC  C C2    1 
ATOM   563 O  O2    . DC  C 3 2  ? -20.948 -11.772 23.106  1.00 129.77 ? 2   DC  C O2    1 
ATOM   564 N  N3    . DC  C 3 2  ? -20.014 -10.309 24.563  1.00 125.22 ? 2   DC  C N3    1 
ATOM   565 C  C4    . DC  C 3 2  ? -19.091 -10.087 25.501  1.00 127.52 ? 2   DC  C C4    1 
ATOM   566 N  N4    . DC  C 3 2  ? -19.038 -8.870  26.050  1.00 127.65 ? 2   DC  C N4    1 
ATOM   567 C  C5    . DC  C 3 2  ? -18.180 -11.104 25.915  1.00 125.52 ? 2   DC  C C5    1 
ATOM   568 C  C6    . DC  C 3 2  ? -18.282 -12.302 25.332  1.00 122.37 ? 2   DC  C C6    1 
ATOM   569 P  P     . DT  C 3 3  ? -19.001 -16.392 20.516  1.00 146.57 ? 3   DT  C P     1 
ATOM   570 O  OP1   . DT  C 3 3  ? -20.036 -17.323 20.015  1.00 140.60 ? 3   DT  C OP1   1 
ATOM   571 O  OP2   . DT  C 3 3  ? -17.573 -16.654 20.233  1.00 140.56 ? 3   DT  C OP2   1 
ATOM   572 O  "O5'" . DT  C 3 3  ? -19.341 -14.923 19.985  1.00 133.14 ? 3   DT  C "O5'" 1 
ATOM   573 C  "C5'" . DT  C 3 3  ? -20.623 -14.355 20.234  1.00 126.50 ? 3   DT  C "C5'" 1 
ATOM   574 C  "C4'" . DT  C 3 3  ? -20.851 -13.147 19.348  1.00 131.81 ? 3   DT  C "C4'" 1 
ATOM   575 O  "O4'" . DT  C 3 3  ? -20.676 -11.924 20.116  1.00 137.33 ? 3   DT  C "O4'" 1 
ATOM   576 C  "C3'" . DT  C 3 3  ? -19.893 -13.033 18.164  1.00 124.79 ? 3   DT  C "C3'" 1 
ATOM   577 O  "O3'" . DT  C 3 3  ? -20.591 -12.542 17.046  1.00 124.66 ? 3   DT  C "O3'" 1 
ATOM   578 C  "C2'" . DT  C 3 3  ? -18.872 -12.018 18.662  1.00 127.29 ? 3   DT  C "C2'" 1 
ATOM   579 C  "C1'" . DT  C 3 3  ? -19.777 -11.078 19.432  1.00 128.84 ? 3   DT  C "C1'" 1 
ATOM   580 N  N1    . DT  C 3 3  ? -19.064 -10.235 20.429  1.00 125.72 ? 3   DT  C N1    1 
ATOM   581 C  C2    . DT  C 3 3  ? -19.479 -8.938  20.633  1.00 125.36 ? 3   DT  C C2    1 
ATOM   582 O  O2    . DT  C 3 3  ? -20.413 -8.431  20.032  1.00 122.57 ? 3   DT  C O2    1 
ATOM   583 N  N3    . DT  C 3 3  ? -18.759 -8.249  21.573  1.00 122.67 ? 3   DT  C N3    1 
ATOM   584 C  C4    . DT  C 3 3  ? -17.689 -8.719  22.312  1.00 124.42 ? 3   DT  C C4    1 
ATOM   585 O  O4    . DT  C 3 3  ? -17.105 -8.023  23.137  1.00 127.17 ? 3   DT  C O4    1 
ATOM   586 C  C5    . DT  C 3 3  ? -17.306 -10.086 22.046  1.00 121.20 ? 3   DT  C C5    1 
ATOM   587 C  C7    . DT  C 3 3  ? -16.158 -10.705 22.786  1.00 116.64 ? 3   DT  C C7    1 
ATOM   588 C  C6    . DT  C 3 3  ? -18.002 -10.769 21.128  1.00 120.89 ? 3   DT  C C6    1 
ATOM   589 P  P     . DG  C 3 4  ? -20.803 -13.475 15.759  1.00 143.54 ? 4   DG  C P     1 
ATOM   590 O  OP1   . DG  C 3 4  ? -22.242 -13.433 15.407  1.00 133.28 ? 4   DG  C OP1   1 
ATOM   591 O  OP2   . DG  C 3 4  ? -20.134 -14.766 16.041  1.00 136.55 ? 4   DG  C OP2   1 
ATOM   592 O  "O5'" . DG  C 3 4  ? -19.970 -12.734 14.614  1.00 137.40 ? 4   DG  C "O5'" 1 
ATOM   593 C  "C5'" . DG  C 3 4  ? -20.608 -12.356 13.404  1.00 128.21 ? 4   DG  C "C5'" 1 
ATOM   594 C  "C4'" . DG  C 3 4  ? -21.123 -10.930 13.480  1.00 126.00 ? 4   DG  C "C4'" 1 
ATOM   595 O  "O4'" . DG  C 3 4  ? -20.738 -10.331 14.746  1.00 125.24 ? 4   DG  C "O4'" 1 
ATOM   596 C  "C3'" . DG  C 3 4  ? -20.575 -10.002 12.410  1.00 121.69 ? 4   DG  C "C3'" 1 
ATOM   597 O  "O3'" . DG  C 3 4  ? -21.533 -9.012  12.106  1.00 125.52 ? 4   DG  C "O3'" 1 
ATOM   598 C  "C2'" . DG  C 3 4  ? -19.350 -9.404  13.093  1.00 115.48 ? 4   DG  C "C2'" 1 
ATOM   599 C  "C1'" . DG  C 3 4  ? -19.855 -9.247  14.519  1.00 118.43 ? 4   DG  C "C1'" 1 
ATOM   600 N  N9    . DG  C 3 4  ? -18.799 -9.301  15.527  1.00 119.71 ? 4   DG  C N9    1 
ATOM   601 C  C8    . DG  C 3 4  ? -17.974 -10.364 15.803  1.00 121.73 ? 4   DG  C C8    1 
ATOM   602 N  N7    . DG  C 3 4  ? -17.126 -10.130 16.766  1.00 117.83 ? 4   DG  C N7    1 
ATOM   603 C  C5    . DG  C 3 4  ? -17.409 -8.829  17.159  1.00 117.60 ? 4   DG  C C5    1 
ATOM   604 C  C6    . DG  C 3 4  ? -16.813 -8.029  18.164  1.00 116.87 ? 4   DG  C C6    1 
ATOM   605 O  O6    . DG  C 3 4  ? -15.887 -8.324  18.934  1.00 114.44 ? 4   DG  C O6    1 
ATOM   606 N  N1    . DG  C 3 4  ? -17.399 -6.767  18.232  1.00 117.97 ? 4   DG  C N1    1 
ATOM   607 C  C2    . DG  C 3 4  ? -18.428 -6.332  17.430  1.00 117.50 ? 4   DG  C C2    1 
ATOM   608 N  N2    . DG  C 3 4  ? -18.861 -5.081  17.644  1.00 112.97 ? 4   DG  C N2    1 
ATOM   609 N  N3    . DG  C 3 4  ? -18.995 -7.071  16.484  1.00 117.07 ? 4   DG  C N3    1 
ATOM   610 C  C4    . DG  C 3 4  ? -18.437 -8.303  16.405  1.00 117.44 ? 4   DG  C C4    1 
ATOM   611 P  P     . DA  C 3 5  ? -21.394 -8.163  10.753  1.00 143.99 ? 5   DA  C P     1 
ATOM   612 O  OP1   . DA  C 3 5  ? -22.752 -7.937  10.211  1.00 139.55 ? 5   DA  C OP1   1 
ATOM   613 O  OP2   . DA  C 3 5  ? -20.360 -8.817  9.922   1.00 133.08 ? 5   DA  C OP2   1 
ATOM   614 O  "O5'" . DA  C 3 5  ? -20.803 -6.771  11.248  1.00 119.34 ? 5   DA  C "O5'" 1 
ATOM   615 C  "C5'" . DA  C 3 5  ? -21.618 -5.887  11.985  1.00 119.07 ? 5   DA  C "C5'" 1 
ATOM   616 C  "C4'" . DA  C 3 5  ? -20.949 -4.536  12.117  1.00 119.25 ? 5   DA  C "C4'" 1 
ATOM   617 O  "O4'" . DA  C 3 5  ? -19.897 -4.610  13.110  1.00 117.64 ? 5   DA  C "O4'" 1 
ATOM   618 C  "C3'" . DA  C 3 5  ? -20.281 -4.022  10.851  1.00 115.94 ? 5   DA  C "C3'" 1 
ATOM   619 O  "O3'" . DA  C 3 5  ? -20.335 -2.613  10.831  1.00 116.27 ? 5   DA  C "O3'" 1 
ATOM   620 C  "C2'" . DA  C 3 5  ? -18.848 -4.522  11.004  1.00 114.35 ? 5   DA  C "C2'" 1 
ATOM   621 C  "C1'" . DA  C 3 5  ? -18.641 -4.379  12.504  1.00 113.92 ? 5   DA  C "C1'" 1 
ATOM   622 N  N9    . DA  C 3 5  ? -17.696 -5.335  13.065  1.00 115.26 ? 5   DA  C N9    1 
ATOM   623 C  C8    . DA  C 3 5  ? -17.476 -6.622  12.658  1.00 117.08 ? 5   DA  C C8    1 
ATOM   624 N  N7    . DA  C 3 5  ? -16.567 -7.252  13.368  1.00 113.11 ? 5   DA  C N7    1 
ATOM   625 C  C5    . DA  C 3 5  ? -16.173 -6.312  14.308  1.00 111.89 ? 5   DA  C C5    1 
ATOM   626 C  C6    . DA  C 3 5  ? -15.238 -6.351  15.359  1.00 113.61 ? 5   DA  C C6    1 
ATOM   627 N  N6    . DA  C 3 5  ? -14.495 -7.425  15.648  1.00 116.86 ? 5   DA  C N6    1 
ATOM   628 N  N1    . DA  C 3 5  ? -15.092 -5.237  16.108  1.00 111.50 ? 5   DA  C N1    1 
ATOM   629 C  C2    . DA  C 3 5  ? -15.835 -4.164  15.819  1.00 111.61 ? 5   DA  C C2    1 
ATOM   630 N  N3    . DA  C 3 5  ? -16.743 -4.009  14.861  1.00 114.80 ? 5   DA  C N3    1 
ATOM   631 C  C4    . DA  C 3 5  ? -16.865 -5.130  14.135  1.00 114.33 ? 5   DA  C C4    1 
ATOM   632 P  P     . DG  C 3 6  ? -20.357 -1.830  9.430   1.00 135.89 ? 6   DG  C P     1 
ATOM   633 O  OP1   . DG  C 3 6  ? -21.625 -1.068  9.350   1.00 132.74 ? 6   DG  C OP1   1 
ATOM   634 O  OP2   . DG  C 3 6  ? -20.005 -2.807  8.373   1.00 130.14 ? 6   DG  C OP2   1 
ATOM   635 O  "O5'" . DG  C 3 6  ? -19.145 -0.800  9.561   1.00 130.47 ? 6   DG  C "O5'" 1 
ATOM   636 C  "C5'" . DG  C 3 6  ? -17.890 -1.254  10.037  1.00 120.42 ? 6   DG  C "C5'" 1 
ATOM   637 C  "C4'" . DG  C 3 6  ? -17.388 -0.362  11.149  1.00 114.85 ? 6   DG  C "C4'" 1 
ATOM   638 O  "O4'" . DG  C 3 6  ? -16.913 -1.183  12.245  1.00 107.68 ? 6   DG  C "O4'" 1 
ATOM   639 C  "C3'" . DG  C 3 6  ? -16.226 0.531   10.749  1.00 105.72 ? 6   DG  C "C3'" 1 
ATOM   640 O  "O3'" . DG  C 3 6  ? -16.294 1.772   11.424  1.00 109.15 ? 6   DG  C "O3'" 1 
ATOM   641 C  "C2'" . DG  C 3 6  ? -15.005 -0.276  11.171  1.00 104.12 ? 6   DG  C "C2'" 1 
ATOM   642 C  "C1'" . DG  C 3 6  ? -15.511 -1.066  12.376  1.00 101.35 ? 6   DG  C "C1'" 1 
ATOM   643 N  N9    . DG  C 3 6  ? -14.937 -2.406  12.443  1.00 102.73 ? 6   DG  C N9    1 
ATOM   644 C  C8    . DG  C 3 6  ? -15.214 -3.467  11.614  1.00 103.79 ? 6   DG  C C8    1 
ATOM   645 N  N7    . DG  C 3 6  ? -14.531 -4.541  11.898  1.00 105.33 ? 6   DG  C N7    1 
ATOM   646 C  C5    . DG  C 3 6  ? -13.746 -4.168  12.982  1.00 103.08 ? 6   DG  C C5    1 
ATOM   647 C  C6    . DG  C 3 6  ? -12.800 -4.918  13.723  1.00 103.18 ? 6   DG  C C6    1 
ATOM   648 O  O6    . DG  C 3 6  ? -12.460 -6.099  13.561  1.00 104.17 ? 6   DG  C O6    1 
ATOM   649 N  N1    . DG  C 3 6  ? -12.227 -4.160  14.742  1.00 97.95  ? 6   DG  C N1    1 
ATOM   650 C  C2    . DG  C 3 6  ? -12.528 -2.845  15.009  1.00 97.95  ? 6   DG  C C2    1 
ATOM   651 N  N2    . DG  C 3 6  ? -11.874 -2.275  16.033  1.00 99.86  ? 6   DG  C N2    1 
ATOM   652 N  N3    . DG  C 3 6  ? -13.412 -2.132  14.321  1.00 96.61  ? 6   DG  C N3    1 
ATOM   653 C  C4    . DG  C 3 6  ? -13.980 -2.855  13.325  1.00 100.30 ? 6   DG  C C4    1 
ATOM   654 P  P     . DT  C 3 7  ? -15.345 2.984   10.960  1.00 118.22 ? 7   DT  C P     1 
ATOM   655 O  OP1   . DT  C 3 7  ? -15.920 4.248   11.479  1.00 116.74 ? 7   DT  C OP1   1 
ATOM   656 O  OP2   . DT  C 3 7  ? -15.097 2.818   9.512   1.00 107.76 ? 7   DT  C OP2   1 
ATOM   657 O  "O5'" . DT  C 3 7  ? -13.975 2.708   11.735  1.00 111.32 ? 7   DT  C "O5'" 1 
ATOM   658 C  "C5'" . DT  C 3 7  ? -13.995 2.562   13.147  1.00 104.07 ? 7   DT  C "C5'" 1 
ATOM   659 C  "C4'" . DT  C 3 7  ? -12.600 2.359   13.702  1.00 105.62 ? 7   DT  C "C4'" 1 
ATOM   660 O  "O4'" . DT  C 3 7  ? -12.239 0.957   13.649  1.00 104.48 ? 7   DT  C "O4'" 1 
ATOM   661 C  "C3'" . DT  C 3 7  ? -11.483 3.120   12.982  1.00 100.02 ? 7   DT  C "C3'" 1 
ATOM   662 O  "O3'" . DT  C 3 7  ? -10.708 3.791   13.958  1.00 100.50 ? 7   DT  C "O3'" 1 
ATOM   663 C  "C2'" . DT  C 3 7  ? -10.689 2.005   12.284  1.00 93.54  ? 7   DT  C "C2'" 1 
ATOM   664 C  "C1'" . DT  C 3 7  ? -10.897 0.849   13.243  1.00 95.21  ? 7   DT  C "C1'" 1 
ATOM   665 N  N1    . DT  C 3 7  ? -10.711 -0.499  12.641  1.00 90.53  ? 7   DT  C N1    1 
ATOM   666 C  C2    . DT  C 3 7  ? -9.763  -1.354  13.169  1.00 92.89  ? 7   DT  C C2    1 
ATOM   667 O  O2    . DT  C 3 7  ? -9.034  -1.055  14.099  1.00 91.63  ? 7   DT  C O2    1 
ATOM   668 N  N3    . DT  C 3 7  ? -9.694  -2.581  12.553  1.00 90.50  ? 7   DT  C N3    1 
ATOM   669 C  C4    . DT  C 3 7  ? -10.466 -3.022  11.491  1.00 92.09  ? 7   DT  C C4    1 
ATOM   670 O  O4    . DT  C 3 7  ? -10.333 -4.137  11.003  1.00 97.52  ? 7   DT  C O4    1 
ATOM   671 C  C5    . DT  C 3 7  ? -11.441 -2.078  10.998  1.00 90.66  ? 7   DT  C C5    1 
ATOM   672 C  C7    . DT  C 3 7  ? -12.332 -2.448  9.851   1.00 93.52  ? 7   DT  C C7    1 
ATOM   673 C  C6    . DT  C 3 7  ? -11.518 -0.880  11.591  1.00 88.64  ? 7   DT  C C6    1 
ATOM   674 P  P     . DG  C 3 8  ? -9.571  4.847   13.552  1.00 109.45 ? 8   DG  C P     1 
ATOM   675 O  OP1   . DG  C 3 8  ? -9.988  6.162   14.093  1.00 98.75  ? 8   DG  C OP1   1 
ATOM   676 O  OP2   . DG  C 3 8  ? -9.246  4.704   12.115  1.00 105.62 ? 8   DG  C OP2   1 
ATOM   677 O  "O5'" . DG  C 3 8  ? -8.312  4.340   14.390  1.00 94.61  ? 8   DG  C "O5'" 1 
ATOM   678 C  "C5'" . DG  C 3 8  ? -8.241  2.976   14.779  1.00 82.16  ? 8   DG  C "C5'" 1 
ATOM   679 C  "C4'" . DG  C 3 8  ? -6.860  2.639   15.287  1.00 85.26  ? 8   DG  C "C4'" 1 
ATOM   680 O  "O4'" . DG  C 3 8  ? -6.486  1.325   14.814  1.00 90.68  ? 8   DG  C "O4'" 1 
ATOM   681 C  "C3'" . DG  C 3 8  ? -5.766  3.539   14.767  1.00 84.15  ? 8   DG  C "C3'" 1 
ATOM   682 O  "O3'" . DG  C 3 8  ? -4.629  3.405   15.590  1.00 84.13  ? 8   DG  C "O3'" 1 
ATOM   683 C  "C2'" . DG  C 3 8  ? -5.527  2.950   13.380  1.00 83.17  ? 8   DG  C "C2'" 1 
ATOM   684 C  "C1'" . DG  C 3 8  ? -5.693  1.451   13.644  1.00 87.05  ? 8   DG  C "C1'" 1 
ATOM   685 N  N9    . DG  C 3 8  ? -6.369  0.736   12.569  1.00 86.00  ? 8   DG  C N9    1 
ATOM   686 C  C8    . DG  C 3 8  ? -7.361  1.217   11.750  1.00 88.19  ? 8   DG  C C8    1 
ATOM   687 N  N7    . DG  C 3 8  ? -7.790  0.341   10.886  1.00 81.20  ? 8   DG  C N7    1 
ATOM   688 C  C5    . DG  C 3 8  ? -7.041  -0.795  11.153  1.00 79.17  ? 8   DG  C C5    1 
ATOM   689 C  C6    . DG  C 3 8  ? -7.063  -2.068  10.536  1.00 85.21  ? 8   DG  C C6    1 
ATOM   690 O  O6    . DG  C 3 8  ? -7.777  -2.457  9.603   1.00 84.54  ? 8   DG  C O6    1 
ATOM   691 N  N1    . DG  C 3 8  ? -6.141  -2.937  11.113  1.00 82.46  ? 8   DG  C N1    1 
ATOM   692 C  C2    . DG  C 3 8  ? -5.301  -2.615  12.152  1.00 78.79  ? 8   DG  C C2    1 
ATOM   693 N  N2    . DG  C 3 8  ? -4.481  -3.585  12.572  1.00 82.91  ? 8   DG  C N2    1 
ATOM   694 N  N3    . DG  C 3 8  ? -5.267  -1.425  12.737  1.00 78.79  ? 8   DG  C N3    1 
ATOM   695 C  C4    . DG  C 3 8  ? -6.163  -0.569  12.189  1.00 79.40  ? 8   DG  C C4    1 
ATOM   696 P  P     . DC  C 3 9  ? -3.271  4.172   15.224  1.00 96.43  ? 9   DC  C P     1 
ATOM   697 O  OP1   . DC  C 3 9  ? -2.469  4.278   16.465  1.00 85.22  ? 9   DC  C OP1   1 
ATOM   698 O  OP2   . DC  C 3 9  ? -3.663  5.386   14.474  1.00 78.58  ? 9   DC  C OP2   1 
ATOM   699 O  "O5'" . DC  C 3 9  ? -2.519  3.164   14.233  1.00 90.59  ? 9   DC  C "O5'" 1 
ATOM   700 C  "C5'" . DC  C 3 9  ? -2.215  1.844   14.668  1.00 85.90  ? 9   DC  C "C5'" 1 
ATOM   701 C  "C4'" . DC  C 3 9  ? -1.519  1.045   13.577  1.00 89.41  ? 9   DC  C "C4'" 1 
ATOM   702 O  "O4'" . DC  C 3 9  ? -2.492  0.519   12.636  1.00 89.73  ? 9   DC  C "O4'" 1 
ATOM   703 C  "C3'" . DC  C 3 9  ? -0.503  1.822   12.730  1.00 76.03  ? 9   DC  C "C3'" 1 
ATOM   704 O  "O3'" . DC  C 3 9  ? 0.670   1.053   12.594  1.00 76.03  ? 9   DC  C "O3'" 1 
ATOM   705 C  "C2'" . DC  C 3 9  ? -1.212  1.956   11.387  1.00 76.03  ? 9   DC  C "C2'" 1 
ATOM   706 C  "C1'" . DC  C 3 9  ? -1.947  0.638   11.351  1.00 76.03  ? 9   DC  C "C1'" 1 
ATOM   707 N  N1    . DC  C 3 9  ? -3.032  0.574   10.352  1.00 76.03  ? 9   DC  C N1    1 
ATOM   708 C  C2    . DC  C 3 9  ? -3.264  -0.625  9.686   1.00 76.03  ? 9   DC  C C2    1 
ATOM   709 O  O2    . DC  C 3 9  ? -2.558  -1.602  9.954   1.00 76.03  ? 9   DC  C O2    1 
ATOM   710 N  N3    . DC  C 3 9  ? -4.249  -0.683  8.763   1.00 76.03  ? 9   DC  C N3    1 
ATOM   711 C  C4    . DC  C 3 9  ? -4.985  0.400   8.506   1.00 77.78  ? 9   DC  C C4    1 
ATOM   712 N  N4    . DC  C 3 9  ? -5.949  0.293   7.589   1.00 87.51  ? 9   DC  C N4    1 
ATOM   713 C  C5    . DC  C 3 9  ? -4.763  1.639   9.178   1.00 76.03  ? 9   DC  C C5    1 
ATOM   714 C  C6    . DC  C 3 9  ? -3.783  1.680   10.084  1.00 76.03  ? 9   DC  C C6    1 
ATOM   715 P  P     . DC  D 4 1  ? 3.023   -2.789  -16.491 1.00 98.40  ? 10  DC  D P     1 
ATOM   716 O  OP1   . DC  D 4 1  ? 2.258   -3.147  -17.707 1.00 95.53  ? 10  DC  D OP1   1 
ATOM   717 O  OP2   . DC  D 4 1  ? 4.220   -3.565  -16.110 1.00 94.16  ? 10  DC  D OP2   1 
ATOM   718 O  "O5'" . DC  D 4 1  ? 2.041   -2.873  -15.239 1.00 82.32  ? 10  DC  D "O5'" 1 
ATOM   719 C  "C5'" . DC  D 4 1  ? 0.658   -2.614  -15.411 1.00 85.14  ? 10  DC  D "C5'" 1 
ATOM   720 C  "C4'" . DC  D 4 1  ? 0.280   -1.296  -14.769 1.00 82.36  ? 10  DC  D "C4'" 1 
ATOM   721 O  "O4'" . DC  D 4 1  ? 0.583   -1.356  -13.365 1.00 75.95  ? 10  DC  D "O4'" 1 
ATOM   722 C  "C3'" . DC  D 4 1  ? 1.056   -0.098  -15.274 1.00 84.70  ? 10  DC  D "C3'" 1 
ATOM   723 O  "O3'" . DC  D 4 1  ? 0.413   0.445   -16.416 1.00 95.49  ? 10  DC  D "O3'" 1 
ATOM   724 C  "C2'" . DC  D 4 1  ? 1.008   0.870   -14.090 1.00 82.39  ? 10  DC  D "C2'" 1 
ATOM   725 C  "C1'" . DC  D 4 1  ? 0.843   -0.056  -12.884 1.00 75.96  ? 10  DC  D "C1'" 1 
ATOM   726 N  N1    . DC  D 4 1  ? 2.023   -0.121  -11.991 1.00 76.73  ? 10  DC  D N1    1 
ATOM   727 C  C2    . DC  D 4 1  ? 2.317   0.957   -11.151 1.00 82.11  ? 10  DC  D C2    1 
ATOM   728 O  O2    . DC  D 4 1  ? 1.594   1.961   -11.188 1.00 82.17  ? 10  DC  D O2    1 
ATOM   729 N  N3    . DC  D 4 1  ? 3.385   0.868   -10.322 1.00 79.57  ? 10  DC  D N3    1 
ATOM   730 C  C4    . DC  D 4 1  ? 4.133   -0.234  -10.313 1.00 75.95  ? 10  DC  D C4    1 
ATOM   731 N  N4    . DC  D 4 1  ? 5.179   -0.274  -9.482  1.00 76.38  ? 10  DC  D N4    1 
ATOM   732 C  C5    . DC  D 4 1  ? 3.846   -1.345  -11.157 1.00 75.95  ? 10  DC  D C5    1 
ATOM   733 C  C6    . DC  D 4 1  ? 2.789   -1.248  -11.968 1.00 75.95  ? 10  DC  D C6    1 
ATOM   734 P  P     . DG  D 4 2  ? 1.235   1.381   -17.428 1.00 101.24 ? 11  DG  D P     1 
ATOM   735 O  OP1   . DG  D 4 2  ? 0.374   2.541   -17.748 1.00 91.37  ? 11  DG  D OP1   1 
ATOM   736 O  OP2   . DG  D 4 2  ? 1.759   0.520   -18.510 1.00 98.22  ? 11  DG  D OP2   1 
ATOM   737 O  "O5'" . DG  D 4 2  ? 2.492   1.857   -16.566 1.00 87.15  ? 11  DG  D "O5'" 1 
ATOM   738 C  "C5'" . DG  D 4 2  ? 3.097   3.106   -16.828 1.00 100.60 ? 11  DG  D "C5'" 1 
ATOM   739 C  "C4'" . DG  D 4 2  ? 2.441   4.210   -16.015 1.00 98.94  ? 11  DG  D "C4'" 1 
ATOM   740 O  "O4'" . DG  D 4 2  ? 2.226   3.756   -14.662 1.00 91.13  ? 11  DG  D "O4'" 1 
ATOM   741 C  "C3'" . DG  D 4 2  ? 3.244   5.508   -15.939 1.00 103.51 ? 11  DG  D "C3'" 1 
ATOM   742 O  "O3'" . DG  D 4 2  ? 2.505   6.562   -16.529 1.00 108.41 ? 11  DG  D "O3'" 1 
ATOM   743 C  "C2'" . DG  D 4 2  ? 3.483   5.768   -14.448 1.00 101.36 ? 11  DG  D "C2'" 1 
ATOM   744 C  "C1'" . DG  D 4 2  ? 3.003   4.498   -13.753 1.00 94.24  ? 11  DG  D "C1'" 1 
ATOM   745 N  N9    . DG  D 4 2  ? 4.075   3.649   -13.235 1.00 90.54  ? 11  DG  D N9    1 
ATOM   746 C  C8    . DG  D 4 2  ? 4.423   2.391   -13.669 1.00 87.15  ? 11  DG  D C8    1 
ATOM   747 N  N7    . DG  D 4 2  ? 5.414   1.868   -13.003 1.00 87.15  ? 11  DG  D N7    1 
ATOM   748 C  C5    . DG  D 4 2  ? 5.741   2.835   -12.060 1.00 90.74  ? 11  DG  D C5    1 
ATOM   749 C  C6    . DG  D 4 2  ? 6.737   2.831   -11.053 1.00 96.85  ? 11  DG  D C6    1 
ATOM   750 O  O6    . DG  D 4 2  ? 7.559   1.943   -10.788 1.00 95.61  ? 11  DG  D O6    1 
ATOM   751 N  N1    . DG  D 4 2  ? 6.727   4.010   -10.311 1.00 98.38  ? 11  DG  D N1    1 
ATOM   752 C  C2    . DG  D 4 2  ? 5.865   5.062   -10.517 1.00 99.83  ? 11  DG  D C2    1 
ATOM   753 N  N2    . DG  D 4 2  ? 6.005   6.121   -9.702  1.00 98.74  ? 11  DG  D N2    1 
ATOM   754 N  N3    . DG  D 4 2  ? 4.927   5.079   -11.458 1.00 94.38  ? 11  DG  D N3    1 
ATOM   755 C  C4    . DG  D 4 2  ? 4.923   3.937   -12.188 1.00 93.20  ? 11  DG  D C4    1 
ATOM   756 P  P     . DT  D 4 3  ? 3.259   7.671   -17.408 1.00 122.59 ? 12  DT  D P     1 
ATOM   757 O  OP1   . DT  D 4 3  ? 2.235   8.608   -17.920 1.00 108.58 ? 12  DT  D OP1   1 
ATOM   758 O  OP2   . DT  D 4 3  ? 4.164   6.970   -18.348 1.00 114.59 ? 12  DT  D OP2   1 
ATOM   759 O  "O5'" . DT  D 4 3  ? 4.158   8.446   -16.342 1.00 103.79 ? 12  DT  D "O5'" 1 
ATOM   760 C  "C5'" . DT  D 4 3  ? 3.535   9.200   -15.321 1.00 100.03 ? 12  DT  D "C5'" 1 
ATOM   761 C  "C4'" . DT  D 4 3  ? 4.571   9.755   -14.371 1.00 103.26 ? 12  DT  D "C4'" 1 
ATOM   762 O  "O4'" . DT  D 4 3  ? 5.246   8.663   -13.698 1.00 100.55 ? 12  DT  D "O4'" 1 
ATOM   763 C  "C3'" . DT  D 4 3  ? 5.665   10.591  -15.037 1.00 108.65 ? 12  DT  D "C3'" 1 
ATOM   764 O  "O3'" . DT  D 4 3  ? 5.852   11.792  -14.308 1.00 116.92 ? 12  DT  D "O3'" 1 
ATOM   765 C  "C2'" . DT  D 4 3  ? 6.898   9.687   -14.977 1.00 102.79 ? 12  DT  D "C2'" 1 
ATOM   766 C  "C1'" . DT  D 4 3  ? 6.633   8.890   -13.713 1.00 99.01  ? 12  DT  D "C1'" 1 
ATOM   767 N  N1    . DT  D 4 3  ? 7.316   7.575   -13.687 1.00 95.63  ? 12  DT  D N1    1 
ATOM   768 C  C2    . DT  D 4 3  ? 8.167   7.278   -12.648 1.00 99.43  ? 12  DT  D C2    1 
ATOM   769 O  O2    . DT  D 4 3  ? 8.397   8.048   -11.735 1.00 107.25 ? 12  DT  D O2    1 
ATOM   770 N  N3    . DT  D 4 3  ? 8.743   6.038   -12.718 1.00 97.58  ? 12  DT  D N3    1 
ATOM   771 C  C4    . DT  D 4 3  ? 8.553   5.085   -13.705 1.00 97.13  ? 12  DT  D C4    1 
ATOM   772 O  O4    . DT  D 4 3  ? 9.117   3.998   -13.685 1.00 101.79 ? 12  DT  D O4    1 
ATOM   773 C  C5    . DT  D 4 3  ? 7.647   5.462   -14.764 1.00 95.45  ? 12  DT  D C5    1 
ATOM   774 C  C7    . DT  D 4 3  ? 7.365   4.510   -15.889 1.00 100.69 ? 12  DT  D C7    1 
ATOM   775 C  C6    . DT  D 4 3  ? 7.079   6.673   -14.704 1.00 100.56 ? 12  DT  D C6    1 
ATOM   776 P  P     . DC  D 4 4  ? 6.937   12.874  -14.787 1.00 127.13 ? 13  DC  D P     1 
ATOM   777 O  OP1   . DC  D 4 4  ? 6.467   14.200  -14.327 1.00 113.65 ? 13  DC  D OP1   1 
ATOM   778 O  OP2   . DC  D 4 4  ? 7.206   12.648  -16.225 1.00 116.88 ? 13  DC  D OP2   1 
ATOM   779 O  "O5'" . DC  D 4 4  ? 8.250   12.476  -13.963 1.00 108.15 ? 13  DC  D "O5'" 1 
ATOM   780 C  "C5'" . DC  D 4 4  ? 8.171   12.323  -12.552 1.00 107.47 ? 13  DC  D "C5'" 1 
ATOM   781 C  "C4'" . DC  D 4 4  ? 9.552   12.152  -11.942 1.00 117.93 ? 13  DC  D "C4'" 1 
ATOM   782 O  "O4'" . DC  D 4 4  ? 9.955   10.762  -12.018 1.00 118.11 ? 13  DC  D "O4'" 1 
ATOM   783 C  "C3'" . DC  D 4 4  ? 10.663  12.963  -12.609 1.00 123.09 ? 13  DC  D "C3'" 1 
ATOM   784 O  "O3'" . DC  D 4 4  ? 11.419  13.647  -11.618 1.00 130.36 ? 13  DC  D "O3'" 1 
ATOM   785 C  "C2'" . DC  D 4 4  ? 11.502  11.908  -13.338 1.00 120.97 ? 13  DC  D "C2'" 1 
ATOM   786 C  "C1'" . DC  D 4 4  ? 11.283  10.672  -12.477 1.00 114.05 ? 13  DC  D "C1'" 1 
ATOM   787 N  N1    . DC  D 4 4  ? 11.415  9.390   -13.229 1.00 110.20 ? 13  DC  D N1    1 
ATOM   788 C  C2    . DC  D 4 4  ? 12.234  8.357   -12.736 1.00 110.84 ? 13  DC  D C2    1 
ATOM   789 O  O2    . DC  D 4 4  ? 12.857  8.527   -11.679 1.00 110.55 ? 13  DC  D O2    1 
ATOM   790 N  N3    . DC  D 4 4  ? 12.322  7.199   -13.441 1.00 108.88 ? 13  DC  D N3    1 
ATOM   791 C  C4    . DC  D 4 4  ? 11.632  7.056   -14.577 1.00 105.63 ? 13  DC  D C4    1 
ATOM   792 N  N4    . DC  D 4 4  ? 11.747  5.903   -15.241 1.00 105.16 ? 13  DC  D N4    1 
ATOM   793 C  C5    . DC  D 4 4  ? 10.795  8.091   -15.086 1.00 102.29 ? 13  DC  D C5    1 
ATOM   794 C  C6    . DC  D 4 4  ? 10.714  9.224   -14.386 1.00 107.71 ? 13  DC  D C6    1 
ATOM   795 P  P     . DT  D 4 5  ? 12.437  14.816  -12.039 1.00 136.69 ? 14  DT  D P     1 
ATOM   796 O  OP1   . DT  D 4 5  ? 12.237  15.935  -11.091 1.00 127.10 ? 14  DT  D OP1   1 
ATOM   797 O  OP2   . DT  D 4 5  ? 12.284  15.054  -13.492 1.00 129.27 ? 14  DT  D OP2   1 
ATOM   798 O  "O5'" . DT  D 4 5  ? 13.880  14.170  -11.777 1.00 119.08 ? 14  DT  D "O5'" 1 
ATOM   799 C  "C5'" . DT  D 4 5  ? 14.252  13.801  -10.453 1.00 121.52 ? 14  DT  D "C5'" 1 
ATOM   800 C  "C4'" . DT  D 4 5  ? 15.500  12.931  -10.442 1.00 127.28 ? 14  DT  D "C4'" 1 
ATOM   801 O  "O4'" . DT  D 4 5  ? 15.260  11.693  -11.168 1.00 129.46 ? 14  DT  D "O4'" 1 
ATOM   802 C  "C3'" . DT  D 4 5  ? 16.749  13.549  -11.081 1.00 132.20 ? 14  DT  D "C3'" 1 
ATOM   803 O  "O3'" . DT  D 4 5  ? 17.886  13.208  -10.296 1.00 141.42 ? 14  DT  D "O3'" 1 
ATOM   804 C  "C2'" . DT  D 4 5  ? 16.799  12.854  -12.437 1.00 125.84 ? 14  DT  D "C2'" 1 
ATOM   805 C  "C1'" . DT  D 4 5  ? 16.359  11.468  -12.021 1.00 125.32 ? 14  DT  D "C1'" 1 
ATOM   806 N  N1    . DT  D 4 5  ? 15.936  10.589  -13.140 1.00 120.38 ? 14  DT  D N1    1 
ATOM   807 C  C2    . DT  D 4 5  ? 16.393  9.291   -13.175 1.00 121.52 ? 14  DT  D C2    1 
ATOM   808 O  O2    . DT  D 4 5  ? 17.138  8.821   -12.329 1.00 123.14 ? 14  DT  D O2    1 
ATOM   809 N  N3    . DT  D 4 5  ? 15.946  8.554   -14.238 1.00 120.64 ? 14  DT  D N3    1 
ATOM   810 C  C4    . DT  D 4 5  ? 15.104  8.976   -15.250 1.00 118.10 ? 14  DT  D C4    1 
ATOM   811 O  O4    . DT  D 4 5  ? 14.757  8.236   -16.168 1.00 115.05 ? 14  DT  D O4    1 
ATOM   812 C  C5    . DT  D 4 5  ? 14.663  10.349  -15.153 1.00 114.70 ? 14  DT  D C5    1 
ATOM   813 C  C7    . DT  D 4 5  ? 13.746  10.921  -16.194 1.00 112.75 ? 14  DT  D C7    1 
ATOM   814 C  C6    . DT  D 4 5  ? 15.095  11.082  -14.114 1.00 116.04 ? 14  DT  D C6    1 
ATOM   815 P  P     . DG  D 4 6  ? 19.265  14.021  -10.440 1.00 151.77 ? 15  DG  D P     1 
ATOM   816 O  OP1   . DG  D 4 6  ? 19.048  15.352  -9.831  1.00 150.42 ? 15  DG  D OP1   1 
ATOM   817 O  OP2   . DG  D 4 6  ? 19.731  13.922  -11.841 1.00 134.51 ? 15  DG  D OP2   1 
ATOM   818 O  "O5'" . DG  D 4 6  ? 20.291  13.194  -9.526  1.00 139.96 ? 15  DG  D "O5'" 1 
ATOM   819 C  "C5'" . DG  D 4 6  ? 21.634  12.984  -9.964  1.00 134.52 ? 15  DG  D "C5'" 1 
ATOM   820 C  "C4'" . DG  D 4 6  ? 21.816  11.571  -10.491 1.00 136.77 ? 15  DG  D "C4'" 1 
ATOM   821 O  "O4'" . DG  D 4 6  ? 20.689  11.226  -11.349 1.00 133.50 ? 15  DG  D "O4'" 1 
ATOM   822 C  "C3'" . DG  D 4 6  ? 23.078  11.352  -11.345 1.00 139.71 ? 15  DG  D "C3'" 1 
ATOM   823 O  "O3'" . DG  D 4 6  ? 23.715  10.086  -11.010 1.00 142.77 ? 15  DG  D "O3'" 1 
ATOM   824 C  "C2'" . DG  D 4 6  ? 22.516  11.352  -12.763 1.00 135.86 ? 15  DG  D "C2'" 1 
ATOM   825 C  "C1'" . DG  D 4 6  ? 21.192  10.651  -12.527 1.00 132.33 ? 15  DG  D "C1'" 1 
ATOM   826 N  N9    . DG  D 4 6  ? 20.236  10.802  -13.619 1.00 130.13 ? 15  DG  D N9    1 
ATOM   827 C  C8    . DG  D 4 6  ? 19.579  11.944  -14.003 1.00 129.28 ? 15  DG  D C8    1 
ATOM   828 N  N7    . DG  D 4 6  ? 18.788  11.769  -15.027 1.00 129.78 ? 15  DG  D N7    1 
ATOM   829 C  C5    . DG  D 4 6  ? 18.943  10.426  -15.350 1.00 129.18 ? 15  DG  D C5    1 
ATOM   830 C  C6    . DG  D 4 6  ? 18.340  9.657   -16.375 1.00 127.96 ? 15  DG  D C6    1 
ATOM   831 O  O6    . DG  D 4 6  ? 17.523  10.022  -17.232 1.00 129.18 ? 15  DG  D O6    1 
ATOM   832 N  N1    . DG  D 4 6  ? 18.775  8.333   -16.350 1.00 125.49 ? 15  DG  D N1    1 
ATOM   833 C  C2    . DG  D 4 6  ? 19.676  7.819   -15.448 1.00 128.70 ? 15  DG  D C2    1 
ATOM   834 N  N2    . DG  D 4 6  ? 19.974  6.517   -15.580 1.00 126.28 ? 15  DG  D N2    1 
ATOM   835 N  N3    . DG  D 4 6  ? 20.248  8.528   -14.484 1.00 126.72 ? 15  DG  D N3    1 
ATOM   836 C  C4    . DG  D 4 6  ? 19.835  9.819   -14.495 1.00 127.59 ? 15  DG  D C4    1 
ATOM   837 P  P     . DC  D 4 7  ? 24.282  9.113   -12.166 1.00 143.69 ? 16  DC  D P     1 
ATOM   838 O  OP1   . DC  D 4 7  ? 25.157  9.900   -13.067 1.00 134.36 ? 16  DC  D OP1   1 
ATOM   839 O  OP2   . DC  D 4 7  ? 23.124  8.349   -12.678 1.00 136.81 ? 16  DC  D OP2   1 
ATOM   840 O  "O5'" . DC  D 4 7  ? 25.214  8.055   -11.406 1.00 134.09 ? 16  DC  D "O5'" 1 
ATOM   841 C  "C5'" . DC  D 4 7  ? 25.003  6.640   -11.583 1.00 132.17 ? 16  DC  D "C5'" 1 
ATOM   842 C  "C4'" . DC  D 4 7  ? 25.402  6.163   -12.983 1.00 135.62 ? 16  DC  D "C4'" 1 
ATOM   843 O  "O4'" . DC  D 4 7  ? 24.328  6.411   -13.922 1.00 139.05 ? 16  DC  D "O4'" 1 
ATOM   844 C  "C3'" . DC  D 4 7  ? 26.658  6.807   -13.573 1.00 133.87 ? 16  DC  D "C3'" 1 
ATOM   845 O  "O3'" . DC  D 4 7  ? 27.688  5.833   -13.707 1.00 131.89 ? 16  DC  D "O3'" 1 
ATOM   846 C  "C2'" . DC  D 4 7  ? 26.216  7.356   -14.942 1.00 131.54 ? 16  DC  D "C2'" 1 
ATOM   847 C  "C1'" . DC  D 4 7  ? 24.866  6.687   -15.191 1.00 131.05 ? 16  DC  D "C1'" 1 
ATOM   848 N  N1    . DC  D 4 7  ? 23.900  7.569   -15.936 1.00 129.25 ? 16  DC  D N1    1 
ATOM   849 C  C2    . DC  D 4 7  ? 23.127  7.051   -16.990 1.00 126.18 ? 16  DC  D C2    1 
ATOM   850 O  O2    . DC  D 4 7  ? 23.242  5.858   -17.300 1.00 127.70 ? 16  DC  D O2    1 
ATOM   851 N  N3    . DC  D 4 7  ? 22.272  7.882   -17.644 1.00 123.80 ? 16  DC  D N3    1 
ATOM   852 C  C4    . DC  D 4 7  ? 22.178  9.165   -17.281 1.00 129.77 ? 16  DC  D C4    1 
ATOM   853 N  N4    . DC  D 4 7  ? 21.325  9.949   -17.950 1.00 132.93 ? 16  DC  D N4    1 
ATOM   854 C  C5    . DC  D 4 7  ? 22.955  9.703   -16.217 1.00 128.89 ? 16  DC  D C5    1 
ATOM   855 C  C6    . DC  D 4 7  ? 23.793  8.882   -15.584 1.00 129.04 ? 16  DC  D C6    1 
HETATM 856 AS AS    . CAC E 5 .  ? -6.064  -8.630  -13.679 1.00 105.40 ? 101 CAC B AS    1 
HETATM 857 AS AS    . CAC F 5 .  ? -1.371  3.595   2.539   1.00 109.86 ? 102 CAC B AS    1 
# 
loop_
_pdbx_poly_seq_scheme.asym_id 
_pdbx_poly_seq_scheme.entity_id 
_pdbx_poly_seq_scheme.seq_id 
_pdbx_poly_seq_scheme.mon_id 
_pdbx_poly_seq_scheme.ndb_seq_num 
_pdbx_poly_seq_scheme.pdb_seq_num 
_pdbx_poly_seq_scheme.auth_seq_num 
_pdbx_poly_seq_scheme.pdb_mon_id 
_pdbx_poly_seq_scheme.auth_mon_id 
_pdbx_poly_seq_scheme.pdb_strand_id 
_pdbx_poly_seq_scheme.pdb_ins_code 
_pdbx_poly_seq_scheme.hetero 
A 1 1  DG 1  1  1  DG DG A . n 
A 1 2  DA 2  2  2  DA DA A . n 
A 1 3  DG 3  3  3  DG DG A . n 
A 1 4  DC 4  4  4  DC DC A . n 
A 1 5  DA 5  5  5  DA DA A . n 
A 1 6  DG 6  6  6  DG DG A . n 
A 1 7  DA 7  7  7  DA DA A . n 
A 1 8  DC 8  8  8  DC DC A . n 
A 1 9  DG 9  9  9  DG DG A . n 
A 1 10 DT 10 10 10 DT DT A . n 
A 1 11 DG 11 11 11 DG DG A . n 
A 1 12 DA 12 12 12 DA DA A . n 
A 1 13 DC 13 13 13 DC DC A . n 
A 1 14 DC 14 14 14 DC DC A . n 
A 1 15 DG 15 15 15 DG DG A . n 
A 1 16 DC 16 16 16 DC DC A . n 
A 1 17 DA 17 17 17 DA DA A . n 
A 1 18 DC 18 18 18 DC DC A . n 
A 1 19 DT 19 19 19 DT DT A . n 
A 1 20 DC 20 20 20 DC DC A . n 
A 1 21 DA 21 21 21 DA DA A . n 
B 2 1  DG 1  1  1  DG DG B . n 
B 2 2  DG 2  2  2  DG DG B . n 
B 2 3  DT 3  3  3  DT DT B . n 
B 2 4  DC 4  4  4  DC DC B . n 
B 2 5  DA 5  5  5  DA DA B . n 
C 3 1  DT 1  1  1  DT DT C . n 
C 3 2  DC 2  2  2  DC DC C . n 
C 3 3  DT 3  3  3  DT DT C . n 
C 3 4  DG 4  4  4  DG DG C . n 
C 3 5  DA 5  5  5  DA DA C . n 
C 3 6  DG 6  6  6  DG DG C . n 
C 3 7  DT 7  7  7  DT DT C . n 
C 3 8  DG 8  8  8  DG DG C . n 
C 3 9  DC 9  9  9  DC DC C . n 
D 4 1  DC 1  10 10 DC DC D . n 
D 4 2  DG 2  11 11 DG DG D . n 
D 4 3  DT 3  12 12 DT DT D . n 
D 4 4  DC 4  13 13 DC DC D . n 
D 4 5  DT 5  14 14 DT DT D . n 
D 4 6  DG 6  15 15 DG DG D . n 
D 4 7  DC 7  16 16 DC DC D . n 
# 
loop_
_pdbx_nonpoly_scheme.asym_id 
_pdbx_nonpoly_scheme.entity_id 
_pdbx_nonpoly_scheme.mon_id 
_pdbx_nonpoly_scheme.ndb_seq_num 
_pdbx_nonpoly_scheme.pdb_seq_num 
_pdbx_nonpoly_scheme.auth_seq_num 
_pdbx_nonpoly_scheme.pdb_mon_id 
_pdbx_nonpoly_scheme.auth_mon_id 
_pdbx_nonpoly_scheme.pdb_strand_id 
_pdbx_nonpoly_scheme.pdb_ins_code 
E 5 CAC 1 101 1 CAC AS B . 
F 5 CAC 1 102 2 CAC AS B . 
# 
_pdbx_struct_assembly.id                   1 
_pdbx_struct_assembly.details              author_and_software_defined_assembly 
_pdbx_struct_assembly.method_details       PISA 
_pdbx_struct_assembly.oligomeric_details   tetrameric 
_pdbx_struct_assembly.oligomeric_count     4 
# 
_pdbx_struct_assembly_gen.assembly_id       1 
_pdbx_struct_assembly_gen.oper_expression   1 
_pdbx_struct_assembly_gen.asym_id_list      A,B,C,D,E,F 
# 
loop_
_pdbx_struct_assembly_prop.biol_id 
_pdbx_struct_assembly_prop.type 
_pdbx_struct_assembly_prop.value 
_pdbx_struct_assembly_prop.details 
1 'ABSA (A^2)' 2620 ? 
1 MORE         -16  ? 
1 'SSA (A^2)'  7690 ? 
# 
_pdbx_struct_oper_list.id                   1 
_pdbx_struct_oper_list.type                 'identity operation' 
_pdbx_struct_oper_list.name                 1_555 
_pdbx_struct_oper_list.symmetry_operation   x,y,z 
_pdbx_struct_oper_list.matrix[1][1]         1.0000000000 
_pdbx_struct_oper_list.matrix[1][2]         0.0000000000 
_pdbx_struct_oper_list.matrix[1][3]         0.0000000000 
_pdbx_struct_oper_list.vector[1]            0.0000000000 
_pdbx_struct_oper_list.matrix[2][1]         0.0000000000 
_pdbx_struct_oper_list.matrix[2][2]         1.0000000000 
_pdbx_struct_oper_list.matrix[2][3]         0.0000000000 
_pdbx_struct_oper_list.vector[2]            0.0000000000 
_pdbx_struct_oper_list.matrix[3][1]         0.0000000000 
_pdbx_struct_oper_list.matrix[3][2]         0.0000000000 
_pdbx_struct_oper_list.matrix[3][3]         1.0000000000 
_pdbx_struct_oper_list.vector[3]            0.0000000000 
# 
loop_
_pdbx_audit_revision_history.ordinal 
_pdbx_audit_revision_history.data_content_type 
_pdbx_audit_revision_history.major_revision 
_pdbx_audit_revision_history.minor_revision 
_pdbx_audit_revision_history.revision_date 
1 'Structure model' 1 0 2021-07-14 
2 'Structure model' 1 1 2022-07-06 
3 'Structure model' 1 2 2023-10-18 
# 
_pdbx_audit_revision_details.ordinal             1 
_pdbx_audit_revision_details.revision_ordinal    1 
_pdbx_audit_revision_details.data_content_type   'Structure model' 
_pdbx_audit_revision_details.provider            repository 
_pdbx_audit_revision_details.type                'Initial release' 
_pdbx_audit_revision_details.description         ? 
_pdbx_audit_revision_details.details             ? 
# 
loop_
_pdbx_audit_revision_group.ordinal 
_pdbx_audit_revision_group.revision_ordinal 
_pdbx_audit_revision_group.data_content_type 
_pdbx_audit_revision_group.group 
1 2 'Structure model' 'Database references'    
2 3 'Structure model' 'Data collection'        
3 3 'Structure model' 'Refinement description' 
# 
loop_
_pdbx_audit_revision_category.ordinal 
_pdbx_audit_revision_category.revision_ordinal 
_pdbx_audit_revision_category.data_content_type 
_pdbx_audit_revision_category.category 
1 2 'Structure model' citation                      
2 2 'Structure model' citation_author               
3 2 'Structure model' database_2                    
4 3 'Structure model' chem_comp_atom                
5 3 'Structure model' chem_comp_bond                
6 3 'Structure model' pdbx_initial_refinement_model 
# 
loop_
_pdbx_audit_revision_item.ordinal 
_pdbx_audit_revision_item.revision_ordinal 
_pdbx_audit_revision_item.data_content_type 
_pdbx_audit_revision_item.item 
1  2 'Structure model' '_citation.country'                   
2  2 'Structure model' '_citation.journal_abbrev'            
3  2 'Structure model' '_citation.journal_id_CSD'            
4  2 'Structure model' '_citation.journal_id_ISSN'           
5  2 'Structure model' '_citation.journal_volume'            
6  2 'Structure model' '_citation.page_first'                
7  2 'Structure model' '_citation.page_last'                 
8  2 'Structure model' '_citation.pdbx_database_id_DOI'      
9  2 'Structure model' '_citation.pdbx_database_id_PubMed'   
10 2 'Structure model' '_citation.title'                     
11 2 'Structure model' '_citation.year'                      
12 2 'Structure model' '_database_2.pdbx_DOI'                
13 2 'Structure model' '_database_2.pdbx_database_accession' 
# 
loop_
_software.citation_id 
_software.classification 
_software.compiler_name 
_software.compiler_version 
_software.contact_author 
_software.contact_author_email 
_software.date 
_software.description 
_software.dependencies 
_software.hardware 
_software.language 
_software.location 
_software.mods 
_software.name 
_software.os 
_software.os_version 
_software.type 
_software.version 
_software.pdbx_ordinal 
? 'data reduction'  ? ? ? ? ? ? ? ? ? ? ? HKL-2000    ? ? ? .           1 
? 'data scaling'    ? ? ? ? ? ? ? ? ? ? ? HKL-2000    ? ? ? .           2 
? refinement        ? ? ? ? ? ? ? ? ? ? ? PHENIX      ? ? ? 1.11.1_2575 3 
? 'data extraction' ? ? ? ? ? ? ? ? ? ? ? PDB_EXTRACT ? ? ? 3.25        4 
? phasing           ? ? ? ? ? ? ? ? ? ? ? PHASER      ? ? ? .           5 
# 
_pdbx_entry_details.entry_id                 6WSS 
_pdbx_entry_details.has_ligand_of_interest   N 
_pdbx_entry_details.compound_details         ? 
_pdbx_entry_details.source_details           ? 
_pdbx_entry_details.nonpolymer_details       ? 
_pdbx_entry_details.sequence_details         ? 
# 
_pdbx_validate_symm_contact.id                1 
_pdbx_validate_symm_contact.PDB_model_num     1 
_pdbx_validate_symm_contact.auth_atom_id_1    AS 
_pdbx_validate_symm_contact.auth_asym_id_1    B 
_pdbx_validate_symm_contact.auth_comp_id_1    CAC 
_pdbx_validate_symm_contact.auth_seq_id_1     101 
_pdbx_validate_symm_contact.PDB_ins_code_1    ? 
_pdbx_validate_symm_contact.label_alt_id_1    ? 
_pdbx_validate_symm_contact.site_symmetry_1   1_555 
_pdbx_validate_symm_contact.auth_atom_id_2    AS 
_pdbx_validate_symm_contact.auth_asym_id_2    B 
_pdbx_validate_symm_contact.auth_comp_id_2    CAC 
_pdbx_validate_symm_contact.auth_seq_id_2     102 
_pdbx_validate_symm_contact.PDB_ins_code_2    ? 
_pdbx_validate_symm_contact.label_alt_id_2    ? 
_pdbx_validate_symm_contact.site_symmetry_2   3_555 
_pdbx_validate_symm_contact.dist              2.03 
# 
loop_
_pdbx_validate_rmsd_angle.id 
_pdbx_validate_rmsd_angle.PDB_model_num 
_pdbx_validate_rmsd_angle.auth_atom_id_1 
_pdbx_validate_rmsd_angle.auth_asym_id_1 
_pdbx_validate_rmsd_angle.auth_comp_id_1 
_pdbx_validate_rmsd_angle.auth_seq_id_1 
_pdbx_validate_rmsd_angle.PDB_ins_code_1 
_pdbx_validate_rmsd_angle.label_alt_id_1 
_pdbx_validate_rmsd_angle.auth_atom_id_2 
_pdbx_validate_rmsd_angle.auth_asym_id_2 
_pdbx_validate_rmsd_angle.auth_comp_id_2 
_pdbx_validate_rmsd_angle.auth_seq_id_2 
_pdbx_validate_rmsd_angle.PDB_ins_code_2 
_pdbx_validate_rmsd_angle.label_alt_id_2 
_pdbx_validate_rmsd_angle.auth_atom_id_3 
_pdbx_validate_rmsd_angle.auth_asym_id_3 
_pdbx_validate_rmsd_angle.auth_comp_id_3 
_pdbx_validate_rmsd_angle.auth_seq_id_3 
_pdbx_validate_rmsd_angle.PDB_ins_code_3 
_pdbx_validate_rmsd_angle.label_alt_id_3 
_pdbx_validate_rmsd_angle.angle_value 
_pdbx_validate_rmsd_angle.angle_target_value 
_pdbx_validate_rmsd_angle.angle_deviation 
_pdbx_validate_rmsd_angle.angle_standard_deviation 
_pdbx_validate_rmsd_angle.linker_flag 
1 1 "O4'" A DC 20 ? ? "C1'" A DC 20 ? ? N1 A DC 20 ? ? 110.12 108.30 1.82 0.30 N 
2 1 "O4'" D DG 15 ? ? "C1'" D DG 15 ? ? N9 D DG 15 ? ? 110.50 108.30 2.20 0.30 N 
# 
loop_
_pdbx_unobs_or_zero_occ_atoms.id 
_pdbx_unobs_or_zero_occ_atoms.PDB_model_num 
_pdbx_unobs_or_zero_occ_atoms.polymer_flag 
_pdbx_unobs_or_zero_occ_atoms.occupancy_flag 
_pdbx_unobs_or_zero_occ_atoms.auth_asym_id 
_pdbx_unobs_or_zero_occ_atoms.auth_comp_id 
_pdbx_unobs_or_zero_occ_atoms.auth_seq_id 
_pdbx_unobs_or_zero_occ_atoms.PDB_ins_code 
_pdbx_unobs_or_zero_occ_atoms.auth_atom_id 
_pdbx_unobs_or_zero_occ_atoms.label_alt_id 
_pdbx_unobs_or_zero_occ_atoms.label_asym_id 
_pdbx_unobs_or_zero_occ_atoms.label_comp_id 
_pdbx_unobs_or_zero_occ_atoms.label_seq_id 
_pdbx_unobs_or_zero_occ_atoms.label_atom_id 
1 1 N 1 B CAC 101 ? O1 ? E CAC 1 O1 
2 1 N 1 B CAC 101 ? O2 ? E CAC 1 O2 
3 1 N 1 B CAC 101 ? C1 ? E CAC 1 C1 
4 1 N 1 B CAC 101 ? C2 ? E CAC 1 C2 
5 1 N 1 B CAC 102 ? O1 ? F CAC 1 O1 
6 1 N 1 B CAC 102 ? O2 ? F CAC 1 O2 
7 1 N 1 B CAC 102 ? C1 ? F CAC 1 C1 
8 1 N 1 B CAC 102 ? C2 ? F CAC 1 C2 
# 
loop_
_chem_comp_atom.comp_id 
_chem_comp_atom.atom_id 
_chem_comp_atom.type_symbol 
_chem_comp_atom.pdbx_aromatic_flag 
_chem_comp_atom.pdbx_stereo_config 
_chem_comp_atom.pdbx_ordinal 
CAC AS     AS N N 1   
CAC O1     O  N N 2   
CAC O2     O  N N 3   
CAC C1     C  N N 4   
CAC C2     C  N N 5   
CAC H11    H  N N 6   
CAC H12    H  N N 7   
CAC H13    H  N N 8   
CAC H21    H  N N 9   
CAC H22    H  N N 10  
CAC H23    H  N N 11  
DA  OP3    O  N N 12  
DA  P      P  N N 13  
DA  OP1    O  N N 14  
DA  OP2    O  N N 15  
DA  "O5'"  O  N N 16  
DA  "C5'"  C  N N 17  
DA  "C4'"  C  N R 18  
DA  "O4'"  O  N N 19  
DA  "C3'"  C  N S 20  
DA  "O3'"  O  N N 21  
DA  "C2'"  C  N N 22  
DA  "C1'"  C  N R 23  
DA  N9     N  Y N 24  
DA  C8     C  Y N 25  
DA  N7     N  Y N 26  
DA  C5     C  Y N 27  
DA  C6     C  Y N 28  
DA  N6     N  N N 29  
DA  N1     N  Y N 30  
DA  C2     C  Y N 31  
DA  N3     N  Y N 32  
DA  C4     C  Y N 33  
DA  HOP3   H  N N 34  
DA  HOP2   H  N N 35  
DA  "H5'"  H  N N 36  
DA  "H5''" H  N N 37  
DA  "H4'"  H  N N 38  
DA  "H3'"  H  N N 39  
DA  "HO3'" H  N N 40  
DA  "H2'"  H  N N 41  
DA  "H2''" H  N N 42  
DA  "H1'"  H  N N 43  
DA  H8     H  N N 44  
DA  H61    H  N N 45  
DA  H62    H  N N 46  
DA  H2     H  N N 47  
DC  OP3    O  N N 48  
DC  P      P  N N 49  
DC  OP1    O  N N 50  
DC  OP2    O  N N 51  
DC  "O5'"  O  N N 52  
DC  "C5'"  C  N N 53  
DC  "C4'"  C  N R 54  
DC  "O4'"  O  N N 55  
DC  "C3'"  C  N S 56  
DC  "O3'"  O  N N 57  
DC  "C2'"  C  N N 58  
DC  "C1'"  C  N R 59  
DC  N1     N  N N 60  
DC  C2     C  N N 61  
DC  O2     O  N N 62  
DC  N3     N  N N 63  
DC  C4     C  N N 64  
DC  N4     N  N N 65  
DC  C5     C  N N 66  
DC  C6     C  N N 67  
DC  HOP3   H  N N 68  
DC  HOP2   H  N N 69  
DC  "H5'"  H  N N 70  
DC  "H5''" H  N N 71  
DC  "H4'"  H  N N 72  
DC  "H3'"  H  N N 73  
DC  "HO3'" H  N N 74  
DC  "H2'"  H  N N 75  
DC  "H2''" H  N N 76  
DC  "H1'"  H  N N 77  
DC  H41    H  N N 78  
DC  H42    H  N N 79  
DC  H5     H  N N 80  
DC  H6     H  N N 81  
DG  OP3    O  N N 82  
DG  P      P  N N 83  
DG  OP1    O  N N 84  
DG  OP2    O  N N 85  
DG  "O5'"  O  N N 86  
DG  "C5'"  C  N N 87  
DG  "C4'"  C  N R 88  
DG  "O4'"  O  N N 89  
DG  "C3'"  C  N S 90  
DG  "O3'"  O  N N 91  
DG  "C2'"  C  N N 92  
DG  "C1'"  C  N R 93  
DG  N9     N  Y N 94  
DG  C8     C  Y N 95  
DG  N7     N  Y N 96  
DG  C5     C  Y N 97  
DG  C6     C  N N 98  
DG  O6     O  N N 99  
DG  N1     N  N N 100 
DG  C2     C  N N 101 
DG  N2     N  N N 102 
DG  N3     N  N N 103 
DG  C4     C  Y N 104 
DG  HOP3   H  N N 105 
DG  HOP2   H  N N 106 
DG  "H5'"  H  N N 107 
DG  "H5''" H  N N 108 
DG  "H4'"  H  N N 109 
DG  "H3'"  H  N N 110 
DG  "HO3'" H  N N 111 
DG  "H2'"  H  N N 112 
DG  "H2''" H  N N 113 
DG  "H1'"  H  N N 114 
DG  H8     H  N N 115 
DG  H1     H  N N 116 
DG  H21    H  N N 117 
DG  H22    H  N N 118 
DT  OP3    O  N N 119 
DT  P      P  N N 120 
DT  OP1    O  N N 121 
DT  OP2    O  N N 122 
DT  "O5'"  O  N N 123 
DT  "C5'"  C  N N 124 
DT  "C4'"  C  N R 125 
DT  "O4'"  O  N N 126 
DT  "C3'"  C  N S 127 
DT  "O3'"  O  N N 128 
DT  "C2'"  C  N N 129 
DT  "C1'"  C  N R 130 
DT  N1     N  N N 131 
DT  C2     C  N N 132 
DT  O2     O  N N 133 
DT  N3     N  N N 134 
DT  C4     C  N N 135 
DT  O4     O  N N 136 
DT  C5     C  N N 137 
DT  C7     C  N N 138 
DT  C6     C  N N 139 
DT  HOP3   H  N N 140 
DT  HOP2   H  N N 141 
DT  "H5'"  H  N N 142 
DT  "H5''" H  N N 143 
DT  "H4'"  H  N N 144 
DT  "H3'"  H  N N 145 
DT  "HO3'" H  N N 146 
DT  "H2'"  H  N N 147 
DT  "H2''" H  N N 148 
DT  "H1'"  H  N N 149 
DT  H3     H  N N 150 
DT  H71    H  N N 151 
DT  H72    H  N N 152 
DT  H73    H  N N 153 
DT  H6     H  N N 154 
# 
loop_
_chem_comp_bond.comp_id 
_chem_comp_bond.atom_id_1 
_chem_comp_bond.atom_id_2 
_chem_comp_bond.value_order 
_chem_comp_bond.pdbx_aromatic_flag 
_chem_comp_bond.pdbx_stereo_config 
_chem_comp_bond.pdbx_ordinal 
CAC AS    O1     doub N N 1   
CAC AS    O2     sing N N 2   
CAC AS    C1     sing N N 3   
CAC AS    C2     sing N N 4   
CAC C1    H11    sing N N 5   
CAC C1    H12    sing N N 6   
CAC C1    H13    sing N N 7   
CAC C2    H21    sing N N 8   
CAC C2    H22    sing N N 9   
CAC C2    H23    sing N N 10  
DA  OP3   P      sing N N 11  
DA  OP3   HOP3   sing N N 12  
DA  P     OP1    doub N N 13  
DA  P     OP2    sing N N 14  
DA  P     "O5'"  sing N N 15  
DA  OP2   HOP2   sing N N 16  
DA  "O5'" "C5'"  sing N N 17  
DA  "C5'" "C4'"  sing N N 18  
DA  "C5'" "H5'"  sing N N 19  
DA  "C5'" "H5''" sing N N 20  
DA  "C4'" "O4'"  sing N N 21  
DA  "C4'" "C3'"  sing N N 22  
DA  "C4'" "H4'"  sing N N 23  
DA  "O4'" "C1'"  sing N N 24  
DA  "C3'" "O3'"  sing N N 25  
DA  "C3'" "C2'"  sing N N 26  
DA  "C3'" "H3'"  sing N N 27  
DA  "O3'" "HO3'" sing N N 28  
DA  "C2'" "C1'"  sing N N 29  
DA  "C2'" "H2'"  sing N N 30  
DA  "C2'" "H2''" sing N N 31  
DA  "C1'" N9     sing N N 32  
DA  "C1'" "H1'"  sing N N 33  
DA  N9    C8     sing Y N 34  
DA  N9    C4     sing Y N 35  
DA  C8    N7     doub Y N 36  
DA  C8    H8     sing N N 37  
DA  N7    C5     sing Y N 38  
DA  C5    C6     sing Y N 39  
DA  C5    C4     doub Y N 40  
DA  C6    N6     sing N N 41  
DA  C6    N1     doub Y N 42  
DA  N6    H61    sing N N 43  
DA  N6    H62    sing N N 44  
DA  N1    C2     sing Y N 45  
DA  C2    N3     doub Y N 46  
DA  C2    H2     sing N N 47  
DA  N3    C4     sing Y N 48  
DC  OP3   P      sing N N 49  
DC  OP3   HOP3   sing N N 50  
DC  P     OP1    doub N N 51  
DC  P     OP2    sing N N 52  
DC  P     "O5'"  sing N N 53  
DC  OP2   HOP2   sing N N 54  
DC  "O5'" "C5'"  sing N N 55  
DC  "C5'" "C4'"  sing N N 56  
DC  "C5'" "H5'"  sing N N 57  
DC  "C5'" "H5''" sing N N 58  
DC  "C4'" "O4'"  sing N N 59  
DC  "C4'" "C3'"  sing N N 60  
DC  "C4'" "H4'"  sing N N 61  
DC  "O4'" "C1'"  sing N N 62  
DC  "C3'" "O3'"  sing N N 63  
DC  "C3'" "C2'"  sing N N 64  
DC  "C3'" "H3'"  sing N N 65  
DC  "O3'" "HO3'" sing N N 66  
DC  "C2'" "C1'"  sing N N 67  
DC  "C2'" "H2'"  sing N N 68  
DC  "C2'" "H2''" sing N N 69  
DC  "C1'" N1     sing N N 70  
DC  "C1'" "H1'"  sing N N 71  
DC  N1    C2     sing N N 72  
DC  N1    C6     sing N N 73  
DC  C2    O2     doub N N 74  
DC  C2    N3     sing N N 75  
DC  N3    C4     doub N N 76  
DC  C4    N4     sing N N 77  
DC  C4    C5     sing N N 78  
DC  N4    H41    sing N N 79  
DC  N4    H42    sing N N 80  
DC  C5    C6     doub N N 81  
DC  C5    H5     sing N N 82  
DC  C6    H6     sing N N 83  
DG  OP3   P      sing N N 84  
DG  OP3   HOP3   sing N N 85  
DG  P     OP1    doub N N 86  
DG  P     OP2    sing N N 87  
DG  P     "O5'"  sing N N 88  
DG  OP2   HOP2   sing N N 89  
DG  "O5'" "C5'"  sing N N 90  
DG  "C5'" "C4'"  sing N N 91  
DG  "C5'" "H5'"  sing N N 92  
DG  "C5'" "H5''" sing N N 93  
DG  "C4'" "O4'"  sing N N 94  
DG  "C4'" "C3'"  sing N N 95  
DG  "C4'" "H4'"  sing N N 96  
DG  "O4'" "C1'"  sing N N 97  
DG  "C3'" "O3'"  sing N N 98  
DG  "C3'" "C2'"  sing N N 99  
DG  "C3'" "H3'"  sing N N 100 
DG  "O3'" "HO3'" sing N N 101 
DG  "C2'" "C1'"  sing N N 102 
DG  "C2'" "H2'"  sing N N 103 
DG  "C2'" "H2''" sing N N 104 
DG  "C1'" N9     sing N N 105 
DG  "C1'" "H1'"  sing N N 106 
DG  N9    C8     sing Y N 107 
DG  N9    C4     sing Y N 108 
DG  C8    N7     doub Y N 109 
DG  C8    H8     sing N N 110 
DG  N7    C5     sing Y N 111 
DG  C5    C6     sing N N 112 
DG  C5    C4     doub Y N 113 
DG  C6    O6     doub N N 114 
DG  C6    N1     sing N N 115 
DG  N1    C2     sing N N 116 
DG  N1    H1     sing N N 117 
DG  C2    N2     sing N N 118 
DG  C2    N3     doub N N 119 
DG  N2    H21    sing N N 120 
DG  N2    H22    sing N N 121 
DG  N3    C4     sing N N 122 
DT  OP3   P      sing N N 123 
DT  OP3   HOP3   sing N N 124 
DT  P     OP1    doub N N 125 
DT  P     OP2    sing N N 126 
DT  P     "O5'"  sing N N 127 
DT  OP2   HOP2   sing N N 128 
DT  "O5'" "C5'"  sing N N 129 
DT  "C5'" "C4'"  sing N N 130 
DT  "C5'" "H5'"  sing N N 131 
DT  "C5'" "H5''" sing N N 132 
DT  "C4'" "O4'"  sing N N 133 
DT  "C4'" "C3'"  sing N N 134 
DT  "C4'" "H4'"  sing N N 135 
DT  "O4'" "C1'"  sing N N 136 
DT  "C3'" "O3'"  sing N N 137 
DT  "C3'" "C2'"  sing N N 138 
DT  "C3'" "H3'"  sing N N 139 
DT  "O3'" "HO3'" sing N N 140 
DT  "C2'" "C1'"  sing N N 141 
DT  "C2'" "H2'"  sing N N 142 
DT  "C2'" "H2''" sing N N 143 
DT  "C1'" N1     sing N N 144 
DT  "C1'" "H1'"  sing N N 145 
DT  N1    C2     sing N N 146 
DT  N1    C6     sing N N 147 
DT  C2    O2     doub N N 148 
DT  C2    N3     sing N N 149 
DT  N3    C4     sing N N 150 
DT  N3    H3     sing N N 151 
DT  C4    O4     doub N N 152 
DT  C4    C5     sing N N 153 
DT  C5    C7     sing N N 154 
DT  C5    C6     doub N N 155 
DT  C7    H71    sing N N 156 
DT  C7    H72    sing N N 157 
DT  C7    H73    sing N N 158 
DT  C6    H6     sing N N 159 
# 
loop_
_ndb_struct_conf_na.entry_id 
_ndb_struct_conf_na.feature 
6WSS 'double helix'        
6WSS 'a-form double helix' 
6WSS 'b-form double helix' 
# 
loop_
_ndb_struct_na_base_pair.model_number 
_ndb_struct_na_base_pair.i_label_asym_id 
_ndb_struct_na_base_pair.i_label_comp_id 
_ndb_struct_na_base_pair.i_label_seq_id 
_ndb_struct_na_base_pair.i_symmetry 
_ndb_struct_na_base_pair.j_label_asym_id 
_ndb_struct_na_base_pair.j_label_comp_id 
_ndb_struct_na_base_pair.j_label_seq_id 
_ndb_struct_na_base_pair.j_symmetry 
_ndb_struct_na_base_pair.shear 
_ndb_struct_na_base_pair.stretch 
_ndb_struct_na_base_pair.stagger 
_ndb_struct_na_base_pair.buckle 
_ndb_struct_na_base_pair.propeller 
_ndb_struct_na_base_pair.opening 
_ndb_struct_na_base_pair.pair_number 
_ndb_struct_na_base_pair.pair_name 
_ndb_struct_na_base_pair.i_auth_asym_id 
_ndb_struct_na_base_pair.i_auth_seq_id 
_ndb_struct_na_base_pair.i_PDB_ins_code 
_ndb_struct_na_base_pair.j_auth_asym_id 
_ndb_struct_na_base_pair.j_auth_seq_id 
_ndb_struct_na_base_pair.j_PDB_ins_code 
_ndb_struct_na_base_pair.hbond_type_28 
_ndb_struct_na_base_pair.hbond_type_12 
1 A DG 3  1_555 D DC 7 1_555 -0.148 -0.156 0.443  -2.060 -6.311 -2.947 1  A_DG3:DC16_D A 3  ? D 16 ? 19 1 
1 A DC 4  1_555 D DG 6 1_555 -1.363 0.644  0.626  -0.906 -6.428 -6.469 2  A_DC4:DG15_D A 4  ? D 15 ? ?  1 
1 A DA 5  1_555 D DT 5 1_555 1.432  0.573  0.981  -1.179 -8.741 -0.365 3  A_DA5:DT14_D A 5  ? D 14 ? ?  ? 
1 A DG 6  1_555 D DC 4 1_555 -0.134 -0.144 0.517  1.634  -7.179 -3.181 4  A_DG6:DC13_D A 6  ? D 13 ? 19 1 
1 A DA 7  1_555 D DT 3 1_555 0.065  -0.078 0.110  -3.562 -7.033 -3.285 5  A_DA7:DT12_D A 7  ? D 12 ? 20 1 
1 A DC 8  1_555 D DG 2 1_555 0.159  -0.133 0.390  -2.382 -7.495 -0.323 6  A_DC8:DG11_D A 8  ? D 11 ? 19 1 
1 A DG 9  1_555 D DC 1 1_555 -0.184 -0.172 0.166  -2.234 -5.798 -0.770 7  A_DG9:DC10_D A 9  ? D 10 ? 19 1 
1 A DT 10 1_555 B DA 5 1_555 -0.119 -0.152 0.303  -0.566 -4.063 1.427  8  A_DT10:DA5_B A 10 ? B 5  ? 20 1 
1 A DG 11 1_555 B DC 4 1_555 -0.156 -0.139 0.202  1.199  -1.033 -0.168 9  A_DG11:DC4_B A 11 ? B 4  ? 19 1 
1 A DA 12 1_555 B DT 3 1_555 0.154  -0.145 0.436  -0.634 -1.168 -1.095 10 A_DA12:DT3_B A 12 ? B 3  ? 20 1 
1 A DC 13 1_555 B DG 2 1_555 0.233  -0.247 0.579  2.843  -2.949 1.193  11 A_DC13:DG2_B A 13 ? B 2  ? 19 1 
1 A DC 14 1_555 B DG 1 1_555 0.138  -0.220 0.581  0.041  -7.772 -2.218 12 A_DC14:DG1_B A 14 ? B 1  ? 19 1 
1 A DG 15 1_555 C DC 9 1_555 -0.227 -0.189 0.682  1.942  1.201  1.905  13 A_DG15:DC9_C A 15 ? C 9  ? 19 1 
1 A DC 16 1_555 C DG 8 1_555 0.198  -0.286 0.942  3.457  -3.371 -0.233 14 A_DC16:DG8_C A 16 ? C 8  ? 19 1 
1 A DA 17 1_555 C DT 7 1_555 0.219  -0.116 0.821  3.745  -7.742 -7.055 15 A_DA17:DT7_C A 17 ? C 7  ? 20 1 
1 A DC 18 1_555 C DG 6 1_555 0.156  -0.120 0.042  -1.488 -5.590 0.019  16 A_DC18:DG6_C A 18 ? C 6  ? 19 1 
1 A DT 19 1_555 C DA 5 1_555 -0.103 -0.142 0.097  -1.272 -6.103 2.706  17 A_DT19:DA5_C A 19 ? C 5  ? 20 1 
1 A DC 20 1_555 C DG 4 1_555 -0.056 0.435  0.056  0.655  -6.281 -4.198 18 A_DC20:DG4_C A 20 ? C 4  ? 19 1 
1 A DA 21 1_555 C DT 3 1_555 0.077  -0.096 -0.137 -2.258 -6.952 0.191  19 A_DA21:DT3_C A 21 ? C 3  ? 20 1 
# 
loop_
_ndb_struct_na_base_pair_step.model_number 
_ndb_struct_na_base_pair_step.i_label_asym_id_1 
_ndb_struct_na_base_pair_step.i_label_comp_id_1 
_ndb_struct_na_base_pair_step.i_label_seq_id_1 
_ndb_struct_na_base_pair_step.i_symmetry_1 
_ndb_struct_na_base_pair_step.j_label_asym_id_1 
_ndb_struct_na_base_pair_step.j_label_comp_id_1 
_ndb_struct_na_base_pair_step.j_label_seq_id_1 
_ndb_struct_na_base_pair_step.j_symmetry_1 
_ndb_struct_na_base_pair_step.i_label_asym_id_2 
_ndb_struct_na_base_pair_step.i_label_comp_id_2 
_ndb_struct_na_base_pair_step.i_label_seq_id_2 
_ndb_struct_na_base_pair_step.i_symmetry_2 
_ndb_struct_na_base_pair_step.j_label_asym_id_2 
_ndb_struct_na_base_pair_step.j_label_comp_id_2 
_ndb_struct_na_base_pair_step.j_label_seq_id_2 
_ndb_struct_na_base_pair_step.j_symmetry_2 
_ndb_struct_na_base_pair_step.shift 
_ndb_struct_na_base_pair_step.slide 
_ndb_struct_na_base_pair_step.rise 
_ndb_struct_na_base_pair_step.tilt 
_ndb_struct_na_base_pair_step.roll 
_ndb_struct_na_base_pair_step.twist 
_ndb_struct_na_base_pair_step.x_displacement 
_ndb_struct_na_base_pair_step.y_displacement 
_ndb_struct_na_base_pair_step.helical_rise 
_ndb_struct_na_base_pair_step.inclination 
_ndb_struct_na_base_pair_step.tip 
_ndb_struct_na_base_pair_step.helical_twist 
_ndb_struct_na_base_pair_step.step_number 
_ndb_struct_na_base_pair_step.step_name 
_ndb_struct_na_base_pair_step.i_auth_asym_id_1 
_ndb_struct_na_base_pair_step.i_auth_seq_id_1 
_ndb_struct_na_base_pair_step.i_PDB_ins_code_1 
_ndb_struct_na_base_pair_step.j_auth_asym_id_1 
_ndb_struct_na_base_pair_step.j_auth_seq_id_1 
_ndb_struct_na_base_pair_step.j_PDB_ins_code_1 
_ndb_struct_na_base_pair_step.i_auth_asym_id_2 
_ndb_struct_na_base_pair_step.i_auth_seq_id_2 
_ndb_struct_na_base_pair_step.i_PDB_ins_code_2 
_ndb_struct_na_base_pair_step.j_auth_asym_id_2 
_ndb_struct_na_base_pair_step.j_auth_seq_id_2 
_ndb_struct_na_base_pair_step.j_PDB_ins_code_2 
1 A DG 3  1_555 D DC 7 1_555 A DC 4  1_555 D DG 6 1_555 0.707  -0.676 3.243 0.271  0.757  33.062 -1.315 -1.197 3.233 1.330  -0.476 
33.071 1  AA_DG3DC4:DG15DC16_DD A 3  ? D 16 ? A 4  ? D 15 ? 
1 A DC 4  1_555 D DG 6 1_555 A DA 5  1_555 D DT 5 1_555 0.060  0.884  3.450 -2.098 1.973  48.338 0.916  -0.245 3.476 2.407  2.559  
48.419 2  AA_DC4DA5:DT14DG15_DD A 4  ? D 15 ? A 5  ? D 14 ? 
1 A DA 5  1_555 D DT 5 1_555 A DG 6  1_555 D DC 4 1_555 -0.278 -0.332 3.243 -1.297 2.374  26.651 -1.325 0.269  3.211 5.133  2.804  
26.786 3  AA_DA5DG6:DC13DT14_DD A 5  ? D 14 ? A 6  ? D 13 ? 
1 A DG 6  1_555 D DC 4 1_555 A DA 7  1_555 D DT 3 1_555 -0.519 -0.930 3.370 -0.858 0.115  39.020 -1.406 0.670  3.378 0.171  1.284  
39.029 4  AA_DG6DA7:DT12DC13_DD A 6  ? D 13 ? A 7  ? D 12 ? 
1 A DA 7  1_555 D DT 3 1_555 A DC 8  1_555 D DG 2 1_555 0.454  -0.867 3.475 -7.125 -0.317 33.112 -1.435 -1.985 3.316 -0.549 12.324 
33.850 5  AA_DA7DC8:DG11DT12_DD A 7  ? D 12 ? A 8  ? D 11 ? 
1 A DC 8  1_555 D DG 2 1_555 A DG 9  1_555 D DC 1 1_555 -0.676 -1.294 3.081 -3.279 2.061  32.426 -2.638 0.667  3.047 3.675  5.846  
32.651 6  AA_DC8DG9:DC10DG11_DD A 8  ? D 11 ? A 9  ? D 10 ? 
1 A DG 9  1_555 D DC 1 1_555 A DT 10 1_555 B DA 5 1_555 -0.600 -1.015 3.215 -1.547 -0.505 25.561 -2.148 0.919  3.264 -1.140 3.492  
25.612 7  AA_DG9DT10:DA5DC10_BD A 9  ? D 10 ? A 10 ? B 5  ? 
1 A DT 10 1_555 B DA 5 1_555 A DG 11 1_555 B DC 4 1_555 -0.650 0.485  3.368 -1.286 2.755  34.519 0.375  0.886  3.416 4.631  2.161  
34.648 8  AA_DT10DG11:DC4DA5_BB A 10 ? B 5  ? A 11 ? B 4  ? 
1 A DG 11 1_555 B DC 4 1_555 A DA 12 1_555 B DT 3 1_555 0.535  -0.588 3.217 -1.534 2.423  36.329 -1.268 -1.063 3.148 3.878  2.455  
36.439 9  AA_DG11DA12:DT3DC4_BB A 11 ? B 4  ? A 12 ? B 3  ? 
1 A DA 12 1_555 B DT 3 1_555 A DC 13 1_555 B DG 2 1_555 0.865  -1.060 3.281 -4.165 1.443  32.745 -2.105 -2.213 3.102 2.546  7.347  
33.032 10 AA_DA12DC13:DG2DT3_BB A 12 ? B 3  ? A 13 ? B 2  ? 
1 A DC 13 1_555 B DG 2 1_555 A DC 14 1_555 B DG 1 1_555 -0.709 -1.412 3.185 -1.943 -1.496 36.434 -2.050 0.867  3.271 -2.389 3.103  
36.514 11 AA_DC13DC14:DG1DG2_BB A 13 ? B 2  ? A 14 ? B 1  ? 
1 A DC 14 1_555 B DG 1 1_555 A DG 15 1_555 C DC 9 1_555 -0.425 -1.317 3.049 -0.786 -0.198 22.797 -3.263 0.812  3.072 -0.500 1.988  
22.812 12 AA_DC14DG15:DC9DG1_CB A 14 ? B 1  ? A 15 ? C 9  ? 
1 A DG 15 1_555 C DC 9 1_555 A DC 16 1_555 C DG 8 1_555 -0.916 -0.155 3.542 -2.220 1.712  29.978 -0.680 1.269  3.585 3.300  4.279  
30.106 13 AA_DG15DC16:DG8DC9_CC A 15 ? C 9  ? A 16 ? C 8  ? 
1 A DC 16 1_555 C DG 8 1_555 A DA 17 1_555 C DT 7 1_555 -0.470 0.384  3.133 -1.205 0.019  42.220 0.531  0.533  3.145 0.027  1.673  
42.237 14 AA_DC16DA17:DT7DG8_CC A 16 ? C 8  ? A 17 ? C 7  ? 
1 A DA 17 1_555 C DT 7 1_555 A DC 18 1_555 C DG 6 1_555 0.231  -1.216 3.425 3.845  -0.370 34.118 -1.999 0.242  3.443 -0.628 -6.527 
34.329 15 AA_DA17DC18:DG6DT7_CC A 17 ? C 7  ? A 18 ? C 6  ? 
1 A DC 18 1_555 C DG 6 1_555 A DT 19 1_555 C DA 5 1_555 -0.119 -0.632 3.243 1.337  1.195  30.664 -1.424 0.485  3.209 2.257  -2.525 
30.715 16 AA_DC18DT19:DA5DG6_CC A 18 ? C 6  ? A 19 ? C 5  ? 
1 A DT 19 1_555 C DA 5 1_555 A DC 20 1_555 C DG 4 1_555 0.092  0.580  3.391 0.193  2.735  36.416 0.532  -0.119 3.425 4.368  -0.307 
36.516 17 AA_DT19DC20:DG4DA5_CC A 19 ? C 5  ? A 20 ? C 4  ? 
1 A DC 20 1_555 C DG 4 1_555 A DA 21 1_555 C DT 3 1_555 0.146  1.876  3.502 -1.932 1.847  39.597 2.531  -0.459 3.572 2.722  2.848  
39.684 18 AA_DC20DA21:DT3DG4_CC A 20 ? C 4  ? A 21 ? C 3  ? 
# 
loop_
_pdbx_audit_support.funding_organization 
_pdbx_audit_support.country 
_pdbx_audit_support.grant_number 
_pdbx_audit_support.ordinal 
'National Science Foundation (NSF, United States)'                                         'United States' 1360635     1 
'National Institutes of Health/National Institute of General Medical Sciences (NIH/NIGMS)' 'United States' R01GM104960 2 
'National Science Foundation (NSF, United States)'                                         'United States' NSF2004250  3 
# 
_pdbx_entity_nonpoly.entity_id   5 
_pdbx_entity_nonpoly.name        'CACODYLATE ION' 
_pdbx_entity_nonpoly.comp_id     CAC 
# 
_pdbx_initial_refinement_model.id               1 
_pdbx_initial_refinement_model.entity_id_list   ? 
_pdbx_initial_refinement_model.type             'experimental model' 
_pdbx_initial_refinement_model.source_name      PDB 
_pdbx_initial_refinement_model.accession_code   5KEK 
_pdbx_initial_refinement_model.details          ? 
# 
_pdbx_struct_assembly_auth_evidence.id                     1 
_pdbx_struct_assembly_auth_evidence.assembly_id            1 
_pdbx_struct_assembly_auth_evidence.experimental_support   none 
_pdbx_struct_assembly_auth_evidence.details                ? 
# 
